data_8CK1
#
_entry.id   8CK1
#
_cell.length_a   1.00
_cell.length_b   1.00
_cell.length_c   1.00
_cell.angle_alpha   90.00
_cell.angle_beta   90.00
_cell.angle_gamma   90.00
#
_symmetry.space_group_name_H-M   'P 1'
#
loop_
_entity.id
_entity.type
_entity.pdbx_description
1 polymer 'Tail Nozzle'
2 polymer 'Tail fibers Dpo36'
3 polymer 'Connector Protein'
#
loop_
_entity_poly.entity_id
_entity_poly.type
_entity_poly.pdbx_seq_one_letter_code
_entity_poly.pdbx_strand_id
1 'polypeptide(L)'
;MASNNYQPASSYIQPSFAGGELAPSLQGRVDLARYAISLKTCRNFVVQPYGGASNRPGFRFNTACKYKNYATRLIPFSFN
TEQTYVIEIGHQYMRFHRDGAPVLDGGEPVEVATSWHRDDIFEIKYVQSADVLTLVHPDYKPRQLKRYSETDWVLDFFDN
EFGPLQDQNVDESITIISNGVVDLVELTASEAIFSEAMVGTTIKLQQVSSGEVAAWQNRSAVEQGDLAYVDERTYKATSL
SGGVDNTLTGDNTPAHTEGEQWDGPRTTIQGVTETLGVKWAYLHSGFGYVRITEHRDDTHIVGRVIGRLPEEIRTEGTYR
WSFAAWDSDRGYPGTASYYQQRLVFANSRAEPQAFWMSETGIFNGFKVSFPIEADDAITFTLASRQVNEIRHLIPLGSLL
ALTSGAEWMISDNDQGLAPDTVSADVQGYRGASDVTPLLIGSSALYVQARGTVIRDLAYSFELDGYTGDDLTIFSNHLLK
DYTIKDWAYAQEPDSVVWLVRSDGALLSMTYQREQQVVAWARHDTVDGEFESVAVIAEGSRDVPYAIVKRQVGGETVRYI
EYLDSRRFSHVEDFFCVDSGLTYDGRSSTGALLTIGGGTNWTTDEDLTLTASASSFSPSDVGRRVRVYTGDKFADVDVDA
YVSATSVAVSAVRIVPEELRGVQGDRWGFMAKTLTGLDHLEGKTVSILADGNVHAPEVVTGGQVTLDYSAAVVHVGLPIE
SDIETLPISSSGATVRDSHKAIVGVGIQLEKSRGVFAARSRRDFTSSDLIELKQRDAEDWGEATGLETGLVELGIPTSWD
KDGSLFIRQSDPLPLTILSIIPRVVMGGKG
;
A
2 'polypeptide(L)'
;MTVPTNDNREQYAGNGATTVFPYAFRIFESSDLEVYLTDEDGDQALLIEGTDYTVSGAGDEEGGEITFPVSGDPLDDGET
LTILRVIDITQETDLKNQGAYYPEVVEDEFDRSRMIDQQQQEQLDRALIKTETGDRWEGQGVPAKNFAMSDPVEDTDLPT
VRWTKDYVTQMAEGITGDIGAYTVVAPTSGDEKRLDEWMDDIQRPDDSLVVADGGTEARSLSERFADSASYQDYGIAGDG
TTNDTAAFAALESDRSSDAIELHGNTYLVDEIPNGNAYRDAVWSLDGEDLSISEYGGLVTGTPTTGAFEPAYTGGVNNTP
TTSGRTNKHTRAILASQNCRADFARSACVASIYSWAYGNVSGNFASRQSIAGAPQTVNIGSEEGQALGFQSGNYTTQFCR
AEGSTTFNIGSDDCAASGAHSGTISSLESYAGRGHDFRGTPVFDDGVLVDITIDDAGAGYVPGSDVMYLQNRQFGNTTDA
VITYTVDGTGGVSAITITDGGSGYSGIVAARIDTFGDYSLVMASARSKIEDQFCAAIASDNARVRGRESAVIASDGGVVN
EDNSVVIGSVDSTSNGARSGIYTGSGCETTGAGAVVIGGVNAKASNDGAIVMGRGVDSEFARSLVFGDGGSGAAASTAGR
KFQVTAAGNVTAAGTITGSTTYADYAEYFENSARGVIPLGVIVTLDGRKVRPASAGDDIIGVVSGTAILAAGDSQFHWGG
RYLAGEFGELLYHDVDVDGKIERQPVENPEYDPSVPNVPRSQRPEEWSCIGLVGQLHVRVSSDVAAGDRVAAGDGGIGVP
GDNGMICMEIKQAYDSGKGYAVALCLHK
;
D,B,C
3 'polypeptide(L)'
;MPSKVDICNRALSNTGTDITIASLTEKSKEARLCQQWYDATLASLLRTYQWAFAQRRVTLALIGVGPAGWRHKYRYPTDA
ITIHDVFTADTYPDGASEFTDGRYRQIFQIASDGEGGRLVLANCEDAMCRYTSDIEDPNLMPPDFSTALEMMLAKNIAMP
MTGNPGLMTVLAQQAASLVSDAIARDQNEGYRNPLPYASWTRANIGDSYPDDDHLPHRGGRR
;
E,F
#
# COMPACT_ATOMS: atom_id res chain seq x y z
N ASN A 5 17.03 22.24 28.39
CA ASN A 5 15.71 21.80 27.94
C ASN A 5 15.67 20.29 27.74
N TYR A 6 15.92 19.87 26.50
CA TYR A 6 15.87 18.46 26.10
C TYR A 6 14.54 17.82 26.50
N GLN A 7 13.44 18.43 26.06
CA GLN A 7 12.12 17.83 26.22
C GLN A 7 11.87 16.88 25.06
N PRO A 8 11.95 15.58 25.27
CA PRO A 8 11.84 14.64 24.15
C PRO A 8 10.41 14.54 23.64
N ALA A 9 10.28 13.89 22.49
CA ALA A 9 8.96 13.65 21.90
C ALA A 9 8.14 12.76 22.81
N SER A 10 6.82 12.85 22.72
CA SER A 10 5.94 12.12 23.63
C SER A 10 5.00 11.23 22.83
N SER A 11 4.53 10.17 23.48
CA SER A 11 3.66 9.18 22.86
C SER A 11 2.36 9.10 23.65
N TYR A 12 1.25 8.97 22.92
CA TYR A 12 -0.10 9.10 23.47
C TYR A 12 -0.99 7.96 22.98
N ILE A 13 -0.54 6.73 23.21
CA ILE A 13 -1.17 5.50 22.72
C ILE A 13 -2.69 5.56 22.84
N GLN A 14 -3.38 5.19 21.76
CA GLN A 14 -4.82 5.01 21.75
C GLN A 14 -5.10 3.52 21.60
N PRO A 15 -5.52 2.84 22.67
CA PRO A 15 -5.65 1.37 22.58
C PRO A 15 -6.77 0.91 21.66
N SER A 16 -7.90 1.61 21.63
CA SER A 16 -9.09 1.08 20.97
C SER A 16 -9.67 2.09 20.01
N PHE A 17 -10.43 1.57 19.05
CA PHE A 17 -11.27 2.38 18.17
C PHE A 17 -12.74 2.00 18.31
N ALA A 18 -13.10 1.36 19.43
CA ALA A 18 -14.47 0.87 19.61
C ALA A 18 -15.48 2.00 19.63
N GLY A 19 -15.05 3.24 19.85
CA GLY A 19 -15.98 4.36 19.78
C GLY A 19 -16.57 4.53 18.39
N GLY A 20 -15.82 4.17 17.37
CA GLY A 20 -16.29 4.34 16.01
C GLY A 20 -16.28 5.81 15.63
N GLU A 21 -16.99 6.11 14.54
CA GLU A 21 -17.09 7.49 14.09
C GLU A 21 -17.79 8.33 15.15
N LEU A 22 -17.21 9.49 15.45
CA LEU A 22 -17.74 10.41 16.43
C LEU A 22 -18.36 11.59 15.72
N ALA A 23 -19.60 11.93 16.10
CA ALA A 23 -20.31 13.00 15.42
C ALA A 23 -19.59 14.33 15.63
N PRO A 24 -19.64 15.22 14.64
CA PRO A 24 -19.00 16.54 14.82
C PRO A 24 -19.54 17.29 16.03
N SER A 25 -20.84 17.18 16.28
CA SER A 25 -21.42 17.82 17.47
C SER A 25 -20.90 17.22 18.76
N LEU A 26 -20.43 15.96 18.72
CA LEU A 26 -19.89 15.32 19.91
C LEU A 26 -18.45 15.69 20.19
N GLN A 27 -17.81 16.47 19.31
CA GLN A 27 -16.39 16.75 19.41
C GLN A 27 -16.02 17.64 20.58
N GLY A 28 -16.98 18.00 21.43
CA GLY A 28 -16.70 18.82 22.60
C GLY A 28 -17.02 18.11 23.90
N ARG A 29 -16.91 16.78 23.90
CA ARG A 29 -17.22 15.98 25.08
C ARG A 29 -16.00 15.20 25.55
N VAL A 30 -14.87 15.89 25.65
CA VAL A 30 -13.59 15.27 26.02
C VAL A 30 -13.69 14.61 27.39
N ASP A 31 -14.71 14.96 28.17
CA ASP A 31 -14.90 14.38 29.50
C ASP A 31 -15.57 13.02 29.47
N LEU A 32 -15.62 12.37 28.30
CA LEU A 32 -16.19 11.04 28.16
C LEU A 32 -15.17 10.09 27.54
N ALA A 33 -15.27 8.81 27.91
CA ALA A 33 -14.34 7.82 27.40
C ALA A 33 -14.46 7.64 25.89
N ARG A 34 -15.64 7.97 25.34
CA ARG A 34 -15.83 7.82 23.89
C ARG A 34 -14.85 8.67 23.12
N TYR A 35 -14.65 9.92 23.55
CA TYR A 35 -13.64 10.77 22.91
C TYR A 35 -12.27 10.10 22.93
N ALA A 36 -11.95 9.42 24.03
CA ALA A 36 -10.67 8.74 24.13
C ALA A 36 -10.58 7.55 23.20
N ILE A 37 -11.70 6.89 22.91
CA ILE A 37 -11.64 5.63 22.16
C ILE A 37 -12.45 5.67 20.87
N SER A 38 -12.58 6.84 20.26
CA SER A 38 -13.30 6.97 19.00
C SER A 38 -12.40 7.51 17.90
N LEU A 39 -12.97 7.62 16.70
CA LEU A 39 -12.28 8.12 15.52
C LEU A 39 -13.19 9.09 14.80
N LYS A 40 -12.60 10.17 14.28
CA LYS A 40 -13.42 11.17 13.60
C LYS A 40 -13.86 10.71 12.22
N THR A 41 -13.05 9.91 11.53
CA THR A 41 -13.42 9.42 10.21
C THR A 41 -12.96 7.98 10.08
N CYS A 42 -13.88 7.08 9.76
CA CYS A 42 -13.61 5.65 9.69
C CYS A 42 -14.23 5.05 8.42
N ARG A 43 -13.97 5.67 7.28
CA ARG A 43 -14.55 5.19 6.03
C ARG A 43 -14.00 3.81 5.67
N ASN A 44 -14.90 2.90 5.29
CA ASN A 44 -14.49 1.55 4.84
C ASN A 44 -13.51 0.91 5.84
N PHE A 45 -13.82 0.99 7.13
CA PHE A 45 -12.97 0.31 8.15
C PHE A 45 -13.86 -0.20 9.29
N VAL A 46 -14.31 -1.46 9.19
CA VAL A 46 -15.25 -2.01 10.21
C VAL A 46 -14.52 -2.18 11.55
N VAL A 47 -15.05 -1.56 12.59
CA VAL A 47 -14.37 -1.66 13.91
C VAL A 47 -14.38 -3.13 14.25
N GLN A 48 -13.70 -3.43 15.44
CA GLN A 48 -13.76 -4.85 15.86
C GLN A 48 -14.04 -4.84 17.35
N PRO A 49 -14.92 -5.83 17.87
CA PRO A 49 -15.19 -5.74 19.29
C PRO A 49 -13.90 -5.42 20.05
N TYR A 50 -12.87 -6.24 19.90
CA TYR A 50 -11.61 -6.06 20.62
C TYR A 50 -11.05 -4.66 20.47
N GLY A 51 -11.64 -3.83 19.62
CA GLY A 51 -11.21 -2.45 19.48
C GLY A 51 -10.28 -2.16 18.32
N GLY A 52 -10.09 -3.09 17.41
CA GLY A 52 -9.26 -2.88 16.25
C GLY A 52 -10.01 -2.19 15.13
N ALA A 53 -9.40 -2.20 13.95
CA ALA A 53 -10.00 -1.58 12.77
C ALA A 53 -9.40 -2.24 11.54
N SER A 54 -10.23 -2.98 10.79
CA SER A 54 -9.78 -3.69 9.60
C SER A 54 -10.57 -3.19 8.40
N ASN A 55 -9.88 -2.94 7.30
CA ASN A 55 -10.53 -2.50 6.07
C ASN A 55 -11.55 -3.55 5.64
N ARG A 56 -12.72 -3.08 5.21
CA ARG A 56 -13.79 -4.00 4.85
C ARG A 56 -13.37 -4.84 3.64
N PRO A 57 -13.60 -6.15 3.68
CA PRO A 57 -13.33 -6.97 2.50
C PRO A 57 -14.29 -6.63 1.37
N GLY A 58 -13.85 -6.91 0.15
CA GLY A 58 -14.62 -6.51 -1.01
C GLY A 58 -15.89 -7.33 -1.18
N PHE A 59 -16.82 -6.76 -1.93
CA PHE A 59 -18.07 -7.42 -2.26
C PHE A 59 -17.88 -8.24 -3.53
N ARG A 60 -18.05 -9.56 -3.43
CA ARG A 60 -17.92 -10.41 -4.60
C ARG A 60 -19.16 -10.27 -5.49
N PHE A 61 -18.92 -10.10 -6.79
CA PHE A 61 -20.00 -9.90 -7.75
C PHE A 61 -20.65 -11.25 -8.05
N ASN A 62 -21.92 -11.39 -7.70
CA ASN A 62 -22.65 -12.60 -8.03
C ASN A 62 -23.20 -12.52 -9.45
N THR A 63 -24.13 -11.59 -9.69
CA THR A 63 -24.76 -11.39 -11.00
C THR A 63 -25.69 -10.20 -10.89
N ALA A 64 -26.24 -9.80 -12.03
CA ALA A 64 -27.36 -8.88 -12.08
C ALA A 64 -28.66 -9.68 -12.03
N CYS A 65 -29.71 -9.06 -11.51
CA CYS A 65 -30.95 -9.81 -11.27
C CYS A 65 -31.92 -9.68 -12.45
N LYS A 66 -32.48 -8.49 -12.64
CA LYS A 66 -33.29 -8.13 -13.80
C LYS A 66 -33.79 -6.71 -13.57
N TYR A 67 -34.46 -6.16 -14.59
CA TYR A 67 -35.17 -4.88 -14.48
C TYR A 67 -34.25 -3.79 -13.91
N LYS A 68 -33.24 -3.46 -14.71
CA LYS A 68 -32.18 -2.54 -14.32
C LYS A 68 -32.70 -1.34 -13.50
N ASN A 69 -33.80 -0.74 -13.94
CA ASN A 69 -34.31 0.47 -13.32
C ASN A 69 -35.53 0.22 -12.43
N TYR A 70 -35.71 -1.01 -11.94
CA TYR A 70 -36.80 -1.31 -11.01
C TYR A 70 -36.23 -1.61 -9.62
N ALA A 71 -37.11 -1.51 -8.63
CA ALA A 71 -36.71 -1.77 -7.24
C ALA A 71 -36.47 -3.26 -7.04
N THR A 72 -35.80 -3.59 -5.94
CA THR A 72 -35.47 -4.98 -5.61
C THR A 72 -35.23 -5.07 -4.11
N ARG A 73 -35.24 -6.30 -3.59
CA ARG A 73 -35.03 -6.55 -2.18
C ARG A 73 -34.60 -8.01 -1.98
N LEU A 74 -33.90 -8.26 -0.88
CA LEU A 74 -33.47 -9.60 -0.50
C LEU A 74 -34.01 -9.94 0.88
N ILE A 75 -34.38 -11.21 1.08
CA ILE A 75 -34.71 -11.70 2.42
C ILE A 75 -34.00 -13.02 2.64
N PRO A 76 -33.72 -13.34 3.91
CA PRO A 76 -33.10 -14.64 4.22
C PRO A 76 -34.13 -15.75 4.40
N PHE A 77 -33.91 -16.88 3.74
CA PHE A 77 -34.78 -18.03 3.85
C PHE A 77 -33.94 -19.28 4.05
N SER A 78 -34.50 -20.25 4.77
CA SER A 78 -33.81 -21.50 5.04
C SER A 78 -34.74 -22.67 4.79
N PHE A 79 -34.14 -23.81 4.49
CA PHE A 79 -34.86 -25.04 4.18
C PHE A 79 -34.50 -26.04 5.27
N ASN A 80 -34.62 -25.60 6.52
CA ASN A 80 -33.99 -26.22 7.69
C ASN A 80 -32.49 -26.02 7.57
N THR A 81 -31.71 -26.69 8.41
CA THR A 81 -30.27 -26.54 8.32
C THR A 81 -29.67 -27.31 7.16
N GLU A 82 -30.49 -27.97 6.34
CA GLU A 82 -29.97 -28.66 5.16
C GLU A 82 -29.32 -27.69 4.18
N GLN A 83 -29.97 -26.55 3.95
CA GLN A 83 -29.43 -25.53 3.05
C GLN A 83 -30.12 -24.22 3.34
N THR A 84 -29.49 -23.12 2.93
CA THR A 84 -30.05 -21.79 3.06
C THR A 84 -30.03 -21.10 1.70
N TYR A 85 -31.00 -20.21 1.48
CA TYR A 85 -31.12 -19.49 0.23
C TYR A 85 -31.39 -18.02 0.52
N VAL A 86 -31.41 -17.22 -0.55
CA VAL A 86 -31.68 -15.79 -0.48
C VAL A 86 -32.75 -15.50 -1.52
N ILE A 87 -33.99 -15.27 -1.08
CA ILE A 87 -35.03 -14.86 -2.02
C ILE A 87 -34.77 -13.44 -2.47
N GLU A 88 -34.95 -13.20 -3.77
CA GLU A 88 -34.88 -11.87 -4.35
C GLU A 88 -36.26 -11.48 -4.85
N ILE A 89 -36.76 -10.34 -4.40
CA ILE A 89 -38.10 -9.88 -4.74
C ILE A 89 -38.00 -8.58 -5.52
N GLY A 90 -38.69 -8.53 -6.66
CA GLY A 90 -38.80 -7.32 -7.43
C GLY A 90 -40.22 -7.09 -7.89
N HIS A 91 -40.39 -6.44 -9.03
CA HIS A 91 -41.72 -6.13 -9.55
C HIS A 91 -42.35 -7.40 -10.10
N GLN A 92 -43.23 -8.02 -9.30
CA GLN A 92 -44.03 -9.16 -9.73
C GLN A 92 -43.15 -10.31 -10.22
N TYR A 93 -42.10 -10.62 -9.47
CA TYR A 93 -41.29 -11.81 -9.73
C TYR A 93 -40.58 -12.19 -8.43
N MET A 94 -39.82 -13.28 -8.49
CA MET A 94 -39.12 -13.80 -7.34
C MET A 94 -38.05 -14.77 -7.81
N ARG A 95 -36.85 -14.64 -7.26
CA ARG A 95 -35.73 -15.49 -7.62
C ARG A 95 -35.09 -16.03 -6.35
N PHE A 96 -34.08 -16.89 -6.54
CA PHE A 96 -33.38 -17.52 -5.42
C PHE A 96 -31.88 -17.44 -5.69
N HIS A 97 -31.11 -17.51 -4.60
CA HIS A 97 -29.66 -17.45 -4.69
C HIS A 97 -29.06 -18.30 -3.58
N ARG A 98 -27.81 -18.70 -3.78
CA ARG A 98 -27.09 -19.50 -2.80
C ARG A 98 -25.62 -19.54 -3.19
N ASP A 99 -24.74 -19.42 -2.20
CA ASP A 99 -23.30 -19.44 -2.40
C ASP A 99 -22.88 -18.37 -3.41
N GLY A 100 -23.55 -17.21 -3.37
CA GLY A 100 -23.23 -16.13 -4.27
C GLY A 100 -23.38 -16.47 -5.73
N ALA A 101 -24.22 -17.44 -6.06
CA ALA A 101 -24.43 -17.88 -7.43
C ALA A 101 -25.92 -18.09 -7.65
N PRO A 102 -26.40 -17.86 -8.87
CA PRO A 102 -27.83 -18.06 -9.14
C PRO A 102 -28.22 -19.53 -9.03
N VAL A 103 -29.49 -19.75 -8.74
CA VAL A 103 -30.02 -21.11 -8.68
C VAL A 103 -30.29 -21.56 -10.11
N LEU A 104 -29.37 -22.31 -10.68
CA LEU A 104 -29.44 -22.66 -12.09
C LEU A 104 -30.50 -23.73 -12.33
N ASP A 105 -31.25 -23.56 -13.43
CA ASP A 105 -32.24 -24.55 -13.84
C ASP A 105 -32.40 -24.42 -15.35
N GLY A 106 -31.87 -25.38 -16.09
CA GLY A 106 -31.90 -25.30 -17.54
C GLY A 106 -31.15 -24.10 -18.10
N GLY A 107 -30.04 -23.75 -17.48
CA GLY A 107 -29.28 -22.59 -17.92
C GLY A 107 -30.03 -21.28 -17.76
N GLU A 108 -30.88 -21.18 -16.73
CA GLU A 108 -31.64 -19.98 -16.47
C GLU A 108 -32.04 -19.98 -15.00
N PRO A 109 -32.28 -18.81 -14.41
CA PRO A 109 -32.67 -18.76 -13.00
C PRO A 109 -34.10 -19.26 -12.81
N VAL A 110 -34.39 -19.65 -11.57
CA VAL A 110 -35.72 -20.10 -11.19
C VAL A 110 -36.55 -18.89 -10.80
N GLU A 111 -37.72 -18.74 -11.41
CA GLU A 111 -38.57 -17.59 -11.18
C GLU A 111 -39.96 -18.04 -10.75
N VAL A 112 -40.48 -17.38 -9.71
CA VAL A 112 -41.83 -17.61 -9.21
C VAL A 112 -42.60 -16.32 -9.40
N ALA A 113 -43.64 -16.36 -10.22
CA ALA A 113 -44.43 -15.16 -10.50
C ALA A 113 -45.16 -14.70 -9.24
N THR A 114 -45.15 -13.39 -9.02
CA THR A 114 -45.79 -12.80 -7.85
C THR A 114 -46.68 -11.66 -8.29
N SER A 115 -47.45 -11.12 -7.34
CA SER A 115 -48.36 -10.02 -7.61
C SER A 115 -47.95 -8.72 -6.92
N TRP A 116 -46.94 -8.74 -6.06
CA TRP A 116 -46.53 -7.55 -5.34
C TRP A 116 -46.01 -6.48 -6.30
N HIS A 117 -46.51 -5.26 -6.13
CA HIS A 117 -46.03 -4.14 -6.93
C HIS A 117 -44.63 -3.74 -6.49
N ARG A 118 -43.90 -3.10 -7.40
CA ARG A 118 -42.49 -2.79 -7.14
C ARG A 118 -42.33 -1.86 -5.95
N ASP A 119 -43.22 -0.88 -5.80
CA ASP A 119 -43.09 0.06 -4.68
C ASP A 119 -43.46 -0.61 -3.36
N ASP A 120 -44.29 -1.64 -3.40
CA ASP A 120 -44.80 -2.24 -2.17
C ASP A 120 -43.93 -3.38 -1.64
N ILE A 121 -42.90 -3.80 -2.38
CA ILE A 121 -42.12 -4.95 -1.94
C ILE A 121 -41.34 -4.63 -0.67
N PHE A 122 -40.91 -3.38 -0.51
CA PHE A 122 -40.13 -3.02 0.67
C PHE A 122 -40.97 -3.10 1.94
N GLU A 123 -42.29 -2.93 1.84
CA GLU A 123 -43.16 -3.01 2.99
C GLU A 123 -43.59 -4.43 3.32
N ILE A 124 -43.15 -5.42 2.53
CA ILE A 124 -43.48 -6.80 2.82
C ILE A 124 -42.83 -7.22 4.13
N LYS A 125 -43.60 -7.86 4.99
CA LYS A 125 -43.10 -8.43 6.23
C LYS A 125 -43.22 -9.94 6.19
N TYR A 126 -42.19 -10.63 6.67
CA TYR A 126 -42.03 -12.06 6.48
C TYR A 126 -41.67 -12.74 7.79
N VAL A 127 -41.98 -14.04 7.85
CA VAL A 127 -41.55 -14.90 8.96
C VAL A 127 -41.13 -16.22 8.34
N GLN A 128 -40.62 -17.12 9.17
CA GLN A 128 -40.17 -18.43 8.72
C GLN A 128 -40.44 -19.49 9.78
N SER A 129 -40.82 -20.68 9.32
CA SER A 129 -40.98 -21.83 10.20
C SER A 129 -40.61 -23.08 9.39
N ALA A 130 -39.42 -23.61 9.65
CA ALA A 130 -38.92 -24.80 8.99
C ALA A 130 -38.90 -24.63 7.47
N ASP A 131 -39.77 -25.36 6.77
CA ASP A 131 -39.81 -25.36 5.32
C ASP A 131 -40.90 -24.46 4.76
N VAL A 132 -41.52 -23.64 5.59
CA VAL A 132 -42.59 -22.74 5.16
C VAL A 132 -42.19 -21.31 5.49
N LEU A 133 -42.27 -20.44 4.49
CA LEU A 133 -42.10 -19.01 4.67
C LEU A 133 -43.41 -18.30 4.38
N THR A 134 -43.71 -17.28 5.18
CA THR A 134 -44.97 -16.54 5.07
C THR A 134 -44.66 -15.08 4.79
N LEU A 135 -45.33 -14.52 3.79
CA LEU A 135 -45.22 -13.11 3.46
C LEU A 135 -46.59 -12.45 3.62
N VAL A 136 -46.60 -11.31 4.29
CA VAL A 136 -47.84 -10.58 4.55
C VAL A 136 -47.68 -9.14 4.11
N HIS A 137 -48.81 -8.49 3.83
CA HIS A 137 -48.86 -7.11 3.40
C HIS A 137 -50.29 -6.62 3.52
N PRO A 138 -50.51 -5.41 4.04
CA PRO A 138 -51.89 -4.93 4.22
C PRO A 138 -52.68 -4.87 2.93
N ASP A 139 -52.02 -4.66 1.79
CA ASP A 139 -52.71 -4.52 0.51
C ASP A 139 -52.65 -5.77 -0.35
N TYR A 140 -52.13 -6.87 0.17
CA TYR A 140 -52.03 -8.10 -0.59
C TYR A 140 -52.47 -9.28 0.26
N LYS A 141 -53.10 -10.25 -0.40
CA LYS A 141 -53.46 -11.48 0.29
C LYS A 141 -52.20 -12.23 0.70
N PRO A 142 -52.14 -12.74 1.93
CA PRO A 142 -50.94 -13.44 2.39
C PRO A 142 -50.63 -14.64 1.51
N ARG A 143 -49.34 -14.88 1.30
CA ARG A 143 -48.89 -15.95 0.41
C ARG A 143 -47.78 -16.71 1.11
N GLN A 144 -48.07 -17.93 1.56
CA GLN A 144 -47.05 -18.77 2.16
C GLN A 144 -46.17 -19.38 1.08
N LEU A 145 -44.86 -19.30 1.26
CA LEU A 145 -43.89 -19.80 0.30
C LEU A 145 -43.28 -21.10 0.83
N LYS A 146 -43.28 -22.13 0.01
CA LYS A 146 -42.73 -23.42 0.37
C LYS A 146 -41.84 -23.92 -0.76
N ARG A 147 -40.87 -24.75 -0.39
CA ARG A 147 -39.88 -25.26 -1.33
C ARG A 147 -40.04 -26.77 -1.46
N TYR A 148 -40.10 -27.26 -2.70
CA TYR A 148 -40.18 -28.68 -2.96
C TYR A 148 -38.91 -29.26 -3.57
N SER A 149 -38.12 -28.44 -4.24
CA SER A 149 -36.84 -28.85 -4.81
C SER A 149 -36.03 -27.60 -5.09
N GLU A 150 -34.72 -27.78 -5.22
CA GLU A 150 -33.85 -26.65 -5.57
C GLU A 150 -34.24 -26.06 -6.92
N THR A 151 -34.78 -26.88 -7.83
CA THR A 151 -35.21 -26.43 -9.14
C THR A 151 -36.72 -26.36 -9.26
N ASP A 152 -37.46 -26.51 -8.15
CA ASP A 152 -38.92 -26.51 -8.20
C ASP A 152 -39.44 -25.83 -6.94
N TRP A 153 -40.12 -24.70 -7.11
CA TRP A 153 -40.62 -23.91 -5.98
C TRP A 153 -42.06 -23.54 -6.24
N VAL A 154 -42.82 -23.40 -5.14
CA VAL A 154 -44.25 -23.12 -5.20
C VAL A 154 -44.59 -22.04 -4.19
N LEU A 155 -45.41 -21.09 -4.62
CA LEU A 155 -45.88 -19.99 -3.77
C LEU A 155 -47.41 -20.01 -3.76
N ASP A 156 -47.99 -20.53 -2.67
CA ASP A 156 -49.43 -20.67 -2.54
C ASP A 156 -50.01 -19.56 -1.67
N PHE A 157 -51.34 -19.45 -1.70
CA PHE A 157 -52.03 -18.52 -0.83
C PHE A 157 -52.21 -19.13 0.56
N PHE A 158 -52.64 -18.30 1.49
CA PHE A 158 -52.89 -18.72 2.87
C PHE A 158 -54.38 -18.95 3.03
N ASP A 159 -54.76 -20.19 3.37
CA ASP A 159 -56.17 -20.58 3.49
C ASP A 159 -56.59 -20.42 4.94
N ASN A 160 -57.25 -19.30 5.25
CA ASN A 160 -57.72 -19.03 6.60
C ASN A 160 -59.08 -19.68 6.78
N GLU A 161 -59.08 -20.98 7.12
CA GLU A 161 -60.36 -21.70 7.36
C GLU A 161 -61.09 -20.99 8.51
N PHE A 162 -62.40 -20.78 8.37
CA PHE A 162 -63.16 -20.02 9.40
C PHE A 162 -62.32 -18.79 9.77
N GLY A 163 -61.95 -17.99 8.76
CA GLY A 163 -61.09 -16.82 8.99
C GLY A 163 -61.63 -15.89 10.07
N PRO A 164 -60.82 -14.95 10.58
CA PRO A 164 -61.25 -14.06 11.67
C PRO A 164 -62.46 -13.24 11.27
N LEU A 165 -63.35 -13.03 12.22
CA LEU A 165 -64.61 -12.35 11.97
C LEU A 165 -64.79 -11.21 12.96
N GLN A 166 -65.49 -10.18 12.51
CA GLN A 166 -65.88 -9.11 13.43
C GLN A 166 -66.89 -9.66 14.44
N ASP A 167 -67.19 -8.83 15.44
CA ASP A 167 -68.22 -9.21 16.39
C ASP A 167 -69.56 -9.32 15.69
N GLN A 168 -70.42 -10.22 16.18
CA GLN A 168 -71.70 -10.47 15.54
C GLN A 168 -72.50 -9.18 15.44
N ASN A 169 -73.29 -9.08 14.38
CA ASN A 169 -74.02 -7.85 14.10
C ASN A 169 -75.14 -7.68 15.12
N VAL A 170 -74.89 -6.83 16.13
CA VAL A 170 -75.92 -6.54 17.14
C VAL A 170 -77.07 -5.73 16.59
N ASP A 171 -76.95 -5.21 15.37
CA ASP A 171 -78.04 -4.49 14.72
C ASP A 171 -79.15 -5.49 14.42
N GLU A 172 -80.25 -5.40 15.17
CA GLU A 172 -81.29 -6.41 15.08
C GLU A 172 -82.07 -6.30 13.77
N SER A 173 -82.25 -5.08 13.27
CA SER A 173 -83.10 -4.87 12.09
C SER A 173 -82.58 -5.65 10.89
N ILE A 174 -81.27 -5.61 10.64
CA ILE A 174 -80.71 -6.28 9.47
C ILE A 174 -80.70 -7.78 9.69
N THR A 175 -81.21 -8.51 8.71
CA THR A 175 -81.27 -9.96 8.77
C THR A 175 -80.81 -10.54 7.45
N ILE A 176 -80.45 -11.82 7.47
CA ILE A 176 -80.00 -12.54 6.29
C ILE A 176 -80.84 -13.80 6.13
N ILE A 177 -81.32 -14.04 4.91
CA ILE A 177 -82.13 -15.21 4.59
C ILE A 177 -81.37 -16.03 3.56
N SER A 178 -81.26 -17.34 3.79
CA SER A 178 -80.58 -18.25 2.88
C SER A 178 -81.59 -19.14 2.18
N ASN A 179 -81.49 -19.22 0.85
CA ASN A 179 -82.43 -20.03 0.09
C ASN A 179 -82.30 -21.51 0.43
N GLY A 180 -81.07 -22.04 0.38
CA GLY A 180 -80.82 -23.44 0.61
C GLY A 180 -80.24 -23.71 1.98
N VAL A 181 -79.81 -24.96 2.17
CA VAL A 181 -79.21 -25.38 3.44
C VAL A 181 -77.84 -26.00 3.29
N VAL A 182 -77.51 -26.63 2.16
CA VAL A 182 -76.23 -27.31 2.00
C VAL A 182 -75.76 -27.07 0.56
N ASP A 183 -74.44 -26.97 0.39
CA ASP A 183 -73.80 -26.81 -0.91
C ASP A 183 -74.15 -25.45 -1.52
N LEU A 184 -74.21 -25.39 -2.84
CA LEU A 184 -74.52 -24.15 -3.54
C LEU A 184 -75.83 -23.55 -3.02
N VAL A 185 -75.72 -22.39 -2.38
CA VAL A 185 -76.87 -21.73 -1.76
C VAL A 185 -76.79 -20.24 -2.06
N GLU A 186 -77.94 -19.63 -2.30
CA GLU A 186 -78.04 -18.20 -2.54
C GLU A 186 -78.53 -17.51 -1.27
N LEU A 187 -77.84 -16.45 -0.87
CA LEU A 187 -78.19 -15.70 0.32
C LEU A 187 -79.03 -14.49 -0.05
N THR A 188 -79.62 -13.87 0.97
CA THR A 188 -80.44 -12.69 0.80
C THR A 188 -80.47 -11.93 2.11
N ALA A 189 -80.32 -10.61 2.04
CA ALA A 189 -80.30 -9.77 3.22
C ALA A 189 -81.33 -8.66 3.07
N SER A 190 -81.85 -8.20 4.20
CA SER A 190 -82.85 -7.15 4.23
C SER A 190 -82.25 -5.75 4.16
N GLU A 191 -80.97 -5.64 3.83
CA GLU A 191 -80.32 -4.34 3.74
C GLU A 191 -79.11 -4.47 2.81
N ALA A 192 -78.64 -3.31 2.35
CA ALA A 192 -77.49 -3.27 1.44
C ALA A 192 -76.21 -3.34 2.26
N ILE A 193 -75.76 -4.57 2.54
CA ILE A 193 -74.56 -4.81 3.32
C ILE A 193 -73.48 -5.52 2.51
N PHE A 194 -73.86 -6.43 1.64
CA PHE A 194 -72.89 -7.22 0.89
C PHE A 194 -72.13 -6.33 -0.09
N SER A 195 -70.89 -6.74 -0.37
CA SER A 195 -70.01 -6.02 -1.28
C SER A 195 -69.33 -7.02 -2.22
N GLU A 196 -68.95 -6.52 -3.40
CA GLU A 196 -68.25 -7.38 -4.35
C GLU A 196 -66.79 -7.63 -3.97
N ALA A 197 -66.35 -7.13 -2.81
CA ALA A 197 -65.04 -7.47 -2.29
C ALA A 197 -65.04 -8.77 -1.48
N MET A 198 -66.22 -9.30 -1.17
CA MET A 198 -66.36 -10.55 -0.42
C MET A 198 -66.42 -11.76 -1.34
N VAL A 199 -65.81 -11.70 -2.51
CA VAL A 199 -65.98 -12.76 -3.50
C VAL A 199 -65.54 -14.11 -2.93
N GLY A 200 -64.37 -14.15 -2.30
CA GLY A 200 -64.00 -15.33 -1.55
C GLY A 200 -63.66 -15.03 -0.10
N THR A 201 -64.54 -15.42 0.81
CA THR A 201 -64.34 -15.23 2.25
C THR A 201 -65.04 -16.37 2.97
N THR A 202 -65.26 -16.18 4.27
CA THR A 202 -65.96 -17.17 5.11
C THR A 202 -66.83 -16.41 6.10
N ILE A 203 -68.10 -16.19 5.74
CA ILE A 203 -69.05 -15.54 6.63
C ILE A 203 -69.61 -16.60 7.60
N LYS A 204 -70.29 -16.15 8.64
CA LYS A 204 -70.87 -17.04 9.64
C LYS A 204 -72.32 -16.65 9.88
N LEU A 205 -73.19 -17.66 9.93
CA LEU A 205 -74.60 -17.46 10.21
C LEU A 205 -75.00 -18.39 11.35
N GLN A 206 -75.41 -17.81 12.48
CA GLN A 206 -75.83 -18.57 13.65
C GLN A 206 -77.31 -18.39 13.88
N GLN A 207 -77.98 -19.48 14.25
CA GLN A 207 -79.42 -19.45 14.47
C GLN A 207 -79.76 -18.52 15.64
N VAL A 208 -80.91 -17.86 15.52
CA VAL A 208 -81.39 -17.02 16.63
C VAL A 208 -81.74 -17.90 17.82
N SER A 209 -82.45 -18.99 17.58
CA SER A 209 -82.86 -19.93 18.61
C SER A 209 -83.32 -21.19 17.90
N SER A 210 -83.88 -22.14 18.65
CA SER A 210 -84.41 -23.36 18.08
C SER A 210 -85.92 -23.30 17.84
N GLY A 211 -86.43 -22.13 17.46
CA GLY A 211 -87.84 -22.04 17.10
C GLY A 211 -88.16 -22.96 15.92
N GLU A 212 -89.37 -23.52 15.96
CA GLU A 212 -89.82 -24.51 14.98
C GLU A 212 -88.89 -25.72 14.97
N VAL A 213 -88.37 -26.07 16.14
CA VAL A 213 -87.58 -27.28 16.33
C VAL A 213 -88.08 -28.00 17.57
N ALA A 214 -88.43 -29.26 17.43
CA ALA A 214 -88.97 -30.03 18.53
C ALA A 214 -87.89 -30.29 19.59
N ALA A 215 -88.33 -30.33 20.84
CA ALA A 215 -87.42 -30.60 21.95
C ALA A 215 -87.14 -32.10 22.04
N TRP A 216 -86.54 -32.53 23.15
CA TRP A 216 -86.10 -33.91 23.31
C TRP A 216 -86.60 -34.49 24.63
N GLN A 217 -87.91 -34.46 24.84
CA GLN A 217 -88.52 -35.19 25.94
C GLN A 217 -87.92 -36.59 26.04
N ASN A 218 -87.84 -37.09 27.28
CA ASN A 218 -87.09 -38.32 27.56
C ASN A 218 -87.59 -39.48 26.71
N ARG A 219 -88.83 -39.90 26.92
CA ARG A 219 -89.40 -41.05 26.23
C ARG A 219 -90.56 -40.59 25.36
N SER A 220 -90.34 -40.60 24.04
CA SER A 220 -91.33 -40.07 23.11
C SER A 220 -91.25 -40.88 21.82
N ALA A 221 -92.34 -40.84 21.06
CA ALA A 221 -92.41 -41.50 19.77
C ALA A 221 -92.08 -40.51 18.66
N VAL A 222 -91.16 -40.90 17.80
CA VAL A 222 -90.68 -40.01 16.74
C VAL A 222 -90.94 -40.66 15.38
N GLU A 223 -90.53 -39.99 14.32
CA GLU A 223 -90.74 -40.46 12.96
C GLU A 223 -89.39 -40.65 12.28
N GLN A 224 -89.43 -41.30 11.12
CA GLN A 224 -88.18 -41.64 10.41
C GLN A 224 -87.36 -40.40 10.10
N GLY A 225 -88.02 -39.30 9.76
CA GLY A 225 -87.32 -38.05 9.58
C GLY A 225 -87.77 -36.98 10.56
N ASP A 226 -86.90 -36.65 11.53
CA ASP A 226 -87.21 -35.65 12.53
C ASP A 226 -86.09 -34.63 12.59
N LEU A 227 -86.27 -33.61 13.43
CA LEU A 227 -85.31 -32.54 13.58
C LEU A 227 -85.14 -32.13 15.04
N ALA A 228 -85.29 -33.06 15.97
CA ALA A 228 -85.29 -32.73 17.39
C ALA A 228 -83.93 -32.20 17.83
N TYR A 229 -83.94 -31.44 18.92
CA TYR A 229 -82.74 -30.86 19.50
C TYR A 229 -82.77 -31.07 21.01
N VAL A 230 -81.59 -30.99 21.63
CA VAL A 230 -81.45 -31.11 23.07
C VAL A 230 -80.90 -29.83 23.70
N ASP A 231 -79.72 -29.40 23.25
CA ASP A 231 -79.12 -28.17 23.76
C ASP A 231 -78.06 -27.72 22.77
N GLU A 232 -78.29 -26.58 22.11
CA GLU A 232 -77.38 -26.02 21.11
C GLU A 232 -77.02 -27.02 20.02
N ARG A 233 -77.80 -28.10 19.88
CA ARG A 233 -77.45 -29.18 18.98
C ARG A 233 -78.72 -29.79 18.42
N THR A 234 -78.89 -29.69 17.11
CA THR A 234 -80.08 -30.19 16.43
C THR A 234 -79.75 -31.53 15.78
N TYR A 235 -80.34 -32.60 16.29
CA TYR A 235 -80.13 -33.93 15.75
C TYR A 235 -81.26 -34.30 14.80
N LYS A 236 -81.05 -35.36 14.03
CA LYS A 236 -82.04 -35.85 13.09
C LYS A 236 -82.14 -37.36 13.20
N ALA A 237 -83.35 -37.85 13.45
CA ALA A 237 -83.56 -39.29 13.50
C ALA A 237 -83.39 -39.91 12.13
N THR A 238 -82.83 -41.12 12.10
CA THR A 238 -82.61 -41.84 10.86
C THR A 238 -83.09 -43.28 10.87
N SER A 239 -83.47 -43.81 12.03
CA SER A 239 -83.99 -45.18 12.12
C SER A 239 -84.66 -45.36 13.47
N LEU A 240 -85.54 -46.35 13.54
CA LEU A 240 -86.22 -46.73 14.77
C LEU A 240 -86.07 -48.24 14.94
N SER A 241 -86.05 -48.69 16.19
CA SER A 241 -85.76 -50.10 16.46
C SER A 241 -86.93 -50.99 16.08
N GLY A 242 -88.08 -50.80 16.72
CA GLY A 242 -89.24 -51.62 16.52
C GLY A 242 -90.21 -51.04 15.50
N GLY A 243 -91.48 -51.34 15.68
CA GLY A 243 -92.49 -50.79 14.81
C GLY A 243 -92.60 -49.28 14.95
N VAL A 244 -93.11 -48.65 13.90
CA VAL A 244 -93.23 -47.20 13.84
C VAL A 244 -94.13 -46.72 14.98
N ASP A 245 -95.09 -47.56 15.37
CA ASP A 245 -96.00 -47.24 16.46
C ASP A 245 -95.60 -47.92 17.77
N ASN A 246 -94.39 -48.48 17.83
CA ASN A 246 -93.96 -49.23 19.00
C ASN A 246 -92.55 -48.85 19.44
N THR A 247 -92.03 -47.73 18.96
CA THR A 247 -90.66 -47.32 19.25
C THR A 247 -90.68 -45.99 20.00
N LEU A 248 -89.89 -45.90 21.07
CA LEU A 248 -89.76 -44.69 21.86
C LEU A 248 -88.32 -44.20 21.86
N THR A 249 -88.09 -43.10 22.58
CA THR A 249 -86.82 -42.39 22.47
C THR A 249 -85.74 -43.03 23.32
N GLY A 250 -85.89 -42.98 24.64
CA GLY A 250 -84.91 -43.54 25.56
C GLY A 250 -84.28 -42.48 26.43
N ASP A 251 -83.44 -42.93 27.35
CA ASP A 251 -82.85 -42.07 28.37
C ASP A 251 -81.50 -41.47 27.98
N ASN A 252 -80.78 -42.09 27.05
CA ASN A 252 -79.44 -41.62 26.72
C ASN A 252 -79.55 -40.31 25.94
N THR A 253 -79.29 -39.20 26.62
CA THR A 253 -79.39 -37.89 26.00
C THR A 253 -78.39 -37.76 24.86
N PRO A 254 -78.81 -37.23 23.71
CA PRO A 254 -77.88 -37.05 22.59
C PRO A 254 -76.76 -36.08 22.96
N ALA A 255 -75.52 -36.60 23.01
CA ALA A 255 -74.38 -35.79 23.40
C ALA A 255 -73.29 -35.73 22.35
N HIS A 256 -73.37 -36.55 21.30
CA HIS A 256 -72.35 -36.49 20.25
C HIS A 256 -72.52 -35.25 19.39
N THR A 257 -71.38 -34.73 18.93
CA THR A 257 -71.36 -33.66 17.95
C THR A 257 -71.11 -34.19 16.54
N GLU A 258 -71.20 -35.51 16.36
CA GLU A 258 -71.09 -36.18 15.07
C GLU A 258 -71.47 -37.64 15.27
N GLY A 259 -71.97 -38.26 14.21
CA GLY A 259 -72.36 -39.65 14.26
C GLY A 259 -73.85 -39.86 14.31
N GLU A 260 -74.22 -41.11 14.59
CA GLU A 260 -75.61 -41.55 14.61
C GLU A 260 -75.87 -42.46 15.80
N GLN A 261 -75.43 -42.07 16.99
CA GLN A 261 -75.54 -42.95 18.14
C GLN A 261 -76.99 -43.15 18.54
N TRP A 262 -77.29 -44.34 19.05
CA TRP A 262 -78.61 -44.66 19.54
C TRP A 262 -78.85 -43.99 20.88
N ASP A 263 -80.08 -44.13 21.39
CA ASP A 263 -80.39 -43.64 22.73
C ASP A 263 -81.27 -44.62 23.50
N GLY A 264 -81.27 -45.89 23.11
CA GLY A 264 -82.00 -46.93 23.79
C GLY A 264 -81.62 -48.28 23.23
N PRO A 265 -81.58 -49.30 24.09
CA PRO A 265 -81.01 -50.58 23.68
C PRO A 265 -82.01 -51.45 22.94
N ARG A 266 -82.78 -50.84 22.03
CA ARG A 266 -83.67 -51.55 21.11
C ARG A 266 -84.42 -52.71 21.77
N THR A 267 -84.92 -52.49 22.98
CA THR A 267 -85.55 -53.55 23.75
C THR A 267 -86.54 -52.91 24.74
N THR A 268 -87.27 -53.76 25.45
CA THR A 268 -88.31 -53.29 26.34
C THR A 268 -87.73 -52.65 27.60
N ILE A 269 -88.57 -51.91 28.30
CA ILE A 269 -88.22 -51.27 29.57
C ILE A 269 -89.30 -51.70 30.56
N GLN A 270 -89.01 -52.72 31.37
CA GLN A 270 -89.95 -53.22 32.37
C GLN A 270 -91.29 -53.54 31.71
N GLY A 271 -92.24 -52.61 31.77
CA GLY A 271 -93.57 -52.86 31.26
C GLY A 271 -94.13 -51.74 30.40
N VAL A 272 -93.25 -51.00 29.72
CA VAL A 272 -93.72 -49.94 28.83
C VAL A 272 -94.12 -50.53 27.48
N THR A 273 -93.80 -51.80 27.27
CA THR A 273 -94.15 -52.64 26.12
C THR A 273 -93.69 -52.05 24.79
N GLU A 274 -92.93 -50.96 24.83
CA GLU A 274 -92.32 -50.43 23.62
C GLU A 274 -90.94 -51.04 23.42
N THR A 275 -90.36 -50.79 22.24
CA THR A 275 -89.06 -51.36 21.88
C THR A 275 -87.90 -50.42 22.15
N LEU A 276 -88.15 -49.12 22.31
CA LEU A 276 -87.12 -48.15 22.66
C LEU A 276 -86.05 -48.03 21.57
N GLY A 277 -85.12 -47.09 21.75
CA GLY A 277 -83.99 -46.96 20.85
C GLY A 277 -84.31 -46.20 19.57
N VAL A 278 -83.50 -45.19 19.27
CA VAL A 278 -83.73 -44.33 18.11
C VAL A 278 -82.38 -43.80 17.64
N LYS A 279 -82.19 -43.79 16.32
CA LYS A 279 -80.98 -43.20 15.76
C LYS A 279 -81.05 -41.69 15.80
N TRP A 280 -79.89 -41.05 15.86
CA TRP A 280 -79.84 -39.60 15.96
C TRP A 280 -78.61 -39.10 15.19
N ALA A 281 -78.83 -38.74 13.93
CA ALA A 281 -77.76 -38.16 13.12
C ALA A 281 -77.53 -36.71 13.54
N TYR A 282 -76.28 -36.35 13.73
CA TYR A 282 -75.93 -34.99 14.13
C TYR A 282 -76.07 -34.04 12.95
N LEU A 283 -76.65 -32.86 13.23
CA LEU A 283 -76.75 -31.80 12.23
C LEU A 283 -76.17 -30.51 12.78
N HIS A 284 -76.42 -29.41 12.08
CA HIS A 284 -76.03 -28.07 12.52
C HIS A 284 -76.25 -27.87 14.01
N SER A 285 -75.19 -27.44 14.70
CA SER A 285 -75.24 -27.11 16.11
C SER A 285 -75.52 -25.64 16.36
N GLY A 286 -76.20 -24.97 15.43
CA GLY A 286 -76.57 -23.59 15.64
C GLY A 286 -76.03 -22.64 14.59
N PHE A 287 -74.91 -23.00 13.97
CA PHE A 287 -74.28 -22.10 13.01
C PHE A 287 -73.65 -22.92 11.90
N GLY A 288 -73.44 -22.24 10.77
CA GLY A 288 -72.74 -22.84 9.65
C GLY A 288 -72.12 -21.78 8.76
N TYR A 289 -70.82 -21.93 8.47
CA TYR A 289 -70.12 -20.96 7.65
C TYR A 289 -70.37 -21.23 6.17
N VAL A 290 -70.57 -20.15 5.42
CA VAL A 290 -70.79 -20.22 3.98
C VAL A 290 -69.62 -19.56 3.28
N ARG A 291 -68.93 -20.33 2.44
CA ARG A 291 -67.80 -19.81 1.69
C ARG A 291 -68.32 -19.15 0.42
N ILE A 292 -68.37 -17.82 0.42
CA ILE A 292 -68.92 -17.07 -0.71
C ILE A 292 -68.07 -17.33 -1.95
N THR A 293 -68.73 -17.44 -3.10
CA THR A 293 -68.03 -17.62 -4.37
C THR A 293 -68.50 -16.68 -5.47
N GLU A 294 -69.64 -16.00 -5.31
CA GLU A 294 -70.17 -15.17 -6.37
C GLU A 294 -70.85 -13.95 -5.77
N HIS A 295 -70.99 -12.91 -6.58
CA HIS A 295 -71.68 -11.70 -6.20
C HIS A 295 -72.76 -11.37 -7.22
N ARG A 296 -73.91 -10.95 -6.73
CA ARG A 296 -75.03 -10.54 -7.58
C ARG A 296 -75.51 -9.14 -7.26
N ASP A 297 -75.51 -8.75 -6.00
CA ASP A 297 -75.99 -7.44 -5.55
C ASP A 297 -75.59 -7.27 -4.10
N ASP A 298 -75.87 -6.09 -3.55
CA ASP A 298 -75.63 -5.87 -2.13
C ASP A 298 -76.59 -6.65 -1.25
N THR A 299 -77.64 -7.24 -1.82
CA THR A 299 -78.58 -8.08 -1.09
C THR A 299 -78.67 -9.49 -1.67
N HIS A 300 -77.67 -9.90 -2.45
CA HIS A 300 -77.73 -11.19 -3.13
C HIS A 300 -76.31 -11.69 -3.34
N ILE A 301 -75.92 -12.72 -2.59
CA ILE A 301 -74.61 -13.36 -2.73
C ILE A 301 -74.81 -14.87 -2.72
N VAL A 302 -73.83 -15.58 -3.28
CA VAL A 302 -73.88 -17.02 -3.42
C VAL A 302 -72.58 -17.61 -2.88
N GLY A 303 -72.70 -18.75 -2.21
CA GLY A 303 -71.53 -19.43 -1.68
C GLY A 303 -71.84 -20.86 -1.33
N ARG A 304 -70.79 -21.58 -0.96
CA ARG A 304 -70.89 -22.97 -0.52
C ARG A 304 -70.83 -23.03 1.00
N VAL A 305 -71.58 -23.95 1.59
CA VAL A 305 -71.68 -24.06 3.04
C VAL A 305 -70.68 -25.10 3.53
N ILE A 306 -69.86 -24.73 4.50
CA ILE A 306 -68.85 -25.63 5.03
C ILE A 306 -69.51 -26.80 5.77
N GLY A 307 -70.47 -26.49 6.63
CA GLY A 307 -71.17 -27.51 7.38
C GLY A 307 -72.61 -27.67 6.93
N ARG A 308 -73.53 -27.09 7.69
CA ARG A 308 -74.95 -27.11 7.34
C ARG A 308 -75.64 -25.98 8.08
N LEU A 309 -76.43 -25.19 7.36
CA LEU A 309 -77.20 -24.15 8.01
C LEU A 309 -78.42 -24.76 8.72
N PRO A 310 -78.77 -24.24 9.89
CA PRO A 310 -80.07 -24.58 10.47
C PRO A 310 -81.21 -24.00 9.64
N GLU A 311 -82.36 -24.68 9.72
CA GLU A 311 -83.50 -24.31 8.88
C GLU A 311 -84.07 -22.94 9.23
N GLU A 312 -83.66 -22.37 10.37
CA GLU A 312 -84.19 -21.08 10.78
C GLU A 312 -83.88 -19.99 9.77
N ILE A 313 -82.64 -19.96 9.26
CA ILE A 313 -82.31 -18.97 8.24
C ILE A 313 -83.10 -19.23 6.97
N ARG A 314 -83.34 -20.50 6.64
CA ARG A 314 -84.12 -20.82 5.45
C ARG A 314 -85.54 -20.30 5.58
N THR A 315 -86.13 -20.40 6.76
CA THR A 315 -87.52 -19.99 6.97
C THR A 315 -87.65 -18.67 7.72
N GLU A 316 -87.07 -18.57 8.91
CA GLU A 316 -87.19 -17.36 9.71
C GLU A 316 -86.17 -16.30 9.35
N GLY A 317 -84.93 -16.70 9.11
CA GLY A 317 -83.88 -15.74 8.85
C GLY A 317 -83.18 -15.28 10.11
N THR A 318 -81.87 -15.41 10.16
CA THR A 318 -81.11 -15.03 11.34
C THR A 318 -80.59 -13.60 11.23
N TYR A 319 -80.22 -13.04 12.38
CA TYR A 319 -79.61 -11.73 12.44
C TYR A 319 -78.17 -11.76 12.96
N ARG A 320 -77.74 -12.88 13.53
CA ARG A 320 -76.39 -12.99 14.08
C ARG A 320 -75.45 -13.47 12.98
N TRP A 321 -75.03 -12.53 12.13
CA TRP A 321 -74.06 -12.81 11.09
C TRP A 321 -72.77 -12.07 11.39
N SER A 322 -71.64 -12.73 11.16
CA SER A 322 -70.32 -12.16 11.39
C SER A 322 -69.55 -12.19 10.07
N PHE A 323 -69.25 -11.01 9.55
CA PHE A 323 -68.46 -10.93 8.33
C PHE A 323 -67.00 -11.21 8.62
N ALA A 324 -66.31 -11.81 7.65
CA ALA A 324 -64.90 -12.12 7.81
C ALA A 324 -64.09 -10.83 7.94
N ALA A 325 -63.09 -10.86 8.82
CA ALA A 325 -62.29 -9.66 9.06
C ALA A 325 -61.40 -9.31 7.88
N TRP A 326 -60.79 -10.31 7.26
CA TRP A 326 -59.85 -10.10 6.16
C TRP A 326 -60.55 -10.23 4.82
N ASP A 327 -60.36 -9.24 3.97
CA ASP A 327 -60.86 -9.28 2.59
C ASP A 327 -59.92 -8.42 1.74
N SER A 328 -60.38 -8.08 0.54
CA SER A 328 -59.61 -7.24 -0.36
C SER A 328 -59.92 -5.76 -0.18
N ASP A 329 -60.77 -5.39 0.77
CA ASP A 329 -61.11 -4.00 1.02
C ASP A 329 -60.78 -3.54 2.43
N ARG A 330 -61.08 -4.36 3.45
CA ARG A 330 -60.67 -4.02 4.80
C ARG A 330 -59.17 -4.20 5.02
N GLY A 331 -58.48 -4.90 4.12
CA GLY A 331 -57.06 -5.12 4.23
C GLY A 331 -56.75 -6.54 4.65
N TYR A 332 -55.46 -6.83 4.69
CA TYR A 332 -54.91 -8.13 5.04
C TYR A 332 -53.89 -7.95 6.14
N PRO A 333 -53.40 -9.04 6.73
CA PRO A 333 -52.38 -8.89 7.78
C PRO A 333 -51.17 -8.11 7.30
N GLY A 334 -50.72 -7.18 8.14
CA GLY A 334 -49.58 -6.35 7.80
C GLY A 334 -48.31 -6.81 8.49
N THR A 335 -48.46 -7.73 9.44
CA THR A 335 -47.33 -8.31 10.16
C THR A 335 -47.77 -9.63 10.74
N ALA A 336 -46.79 -10.50 11.01
CA ALA A 336 -47.09 -11.86 11.44
C ALA A 336 -45.95 -12.38 12.31
N SER A 337 -46.25 -13.43 13.07
CA SER A 337 -45.27 -14.13 13.88
C SER A 337 -45.91 -15.41 14.40
N TYR A 338 -45.07 -16.24 15.01
CA TYR A 338 -45.51 -17.46 15.67
C TYR A 338 -45.45 -17.28 17.18
N TYR A 339 -46.30 -18.03 17.89
CA TYR A 339 -46.33 -17.94 19.35
C TYR A 339 -47.09 -19.12 19.96
N GLN A 340 -46.44 -19.86 20.86
CA GLN A 340 -47.06 -20.93 21.63
C GLN A 340 -47.91 -21.85 20.75
N GLN A 341 -47.30 -22.33 19.67
CA GLN A 341 -47.94 -23.17 18.67
C GLN A 341 -49.12 -22.48 17.98
N ARG A 342 -49.18 -21.16 18.02
CA ARG A 342 -50.23 -20.42 17.34
C ARG A 342 -49.62 -19.45 16.34
N LEU A 343 -50.29 -19.29 15.20
CA LEU A 343 -49.94 -18.28 14.22
C LEU A 343 -50.68 -16.99 14.54
N VAL A 344 -49.96 -15.88 14.54
CA VAL A 344 -50.51 -14.58 14.87
C VAL A 344 -50.36 -13.68 13.66
N PHE A 345 -51.46 -13.10 13.21
CA PHE A 345 -51.48 -12.11 12.15
C PHE A 345 -52.05 -10.81 12.70
N ALA A 346 -51.63 -9.69 12.13
CA ALA A 346 -51.99 -8.41 12.71
C ALA A 346 -52.01 -7.32 11.64
N ASN A 347 -52.50 -6.14 12.04
CA ASN A 347 -52.47 -4.93 11.24
C ASN A 347 -53.22 -5.05 9.92
N SER A 348 -54.53 -5.24 9.97
CA SER A 348 -55.39 -5.10 8.80
C SER A 348 -55.55 -3.62 8.49
N ARG A 349 -55.79 -3.32 7.21
CA ARG A 349 -55.87 -1.92 6.80
C ARG A 349 -57.03 -1.19 7.45
N ALA A 350 -58.22 -1.80 7.48
CA ALA A 350 -59.36 -1.15 8.11
C ALA A 350 -59.30 -1.20 9.63
N GLU A 351 -58.69 -2.23 10.20
CA GLU A 351 -58.57 -2.37 11.65
C GLU A 351 -57.09 -2.57 11.94
N PRO A 352 -56.34 -1.47 12.10
CA PRO A 352 -54.88 -1.61 12.27
C PRO A 352 -54.47 -2.19 13.61
N GLN A 353 -55.09 -1.75 14.70
CA GLN A 353 -54.61 -2.07 16.05
C GLN A 353 -55.20 -3.37 16.58
N ALA A 354 -55.05 -4.45 15.83
CA ALA A 354 -55.60 -5.73 16.24
C ALA A 354 -54.74 -6.86 15.70
N PHE A 355 -54.61 -7.93 16.49
CA PHE A 355 -53.92 -9.13 16.06
C PHE A 355 -54.79 -10.35 16.32
N TRP A 356 -54.80 -11.28 15.38
CA TRP A 356 -55.58 -12.51 15.48
C TRP A 356 -54.63 -13.70 15.57
N MET A 357 -54.83 -14.53 16.58
CA MET A 357 -54.00 -15.71 16.82
C MET A 357 -54.82 -16.97 16.56
N SER A 358 -54.31 -17.85 15.72
CA SER A 358 -55.00 -19.08 15.39
C SER A 358 -55.03 -20.02 16.60
N GLU A 359 -55.77 -21.12 16.44
CA GLU A 359 -55.84 -22.10 17.52
C GLU A 359 -54.54 -22.90 17.59
N THR A 360 -54.32 -23.52 18.75
CA THR A 360 -53.10 -24.27 19.01
C THR A 360 -52.96 -25.46 18.07
N GLY A 361 -51.98 -25.41 17.18
CA GLY A 361 -51.71 -26.52 16.29
C GLY A 361 -52.18 -26.30 14.87
N ILE A 362 -53.37 -25.73 14.71
CA ILE A 362 -53.96 -25.50 13.38
C ILE A 362 -53.54 -24.08 12.99
N PHE A 363 -52.46 -24.00 12.22
CA PHE A 363 -51.89 -22.70 11.86
C PHE A 363 -52.74 -21.94 10.85
N ASN A 364 -53.68 -22.61 10.18
CA ASN A 364 -54.46 -21.99 9.10
C ASN A 364 -55.95 -21.99 9.39
N GLY A 365 -56.33 -21.95 10.66
CA GLY A 365 -57.73 -21.88 11.03
C GLY A 365 -57.95 -20.91 12.17
N PHE A 366 -59.18 -20.41 12.27
CA PHE A 366 -59.56 -19.45 13.30
C PHE A 366 -60.94 -19.77 13.86
N LYS A 367 -61.22 -21.06 14.07
CA LYS A 367 -62.51 -21.45 14.62
C LYS A 367 -62.63 -21.02 16.08
N VAL A 368 -63.81 -20.52 16.44
CA VAL A 368 -64.13 -20.16 17.82
C VAL A 368 -65.41 -20.90 18.21
N SER A 369 -65.37 -21.60 19.34
CA SER A 369 -66.47 -22.43 19.79
C SER A 369 -67.28 -21.72 20.87
N PHE A 370 -68.55 -22.10 20.98
CA PHE A 370 -69.43 -21.55 22.00
C PHE A 370 -68.90 -21.77 23.42
N PRO A 371 -68.48 -22.97 23.82
CA PRO A 371 -67.96 -23.14 25.19
C PRO A 371 -66.66 -22.39 25.46
N ILE A 372 -66.12 -21.66 24.47
CA ILE A 372 -64.88 -20.91 24.62
C ILE A 372 -63.79 -21.82 25.17
N GLU A 373 -63.48 -22.88 24.45
CA GLU A 373 -62.40 -23.77 24.86
C GLU A 373 -61.08 -23.00 24.90
N ALA A 374 -60.15 -23.48 25.73
CA ALA A 374 -58.93 -22.74 25.98
C ALA A 374 -58.13 -22.52 24.70
N ASP A 375 -58.07 -23.53 23.84
CA ASP A 375 -57.24 -23.49 22.65
C ASP A 375 -57.98 -22.95 21.43
N ASP A 376 -58.98 -22.09 21.63
CA ASP A 376 -59.68 -21.48 20.50
C ASP A 376 -58.87 -20.30 19.96
N ALA A 377 -59.43 -19.63 18.96
CA ALA A 377 -58.75 -18.49 18.34
C ALA A 377 -58.75 -17.29 19.27
N ILE A 378 -57.87 -16.33 18.96
CA ILE A 378 -57.66 -15.15 19.80
C ILE A 378 -57.87 -13.91 18.95
N THR A 379 -58.49 -12.89 19.56
CA THR A 379 -58.64 -11.60 18.91
C THR A 379 -58.52 -10.50 19.96
N PHE A 380 -57.59 -9.58 19.75
CA PHE A 380 -57.35 -8.49 20.69
C PHE A 380 -57.40 -7.16 19.95
N THR A 381 -57.30 -6.07 20.71
CA THR A 381 -57.34 -4.73 20.14
C THR A 381 -56.60 -3.78 21.08
N LEU A 382 -55.36 -3.45 20.74
CA LEU A 382 -54.59 -2.50 21.53
C LEU A 382 -55.02 -1.08 21.21
N ALA A 383 -55.48 -0.34 22.22
CA ALA A 383 -55.99 1.00 22.01
C ALA A 383 -55.16 2.07 22.70
N SER A 384 -55.00 1.98 24.03
CA SER A 384 -54.28 2.97 24.83
C SER A 384 -54.53 4.41 24.40
N ARG A 385 -53.47 5.09 23.97
CA ARG A 385 -53.54 6.46 23.50
C ARG A 385 -52.78 6.56 22.19
N GLN A 386 -53.14 7.56 21.38
CA GLN A 386 -52.57 7.78 20.05
C GLN A 386 -52.84 6.59 19.13
N VAL A 387 -52.57 6.75 17.84
CA VAL A 387 -52.63 5.59 16.95
C VAL A 387 -51.49 4.65 17.32
N ASN A 388 -51.80 3.37 17.38
CA ASN A 388 -50.85 2.34 17.80
C ASN A 388 -50.92 1.14 16.88
N GLU A 389 -50.91 1.39 15.57
CA GLU A 389 -50.98 0.30 14.62
C GLU A 389 -49.78 -0.61 14.81
N ILE A 390 -50.05 -1.92 14.84
CA ILE A 390 -49.00 -2.89 15.13
C ILE A 390 -48.16 -3.11 13.89
N ARG A 391 -46.84 -3.22 14.09
CA ARG A 391 -45.91 -3.40 12.98
C ARG A 391 -44.92 -4.54 13.17
N HIS A 392 -44.69 -5.00 14.40
CA HIS A 392 -43.67 -6.02 14.65
C HIS A 392 -44.04 -6.83 15.88
N LEU A 393 -44.15 -8.15 15.71
CA LEU A 393 -44.27 -9.07 16.82
C LEU A 393 -43.00 -9.88 16.95
N ILE A 394 -42.45 -9.94 18.16
CA ILE A 394 -41.21 -10.65 18.43
C ILE A 394 -41.30 -11.34 19.78
N PRO A 395 -41.17 -12.67 19.83
CA PRO A 395 -41.14 -13.34 21.13
C PRO A 395 -39.79 -13.23 21.80
N LEU A 396 -39.71 -12.46 22.88
CA LEU A 396 -38.47 -12.26 23.61
C LEU A 396 -38.53 -12.88 25.01
N GLY A 397 -39.52 -12.50 25.80
CA GLY A 397 -39.82 -13.17 27.05
C GLY A 397 -41.32 -13.40 27.07
N SER A 398 -41.95 -12.93 26.02
CA SER A 398 -43.38 -13.03 25.73
C SER A 398 -43.55 -12.41 24.36
N LEU A 399 -44.76 -12.50 23.82
CA LEU A 399 -45.04 -11.89 22.53
C LEU A 399 -45.03 -10.37 22.68
N LEU A 400 -44.05 -9.72 22.08
CA LEU A 400 -43.96 -8.27 22.12
C LEU A 400 -44.54 -7.67 20.85
N ALA A 401 -45.24 -6.54 21.00
CA ALA A 401 -45.86 -5.86 19.88
C ALA A 401 -45.30 -4.45 19.79
N LEU A 402 -44.59 -4.16 18.72
CA LEU A 402 -44.04 -2.83 18.48
C LEU A 402 -44.98 -2.08 17.55
N THR A 403 -45.54 -0.99 18.03
CA THR A 403 -46.54 -0.23 17.29
C THR A 403 -46.01 1.15 16.95
N SER A 404 -46.78 1.87 16.13
CA SER A 404 -46.39 3.21 15.70
C SER A 404 -46.42 4.22 16.83
N GLY A 405 -47.02 3.89 17.98
CA GLY A 405 -47.05 4.81 19.09
C GLY A 405 -46.44 4.25 20.36
N ALA A 406 -46.43 2.93 20.49
CA ALA A 406 -45.96 2.27 21.70
C ALA A 406 -45.32 0.94 21.35
N GLU A 407 -44.73 0.31 22.36
CA GLU A 407 -44.14 -1.02 22.24
C GLU A 407 -44.88 -1.93 23.22
N TRP A 408 -46.01 -2.47 22.77
CA TRP A 408 -46.85 -3.34 23.66
C TRP A 408 -46.08 -4.62 24.02
N MET A 409 -46.46 -5.23 25.14
CA MET A 409 -46.15 -6.65 25.42
C MET A 409 -47.46 -7.42 25.62
N ILE A 410 -47.64 -8.53 24.89
CA ILE A 410 -48.80 -9.44 25.11
C ILE A 410 -48.37 -10.52 26.12
N SER A 411 -49.28 -10.91 27.02
CA SER A 411 -48.95 -11.91 28.06
C SER A 411 -50.18 -12.71 28.46
N ASP A 412 -50.00 -13.89 29.04
CA ASP A 412 -51.12 -14.71 29.48
C ASP A 412 -51.36 -14.57 30.97
N ASN A 413 -51.06 -13.40 31.54
CA ASN A 413 -51.00 -13.22 32.99
C ASN A 413 -50.10 -14.29 33.58
N ASP A 414 -50.67 -15.29 34.26
CA ASP A 414 -49.84 -16.36 34.77
C ASP A 414 -50.50 -17.75 34.71
N GLN A 415 -51.55 -17.92 33.90
CA GLN A 415 -52.26 -19.20 33.86
C GLN A 415 -52.07 -19.92 32.53
N GLY A 416 -52.43 -19.28 31.42
CA GLY A 416 -52.35 -19.91 30.12
C GLY A 416 -52.89 -19.01 29.03
N LEU A 417 -52.62 -19.35 27.78
CA LEU A 417 -53.06 -18.52 26.66
C LEU A 417 -54.44 -18.98 26.21
N ALA A 418 -55.41 -18.08 26.31
CA ALA A 418 -56.81 -18.41 26.04
C ALA A 418 -57.53 -17.12 25.69
N PRO A 419 -58.69 -17.20 25.04
CA PRO A 419 -59.40 -15.96 24.66
C PRO A 419 -59.74 -15.06 25.82
N ASP A 420 -59.90 -15.61 27.03
CA ASP A 420 -60.27 -14.80 28.18
C ASP A 420 -59.06 -14.33 28.97
N THR A 421 -58.05 -15.18 29.14
CA THR A 421 -56.93 -14.84 30.00
C THR A 421 -55.89 -13.96 29.30
N VAL A 422 -55.98 -13.83 27.98
CA VAL A 422 -54.98 -13.06 27.25
C VAL A 422 -55.11 -11.59 27.63
N SER A 423 -53.96 -10.97 27.91
CA SER A 423 -53.94 -9.55 28.24
C SER A 423 -52.91 -8.82 27.40
N ALA A 424 -52.71 -7.53 27.67
CA ALA A 424 -51.72 -6.74 26.96
C ALA A 424 -51.27 -5.61 27.85
N ASP A 425 -49.99 -5.27 27.75
CA ASP A 425 -49.41 -4.22 28.59
C ASP A 425 -48.47 -3.36 27.75
N VAL A 426 -48.32 -2.12 28.18
CA VAL A 426 -47.45 -1.16 27.51
C VAL A 426 -46.07 -1.22 28.15
N GLN A 427 -45.04 -1.03 27.32
CA GLN A 427 -43.68 -0.94 27.81
C GLN A 427 -43.07 0.44 27.62
N GLY A 428 -43.71 1.31 26.86
CA GLY A 428 -43.19 2.66 26.66
C GLY A 428 -43.97 3.36 25.56
N TYR A 429 -43.54 4.59 25.28
CA TYR A 429 -44.13 5.38 24.20
C TYR A 429 -43.00 5.98 23.37
N ARG A 430 -42.51 5.20 22.40
CA ARG A 430 -41.53 5.69 21.45
C ARG A 430 -41.84 5.34 20.00
N GLY A 431 -42.65 4.32 19.74
CA GLY A 431 -42.96 3.92 18.38
C GLY A 431 -41.89 3.07 17.75
N ALA A 432 -42.13 2.72 16.49
CA ALA A 432 -41.20 1.90 15.72
C ALA A 432 -41.59 1.97 14.25
N SER A 433 -40.59 2.00 13.38
CA SER A 433 -40.84 2.08 11.94
C SER A 433 -41.14 0.71 11.38
N ASP A 434 -41.43 0.66 10.08
CA ASP A 434 -41.77 -0.59 9.41
C ASP A 434 -40.58 -1.51 9.22
N VAL A 435 -39.36 -1.04 9.51
CA VAL A 435 -38.18 -1.87 9.30
C VAL A 435 -38.24 -3.07 10.23
N THR A 436 -37.89 -4.24 9.69
CA THR A 436 -37.90 -5.47 10.46
C THR A 436 -36.92 -5.37 11.63
N PRO A 437 -37.34 -5.64 12.86
CA PRO A 437 -36.42 -5.56 13.99
C PRO A 437 -35.36 -6.65 13.91
N LEU A 438 -34.22 -6.40 14.53
CA LEU A 438 -33.12 -7.35 14.54
C LEU A 438 -33.00 -7.99 15.92
N LEU A 439 -32.51 -9.21 15.95
CA LEU A 439 -32.44 -10.02 17.15
C LEU A 439 -30.99 -10.26 17.54
N ILE A 440 -30.59 -9.74 18.69
CA ILE A 440 -29.22 -9.89 19.19
C ILE A 440 -29.29 -10.29 20.65
N GLY A 441 -28.72 -11.44 20.98
CA GLY A 441 -28.78 -11.97 22.34
C GLY A 441 -30.20 -12.02 22.86
N SER A 442 -30.39 -11.67 24.13
CA SER A 442 -31.71 -11.55 24.71
C SER A 442 -32.30 -10.17 24.51
N SER A 443 -31.83 -9.46 23.49
CA SER A 443 -32.28 -8.10 23.19
C SER A 443 -32.78 -8.04 21.76
N ALA A 444 -33.64 -7.06 21.50
CA ALA A 444 -34.22 -6.84 20.18
C ALA A 444 -33.88 -5.43 19.72
N LEU A 445 -33.19 -5.33 18.60
CA LEU A 445 -32.91 -4.03 18.01
C LEU A 445 -34.05 -3.65 17.08
N TYR A 446 -34.56 -2.43 17.22
CA TYR A 446 -35.68 -1.98 16.42
C TYR A 446 -35.50 -0.53 16.03
N VAL A 447 -35.80 -0.22 14.77
CA VAL A 447 -35.74 1.17 14.30
C VAL A 447 -36.84 1.96 14.97
N GLN A 448 -36.48 3.08 15.59
CA GLN A 448 -37.49 3.96 16.15
C GLN A 448 -38.33 4.56 15.02
N ALA A 449 -39.61 4.81 15.32
CA ALA A 449 -40.53 5.37 14.34
C ALA A 449 -39.96 6.65 13.76
N ARG A 450 -40.26 6.91 12.49
CA ARG A 450 -39.80 8.05 11.68
C ARG A 450 -38.34 7.89 11.28
N GLY A 451 -37.75 6.70 11.44
CA GLY A 451 -36.37 6.50 11.08
C GLY A 451 -35.41 7.36 11.89
N THR A 452 -34.17 7.48 11.44
CA THR A 452 -33.14 8.38 11.92
C THR A 452 -32.61 8.00 13.31
N VAL A 453 -33.21 7.02 13.99
CA VAL A 453 -32.83 6.66 15.34
C VAL A 453 -32.89 5.15 15.48
N ILE A 454 -31.91 4.57 16.16
CA ILE A 454 -31.84 3.14 16.39
C ILE A 454 -31.92 2.91 17.89
N ARG A 455 -32.91 2.11 18.32
CA ARG A 455 -33.13 1.80 19.72
C ARG A 455 -33.10 0.29 19.92
N ASP A 456 -32.45 -0.15 20.99
CA ASP A 456 -32.51 -1.56 21.37
C ASP A 456 -33.59 -1.79 22.41
N LEU A 457 -33.94 -3.06 22.59
CA LEU A 457 -35.02 -3.43 23.50
C LEU A 457 -34.68 -4.72 24.21
N ALA A 458 -34.85 -4.73 25.53
CA ALA A 458 -34.57 -5.90 26.35
C ALA A 458 -35.16 -5.67 27.73
N TYR A 459 -35.22 -6.73 28.52
CA TYR A 459 -35.73 -6.64 29.88
C TYR A 459 -34.77 -5.83 30.75
N SER A 460 -35.28 -5.35 31.88
CA SER A 460 -34.48 -4.54 32.78
C SER A 460 -35.04 -4.68 34.18
N PHE A 461 -34.28 -5.31 35.08
CA PHE A 461 -34.70 -5.47 36.47
C PHE A 461 -34.36 -4.17 37.21
N GLU A 462 -34.89 -3.07 36.68
CA GLU A 462 -34.88 -1.78 37.34
C GLU A 462 -36.29 -1.20 37.27
N LEU A 463 -36.99 -1.53 36.19
CA LEU A 463 -38.34 -1.06 35.96
C LEU A 463 -39.33 -2.19 35.72
N ASP A 464 -38.88 -3.45 35.77
CA ASP A 464 -39.73 -4.62 35.53
C ASP A 464 -40.47 -4.50 34.20
N GLY A 465 -39.77 -4.01 33.19
CA GLY A 465 -40.37 -3.84 31.89
C GLY A 465 -39.36 -3.69 30.77
N TYR A 466 -39.63 -4.33 29.63
CA TYR A 466 -38.76 -4.22 28.47
C TYR A 466 -38.55 -2.77 28.07
N THR A 467 -37.30 -2.32 28.14
CA THR A 467 -36.94 -0.96 27.73
C THR A 467 -35.50 -0.98 27.27
N GLY A 468 -35.12 0.06 26.54
CA GLY A 468 -33.79 0.14 25.97
C GLY A 468 -33.29 1.56 25.88
N ASP A 469 -32.07 1.70 25.39
CA ASP A 469 -31.41 2.99 25.26
C ASP A 469 -30.99 3.21 23.81
N ASP A 470 -30.78 4.48 23.47
CA ASP A 470 -30.41 4.85 22.11
C ASP A 470 -29.04 4.30 21.75
N LEU A 471 -28.86 3.97 20.47
CA LEU A 471 -27.57 3.59 19.93
C LEU A 471 -27.01 4.64 18.98
N THR A 472 -27.83 5.61 18.58
CA THR A 472 -27.42 6.66 17.65
C THR A 472 -26.95 7.92 18.38
N ILE A 473 -26.82 7.87 19.71
CA ILE A 473 -26.49 9.07 20.46
C ILE A 473 -25.09 9.58 20.11
N PHE A 474 -24.17 8.66 19.81
CA PHE A 474 -22.78 9.03 19.57
C PHE A 474 -22.47 9.24 18.09
N SER A 475 -23.34 8.79 17.19
CA SER A 475 -23.09 8.95 15.76
C SER A 475 -24.36 9.38 15.04
N ASN A 476 -25.08 10.34 15.62
CA ASN A 476 -26.32 10.81 15.00
C ASN A 476 -26.07 11.44 13.64
N HIS A 477 -24.88 12.01 13.43
CA HIS A 477 -24.60 12.66 12.15
C HIS A 477 -24.70 11.69 10.99
N LEU A 478 -24.38 10.42 11.23
CA LEU A 478 -24.47 9.41 10.18
C LEU A 478 -25.91 9.08 9.84
N LEU A 479 -26.87 9.50 10.63
CA LEU A 479 -28.24 9.08 10.37
C LEU A 479 -29.26 10.20 10.44
N LYS A 480 -28.93 11.32 11.10
CA LYS A 480 -29.94 12.31 11.45
C LYS A 480 -30.72 12.82 10.25
N ASP A 481 -30.03 13.31 9.22
CA ASP A 481 -30.70 13.80 8.03
C ASP A 481 -30.78 12.70 6.96
N TYR A 482 -31.23 11.53 7.40
CA TYR A 482 -31.33 10.35 6.54
C TYR A 482 -32.30 9.39 7.21
N THR A 483 -32.73 8.38 6.44
CA THR A 483 -33.67 7.40 6.93
C THR A 483 -33.16 6.00 6.62
N ILE A 484 -33.24 5.10 7.60
CA ILE A 484 -32.78 3.72 7.45
C ILE A 484 -33.67 3.01 6.45
N LYS A 485 -33.06 2.20 5.59
CA LYS A 485 -33.79 1.43 4.58
C LYS A 485 -33.87 -0.06 4.90
N ASP A 486 -32.83 -0.64 5.47
CA ASP A 486 -32.81 -2.08 5.74
C ASP A 486 -31.84 -2.37 6.87
N TRP A 487 -31.61 -3.67 7.11
CA TRP A 487 -30.86 -4.17 8.25
C TRP A 487 -30.34 -5.57 7.97
N ALA A 488 -29.45 -6.03 8.86
CA ALA A 488 -28.94 -7.40 8.89
C ALA A 488 -28.02 -7.52 10.12
N TYR A 489 -27.66 -8.76 10.45
CA TYR A 489 -26.88 -9.03 11.66
C TYR A 489 -25.98 -10.23 11.41
N ALA A 490 -24.73 -9.97 11.05
CA ALA A 490 -23.77 -11.04 10.75
C ALA A 490 -22.95 -11.37 12.00
N GLN A 491 -23.60 -12.10 12.91
CA GLN A 491 -23.08 -12.24 14.26
C GLN A 491 -21.78 -13.03 14.32
N GLU A 492 -21.55 -13.94 13.37
CA GLU A 492 -20.47 -14.90 13.54
C GLU A 492 -19.08 -14.29 13.42
N PRO A 493 -18.69 -13.68 12.30
CA PRO A 493 -17.31 -13.14 12.25
C PRO A 493 -17.14 -11.92 13.13
N ASP A 494 -18.14 -11.06 13.19
CA ASP A 494 -18.11 -9.84 13.99
C ASP A 494 -19.54 -9.32 14.14
N SER A 495 -19.96 -9.04 15.37
CA SER A 495 -21.36 -8.73 15.64
C SER A 495 -21.68 -7.38 15.01
N VAL A 496 -21.81 -7.38 13.70
CA VAL A 496 -21.96 -6.18 12.89
C VAL A 496 -23.38 -6.12 12.34
N VAL A 497 -23.94 -4.92 12.34
CA VAL A 497 -25.28 -4.66 11.82
C VAL A 497 -25.12 -3.77 10.60
N TRP A 498 -25.39 -4.30 9.42
CA TRP A 498 -25.31 -3.52 8.19
C TRP A 498 -26.66 -2.89 7.88
N LEU A 499 -26.64 -1.60 7.60
CA LEU A 499 -27.87 -0.88 7.27
C LEU A 499 -27.57 0.15 6.19
N VAL A 500 -28.62 0.55 5.49
CA VAL A 500 -28.52 1.41 4.32
C VAL A 500 -29.28 2.71 4.57
N ARG A 501 -28.65 3.82 4.23
CA ARG A 501 -29.02 5.15 4.69
C ARG A 501 -30.12 5.81 3.86
N SER A 502 -30.62 5.14 2.82
CA SER A 502 -31.54 5.67 1.82
C SER A 502 -30.82 6.64 0.88
N ASP A 503 -29.58 7.00 1.18
CA ASP A 503 -28.70 7.71 0.26
C ASP A 503 -27.97 6.75 -0.65
N GLY A 504 -28.03 5.45 -0.37
CA GLY A 504 -27.17 4.49 -1.02
C GLY A 504 -25.90 4.20 -0.26
N ALA A 505 -25.73 4.79 0.92
CA ALA A 505 -24.54 4.60 1.73
C ALA A 505 -24.79 3.52 2.78
N LEU A 506 -23.82 2.62 2.93
CA LEU A 506 -23.92 1.52 3.87
C LEU A 506 -23.18 1.88 5.16
N LEU A 507 -23.83 1.65 6.29
CA LEU A 507 -23.22 1.86 7.60
C LEU A 507 -23.23 0.54 8.37
N SER A 508 -22.29 0.41 9.30
CA SER A 508 -22.15 -0.81 10.07
C SER A 508 -22.08 -0.50 11.56
N MET A 509 -22.66 -1.39 12.35
CA MET A 509 -22.56 -1.41 13.80
C MET A 509 -21.49 -2.42 14.21
N THR A 510 -21.14 -2.39 15.49
CA THR A 510 -20.36 -3.45 16.12
C THR A 510 -20.98 -3.81 17.46
N TYR A 511 -22.29 -4.00 17.46
CA TYR A 511 -23.05 -4.09 18.71
C TYR A 511 -22.68 -5.34 19.50
N GLN A 512 -22.38 -5.15 20.78
CA GLN A 512 -22.21 -6.27 21.71
C GLN A 512 -22.60 -5.74 23.09
N ARG A 513 -23.85 -6.01 23.48
CA ARG A 513 -24.37 -5.45 24.73
C ARG A 513 -23.61 -5.98 25.94
N GLU A 514 -23.24 -7.26 25.92
CA GLU A 514 -22.57 -7.87 27.06
C GLU A 514 -21.22 -7.24 27.34
N GLN A 515 -20.61 -6.62 26.32
CA GLN A 515 -19.31 -5.97 26.47
C GLN A 515 -19.37 -4.47 26.22
N GLN A 516 -20.57 -3.90 26.13
CA GLN A 516 -20.79 -2.47 25.95
C GLN A 516 -19.92 -1.90 24.82
N VAL A 517 -20.18 -2.39 23.61
CA VAL A 517 -19.47 -1.94 22.41
C VAL A 517 -20.50 -1.54 21.38
N VAL A 518 -20.50 -0.25 21.03
CA VAL A 518 -21.36 0.27 19.97
C VAL A 518 -20.52 1.13 19.04
N ALA A 519 -20.02 0.53 17.96
CA ALA A 519 -19.11 1.19 17.04
C ALA A 519 -19.79 1.39 15.70
N TRP A 520 -19.82 2.63 15.23
CA TRP A 520 -20.35 2.96 13.93
C TRP A 520 -19.22 3.06 12.90
N ALA A 521 -19.59 2.97 11.63
CA ALA A 521 -18.60 3.01 10.56
C ALA A 521 -19.30 3.36 9.26
N ARG A 522 -18.95 4.52 8.69
CA ARG A 522 -19.45 4.89 7.38
C ARG A 522 -18.71 4.14 6.29
N HIS A 523 -19.45 3.56 5.36
CA HIS A 523 -18.87 2.84 4.24
C HIS A 523 -19.34 3.47 2.93
N ASP A 524 -18.75 3.02 1.83
CA ASP A 524 -19.11 3.51 0.51
C ASP A 524 -18.51 2.60 -0.53
N THR A 525 -19.00 2.75 -1.76
CA THR A 525 -18.45 2.06 -2.92
C THR A 525 -18.34 3.06 -4.07
N VAL A 526 -17.41 2.78 -4.98
CA VAL A 526 -17.14 3.70 -6.09
C VAL A 526 -18.25 3.54 -7.13
N ASP A 527 -18.86 4.67 -7.50
CA ASP A 527 -19.90 4.70 -8.54
C ASP A 527 -21.06 3.78 -8.20
N GLY A 528 -21.50 3.78 -6.94
CA GLY A 528 -22.53 2.84 -6.57
C GLY A 528 -23.38 3.31 -5.40
N GLU A 529 -24.53 2.65 -5.28
CA GLU A 529 -25.45 2.86 -4.16
C GLU A 529 -25.93 1.50 -3.70
N PHE A 530 -26.29 1.41 -2.41
CA PHE A 530 -26.80 0.19 -1.83
C PHE A 530 -28.32 0.26 -1.70
N GLU A 531 -28.98 -0.88 -1.85
CA GLU A 531 -30.44 -0.94 -1.86
C GLU A 531 -31.01 -1.76 -0.72
N SER A 532 -30.62 -3.03 -0.59
CA SER A 532 -31.14 -3.89 0.46
C SER A 532 -30.04 -4.84 0.90
N VAL A 533 -30.16 -5.37 2.12
CA VAL A 533 -29.11 -6.18 2.73
C VAL A 533 -29.74 -7.29 3.55
N ALA A 534 -29.18 -8.49 3.44
CA ALA A 534 -29.59 -9.61 4.26
C ALA A 534 -28.42 -10.58 4.40
N VAL A 535 -28.46 -11.39 5.47
CA VAL A 535 -27.43 -12.36 5.77
C VAL A 535 -28.05 -13.74 5.92
N ILE A 536 -27.28 -14.77 5.57
CA ILE A 536 -27.72 -16.16 5.66
C ILE A 536 -26.62 -16.97 6.36
N ALA A 537 -26.78 -18.29 6.34
CA ALA A 537 -25.86 -19.16 7.08
C ALA A 537 -24.49 -19.21 6.39
N GLU A 538 -24.44 -19.73 5.17
CA GLU A 538 -23.20 -19.82 4.40
C GLU A 538 -22.09 -20.51 5.18
N GLY A 539 -22.30 -21.78 5.48
CA GLY A 539 -21.26 -22.59 6.13
C GLY A 539 -21.06 -22.19 7.59
N SER A 540 -19.92 -21.56 7.86
CA SER A 540 -19.55 -21.14 9.21
C SER A 540 -19.21 -19.66 9.25
N ARG A 541 -19.93 -18.86 8.46
CA ARG A 541 -19.66 -17.43 8.38
C ARG A 541 -20.90 -16.73 7.85
N ASP A 542 -21.50 -15.86 8.66
CA ASP A 542 -22.66 -15.09 8.20
C ASP A 542 -22.26 -14.19 7.05
N VAL A 543 -22.77 -14.47 5.86
CA VAL A 543 -22.40 -13.73 4.66
C VAL A 543 -23.53 -12.78 4.28
N PRO A 544 -23.34 -11.46 4.42
CA PRO A 544 -24.37 -10.52 3.98
C PRO A 544 -24.55 -10.58 2.48
N TYR A 545 -25.77 -10.30 2.03
CA TYR A 545 -26.09 -10.18 0.62
C TYR A 545 -26.74 -8.82 0.39
N ALA A 546 -26.24 -8.08 -0.59
CA ALA A 546 -26.65 -6.70 -0.79
C ALA A 546 -27.03 -6.46 -2.24
N ILE A 547 -27.96 -5.53 -2.43
CA ILE A 547 -28.31 -5.03 -3.76
C ILE A 547 -27.60 -3.70 -3.96
N VAL A 548 -26.80 -3.60 -5.02
CA VAL A 548 -25.98 -2.42 -5.26
C VAL A 548 -26.36 -1.82 -6.60
N LYS A 549 -26.90 -0.60 -6.57
CA LYS A 549 -27.08 0.19 -7.77
C LYS A 549 -25.75 0.70 -8.27
N ARG A 550 -25.60 0.76 -9.59
CA ARG A 550 -24.36 1.26 -10.19
C ARG A 550 -24.70 1.97 -11.49
N GLN A 551 -23.75 2.77 -11.96
CA GLN A 551 -23.91 3.58 -13.16
C GLN A 551 -23.04 3.06 -14.31
N VAL A 552 -22.97 1.73 -14.46
CA VAL A 552 -22.12 1.14 -15.48
C VAL A 552 -22.63 1.53 -16.86
N GLY A 553 -21.74 2.11 -17.66
CA GLY A 553 -22.09 2.47 -19.03
C GLY A 553 -23.22 3.47 -19.14
N GLY A 554 -23.31 4.41 -18.20
CA GLY A 554 -24.37 5.41 -18.26
C GLY A 554 -25.75 4.86 -18.04
N GLU A 555 -25.87 3.69 -17.43
CA GLU A 555 -27.16 3.09 -17.12
C GLU A 555 -27.16 2.66 -15.65
N THR A 556 -28.33 2.73 -15.03
CA THR A 556 -28.47 2.40 -13.61
C THR A 556 -28.77 0.91 -13.49
N VAL A 557 -27.71 0.11 -13.46
CA VAL A 557 -27.84 -1.34 -13.30
C VAL A 557 -28.00 -1.67 -11.83
N ARG A 558 -28.41 -2.91 -11.54
CA ARG A 558 -28.54 -3.39 -10.17
C ARG A 558 -27.93 -4.78 -10.09
N TYR A 559 -26.90 -4.93 -9.26
CA TYR A 559 -26.18 -6.19 -9.14
C TYR A 559 -26.47 -6.84 -7.80
N ILE A 560 -26.17 -8.14 -7.72
CA ILE A 560 -26.23 -8.88 -6.47
C ILE A 560 -24.83 -8.90 -5.88
N GLU A 561 -24.75 -8.71 -4.56
CA GLU A 561 -23.47 -8.55 -3.92
C GLU A 561 -23.45 -9.37 -2.64
N TYR A 562 -22.26 -9.79 -2.23
CA TYR A 562 -22.10 -10.43 -0.93
C TYR A 562 -20.68 -10.21 -0.42
N LEU A 563 -20.58 -9.86 0.86
CA LEU A 563 -19.29 -9.52 1.45
C LEU A 563 -18.42 -10.76 1.59
N ASP A 564 -17.16 -10.63 1.18
CA ASP A 564 -16.24 -11.76 1.14
C ASP A 564 -15.76 -12.10 2.55
N SER A 565 -14.83 -13.04 2.63
CA SER A 565 -14.30 -13.49 3.90
C SER A 565 -13.00 -12.77 4.22
N ARG A 566 -12.76 -12.55 5.51
CA ARG A 566 -11.51 -11.97 5.99
C ARG A 566 -10.50 -13.03 6.38
N ARG A 567 -10.71 -14.27 5.96
CA ARG A 567 -9.81 -15.37 6.29
C ARG A 567 -8.79 -15.54 5.18
N PHE A 568 -7.52 -15.25 5.50
CA PHE A 568 -6.45 -15.40 4.52
C PHE A 568 -5.14 -15.51 5.29
N SER A 569 -4.49 -16.67 5.21
CA SER A 569 -3.19 -16.82 5.83
C SER A 569 -2.08 -16.19 5.00
N HIS A 570 -2.35 -15.91 3.72
CA HIS A 570 -1.39 -15.24 2.84
C HIS A 570 -2.07 -14.05 2.20
N VAL A 571 -1.30 -13.00 1.95
CA VAL A 571 -1.84 -11.78 1.37
C VAL A 571 -2.42 -12.06 -0.02
N GLU A 572 -1.89 -13.04 -0.72
CA GLU A 572 -2.37 -13.35 -2.06
C GLU A 572 -3.83 -13.81 -2.05
N ASP A 573 -4.32 -14.26 -0.90
CA ASP A 573 -5.71 -14.69 -0.78
C ASP A 573 -6.66 -13.56 -0.44
N PHE A 574 -6.15 -12.35 -0.23
CA PHE A 574 -7.00 -11.24 0.18
C PHE A 574 -7.89 -10.79 -0.97
N PHE A 575 -8.92 -10.01 -0.62
CA PHE A 575 -9.92 -9.57 -1.58
C PHE A 575 -10.47 -8.23 -1.12
N CYS A 576 -10.08 -7.15 -1.79
CA CYS A 576 -10.48 -5.81 -1.39
C CYS A 576 -10.95 -5.00 -2.60
N VAL A 577 -11.81 -5.58 -3.42
CA VAL A 577 -12.35 -4.91 -4.60
C VAL A 577 -13.86 -5.07 -4.60
N ASP A 578 -14.57 -3.99 -4.94
CA ASP A 578 -16.02 -4.05 -4.99
C ASP A 578 -16.49 -4.67 -6.30
N SER A 579 -17.48 -5.55 -6.21
CA SER A 579 -18.05 -6.25 -7.36
C SER A 579 -16.95 -6.93 -8.17
N GLY A 580 -16.00 -7.54 -7.46
CA GLY A 580 -14.84 -8.16 -8.08
C GLY A 580 -15.01 -9.66 -8.20
N LEU A 581 -14.41 -10.21 -9.25
CA LEU A 581 -14.38 -11.65 -9.44
C LEU A 581 -12.99 -12.19 -9.11
N THR A 582 -12.90 -13.51 -8.96
CA THR A 582 -11.65 -14.19 -8.66
C THR A 582 -11.36 -15.23 -9.73
N TYR A 583 -10.08 -15.32 -10.10
CA TYR A 583 -9.63 -16.24 -11.14
C TYR A 583 -8.61 -17.22 -10.58
N ASP A 584 -8.83 -17.67 -9.34
CA ASP A 584 -7.90 -18.57 -8.69
C ASP A 584 -7.87 -19.91 -9.41
N GLY A 585 -6.69 -20.53 -9.43
CA GLY A 585 -6.51 -21.82 -10.04
C GLY A 585 -5.61 -22.75 -9.25
N ARG A 586 -5.59 -22.60 -7.92
CA ARG A 586 -4.76 -23.43 -7.06
C ARG A 586 -5.41 -24.80 -6.84
N SER A 587 -5.60 -25.51 -7.94
CA SER A 587 -6.19 -26.84 -7.88
C SER A 587 -5.18 -27.85 -7.35
N SER A 588 -5.63 -28.70 -6.42
CA SER A 588 -4.81 -29.77 -5.89
C SER A 588 -5.60 -31.06 -5.73
N THR A 589 -6.59 -31.27 -6.60
CA THR A 589 -7.50 -32.42 -6.50
C THR A 589 -6.85 -33.62 -7.20
N GLY A 590 -6.06 -34.37 -6.44
CA GLY A 590 -5.42 -35.56 -6.96
C GLY A 590 -4.33 -35.29 -7.97
N ALA A 591 -3.99 -34.01 -8.15
CA ALA A 591 -2.97 -33.58 -9.10
C ALA A 591 -1.86 -32.92 -8.30
N LEU A 592 -0.91 -33.72 -7.83
CA LEU A 592 0.25 -33.22 -7.12
C LEU A 592 1.48 -33.36 -8.01
N LEU A 593 2.17 -32.25 -8.24
CA LEU A 593 3.24 -32.20 -9.21
C LEU A 593 4.61 -32.36 -8.55
N THR A 594 5.58 -32.71 -9.37
CA THR A 594 6.97 -32.83 -8.95
C THR A 594 7.85 -32.60 -10.17
N ILE A 595 8.81 -31.69 -10.05
CA ILE A 595 9.69 -31.33 -11.16
C ILE A 595 10.91 -32.24 -11.10
N GLY A 596 11.19 -32.92 -12.21
CA GLY A 596 12.33 -33.81 -12.26
C GLY A 596 13.34 -33.43 -13.32
N GLY A 597 14.13 -34.40 -13.77
CA GLY A 597 15.17 -34.13 -14.76
C GLY A 597 16.25 -33.20 -14.26
N GLY A 598 16.67 -33.37 -13.02
CA GLY A 598 17.59 -32.46 -12.37
C GLY A 598 16.94 -31.71 -11.23
N THR A 599 17.78 -31.21 -10.32
CA THR A 599 17.31 -30.58 -9.10
C THR A 599 18.15 -29.35 -8.80
N ASN A 600 17.47 -28.26 -8.44
CA ASN A 600 18.12 -27.02 -8.02
C ASN A 600 19.04 -26.47 -9.11
N TRP A 601 18.44 -26.11 -10.23
CA TRP A 601 19.16 -25.56 -11.36
C TRP A 601 18.68 -24.15 -11.65
N THR A 602 19.26 -23.54 -12.69
CA THR A 602 19.17 -22.11 -12.94
C THR A 602 18.62 -21.84 -14.34
N THR A 603 17.51 -22.51 -14.67
CA THR A 603 16.81 -22.35 -15.95
C THR A 603 17.69 -22.80 -17.12
N ASP A 604 17.10 -22.87 -18.31
CA ASP A 604 17.81 -23.30 -19.52
C ASP A 604 18.49 -24.65 -19.29
N GLU A 605 17.79 -25.53 -18.57
CA GLU A 605 18.37 -26.78 -18.12
C GLU A 605 17.60 -28.01 -18.53
N ASP A 606 16.47 -27.86 -19.23
CA ASP A 606 15.64 -28.98 -19.68
C ASP A 606 15.10 -29.78 -18.47
N LEU A 607 14.53 -29.06 -17.52
CA LEU A 607 13.96 -29.70 -16.34
C LEU A 607 12.68 -30.42 -16.70
N THR A 608 12.46 -31.57 -16.08
CA THR A 608 11.29 -32.40 -16.33
C THR A 608 10.25 -32.15 -15.25
N LEU A 609 8.98 -32.12 -15.65
CA LEU A 609 7.87 -31.98 -14.72
C LEU A 609 6.91 -33.15 -14.90
N THR A 610 6.44 -33.71 -13.78
CA THR A 610 5.55 -34.85 -13.80
C THR A 610 4.30 -34.54 -12.99
N ALA A 611 3.22 -35.25 -13.32
CA ALA A 611 1.95 -35.10 -12.62
C ALA A 611 1.45 -36.46 -12.17
N SER A 612 0.69 -36.46 -11.07
CA SER A 612 0.20 -37.71 -10.49
C SER A 612 -0.77 -38.41 -11.43
N ALA A 613 -1.71 -37.66 -12.01
CA ALA A 613 -2.74 -38.24 -12.87
C ALA A 613 -3.00 -37.28 -14.02
N SER A 614 -2.42 -37.57 -15.18
CA SER A 614 -2.58 -36.78 -16.40
C SER A 614 -2.36 -35.29 -16.14
N SER A 615 -3.44 -34.51 -16.22
CA SER A 615 -3.47 -33.07 -15.97
C SER A 615 -2.59 -32.28 -16.92
N PHE A 616 -2.11 -32.89 -18.01
CA PHE A 616 -1.34 -32.19 -19.02
C PHE A 616 -1.81 -32.60 -20.40
N SER A 617 -1.77 -31.65 -21.32
CA SER A 617 -2.18 -31.86 -22.71
C SER A 617 -1.25 -31.08 -23.62
N PRO A 618 -1.08 -31.54 -24.87
CA PRO A 618 -0.20 -30.80 -25.79
C PRO A 618 -0.66 -29.37 -26.04
N SER A 619 -1.97 -29.11 -25.94
CA SER A 619 -2.46 -27.75 -26.13
C SER A 619 -1.97 -26.82 -25.02
N ASP A 620 -1.62 -27.38 -23.86
CA ASP A 620 -1.15 -26.57 -22.74
C ASP A 620 0.30 -26.12 -22.90
N VAL A 621 0.96 -26.49 -24.01
CA VAL A 621 2.34 -26.08 -24.21
C VAL A 621 2.41 -24.57 -24.32
N GLY A 622 3.50 -24.00 -23.80
CA GLY A 622 3.67 -22.56 -23.77
C GLY A 622 2.98 -21.87 -22.62
N ARG A 623 2.19 -22.59 -21.83
CA ARG A 623 1.51 -22.04 -20.66
C ARG A 623 2.31 -22.33 -19.40
N ARG A 624 2.40 -21.32 -18.53
CA ARG A 624 3.27 -21.36 -17.37
C ARG A 624 2.54 -21.99 -16.19
N VAL A 625 3.23 -22.86 -15.47
CA VAL A 625 2.66 -23.58 -14.35
C VAL A 625 3.48 -23.28 -13.09
N ARG A 626 2.81 -22.82 -12.05
CA ARG A 626 3.45 -22.61 -10.75
C ARG A 626 3.33 -23.87 -9.92
N VAL A 627 4.32 -24.09 -9.06
CA VAL A 627 4.32 -25.22 -8.13
C VAL A 627 4.53 -24.65 -6.73
N TYR A 628 3.59 -24.92 -5.84
CA TYR A 628 3.65 -24.42 -4.48
C TYR A 628 4.17 -25.49 -3.52
N THR A 629 4.80 -25.02 -2.45
CA THR A 629 5.17 -25.88 -1.32
C THR A 629 5.30 -24.98 -0.11
N GLY A 630 4.36 -25.12 0.82
CA GLY A 630 4.32 -24.19 1.94
C GLY A 630 4.14 -22.77 1.43
N ASP A 631 5.08 -21.91 1.78
CA ASP A 631 5.06 -20.53 1.30
C ASP A 631 5.83 -20.36 0.00
N LYS A 632 6.92 -21.10 -0.18
CA LYS A 632 7.76 -20.95 -1.35
C LYS A 632 7.06 -21.44 -2.61
N PHE A 633 7.50 -20.93 -3.75
CA PHE A 633 6.92 -21.27 -5.04
C PHE A 633 7.99 -21.25 -6.10
N ALA A 634 7.64 -21.74 -7.30
CA ALA A 634 8.52 -21.68 -8.45
C ALA A 634 7.68 -21.61 -9.71
N ASP A 635 8.28 -21.09 -10.77
CA ASP A 635 7.60 -20.93 -12.05
C ASP A 635 8.41 -21.60 -13.15
N VAL A 636 7.75 -22.40 -13.97
CA VAL A 636 8.38 -23.10 -15.08
C VAL A 636 7.47 -23.02 -16.29
N ASP A 637 8.08 -22.89 -17.48
CA ASP A 637 7.35 -22.79 -18.73
C ASP A 637 7.30 -24.15 -19.42
N VAL A 638 6.12 -24.53 -19.90
CA VAL A 638 5.98 -25.77 -20.65
C VAL A 638 6.50 -25.57 -22.07
N ASP A 639 7.46 -26.40 -22.47
CA ASP A 639 8.11 -26.27 -23.77
C ASP A 639 7.75 -27.39 -24.74
N ALA A 640 7.57 -28.61 -24.22
CA ALA A 640 7.26 -29.75 -25.08
C ALA A 640 6.37 -30.72 -24.32
N TYR A 641 5.63 -31.52 -25.08
CA TYR A 641 4.73 -32.54 -24.53
C TYR A 641 5.46 -33.88 -24.58
N VAL A 642 5.88 -34.38 -23.42
CA VAL A 642 6.45 -35.71 -23.36
C VAL A 642 5.37 -36.77 -23.16
N SER A 643 4.42 -36.52 -22.26
CA SER A 643 3.30 -37.43 -22.04
C SER A 643 2.20 -36.63 -21.34
N ALA A 644 1.03 -37.25 -21.23
CA ALA A 644 -0.08 -36.62 -20.52
C ALA A 644 0.24 -36.40 -19.05
N THR A 645 1.20 -37.15 -18.50
CA THR A 645 1.62 -37.00 -17.11
C THR A 645 2.99 -36.36 -16.97
N SER A 646 3.96 -36.77 -17.77
CA SER A 646 5.32 -36.24 -17.71
C SER A 646 5.56 -35.27 -18.86
N VAL A 647 6.16 -34.13 -18.54
CA VAL A 647 6.49 -33.10 -19.53
C VAL A 647 7.81 -32.47 -19.14
N ALA A 648 8.38 -31.73 -20.10
CA ALA A 648 9.60 -30.96 -19.88
C ALA A 648 9.23 -29.50 -19.69
N VAL A 649 9.84 -28.85 -18.70
CA VAL A 649 9.54 -27.47 -18.38
C VAL A 649 10.84 -26.70 -18.19
N SER A 650 10.84 -25.44 -18.64
CA SER A 650 11.98 -24.55 -18.48
C SER A 650 11.67 -23.55 -17.38
N ALA A 651 12.55 -23.46 -16.38
CA ALA A 651 12.31 -22.60 -15.24
C ALA A 651 12.39 -21.13 -15.65
N VAL A 652 11.70 -20.29 -14.88
CA VAL A 652 11.80 -18.85 -15.04
C VAL A 652 12.64 -18.22 -13.94
N ARG A 653 12.78 -18.89 -12.80
CA ARG A 653 13.72 -18.51 -11.74
C ARG A 653 14.31 -19.81 -11.20
N ILE A 654 15.35 -19.69 -10.37
CA ILE A 654 15.84 -20.89 -9.71
C ILE A 654 14.75 -21.46 -8.85
N VAL A 655 14.47 -22.75 -9.03
CA VAL A 655 13.51 -23.42 -8.16
C VAL A 655 14.11 -23.53 -6.77
N PRO A 656 13.46 -22.97 -5.74
CA PRO A 656 14.07 -22.96 -4.40
C PRO A 656 14.38 -24.37 -3.91
N GLU A 657 15.47 -24.49 -3.15
CA GLU A 657 15.96 -25.80 -2.74
C GLU A 657 14.93 -26.55 -1.91
N GLU A 658 14.26 -25.85 -1.00
CA GLU A 658 13.21 -26.49 -0.20
C GLU A 658 11.96 -26.79 -1.01
N LEU A 659 12.04 -26.55 -2.32
CA LEU A 659 10.90 -26.83 -3.23
C LEU A 659 11.42 -27.74 -4.37
N ARG A 660 12.12 -28.82 -4.01
CA ARG A 660 12.69 -29.74 -5.03
C ARG A 660 12.44 -31.19 -4.62
N GLY A 661 12.24 -32.08 -5.59
CA GLY A 661 12.00 -33.51 -5.29
C GLY A 661 10.67 -33.71 -4.58
N VAL A 662 10.58 -33.27 -3.32
CA VAL A 662 9.33 -33.37 -2.57
C VAL A 662 8.18 -32.91 -3.45
N GLN A 663 7.03 -33.54 -3.27
CA GLN A 663 5.88 -33.29 -4.13
C GLN A 663 5.14 -32.04 -3.66
N GLY A 664 4.99 -31.08 -4.55
CA GLY A 664 4.30 -29.83 -4.23
C GLY A 664 2.87 -30.04 -3.78
N ASP A 665 2.49 -29.38 -2.68
CA ASP A 665 1.16 -29.60 -2.11
C ASP A 665 0.06 -29.11 -3.02
N ARG A 666 0.32 -28.07 -3.82
CA ARG A 666 -0.66 -27.57 -4.76
C ARG A 666 0.06 -26.86 -5.89
N TRP A 667 -0.65 -26.66 -7.00
CA TRP A 667 -0.09 -26.03 -8.18
C TRP A 667 -1.22 -25.31 -8.92
N GLY A 668 -0.97 -24.95 -10.18
CA GLY A 668 -1.98 -24.29 -11.01
C GLY A 668 -1.40 -23.42 -12.11
N PHE A 669 -2.10 -23.33 -13.23
CA PHE A 669 -1.64 -22.49 -14.33
C PHE A 669 -1.79 -21.01 -13.98
N MET A 670 -1.20 -20.18 -14.82
CA MET A 670 -1.32 -18.74 -14.72
C MET A 670 -1.89 -18.18 -16.01
N ALA A 671 -2.76 -17.19 -15.89
CA ALA A 671 -3.37 -16.54 -17.02
C ALA A 671 -2.87 -15.11 -17.13
N LYS A 672 -3.10 -14.51 -18.29
CA LYS A 672 -2.70 -13.13 -18.52
C LYS A 672 -3.88 -12.30 -19.01
N THR A 673 -4.76 -12.92 -19.79
CA THR A 673 -5.98 -12.27 -20.26
C THR A 673 -7.16 -12.85 -19.48
N LEU A 674 -7.99 -11.97 -18.93
CA LEU A 674 -9.10 -12.35 -18.08
C LEU A 674 -10.39 -11.84 -18.71
N THR A 675 -11.40 -12.71 -18.75
CA THR A 675 -12.68 -12.41 -19.40
C THR A 675 -13.80 -12.51 -18.38
N GLY A 676 -15.04 -12.39 -18.87
CA GLY A 676 -16.20 -12.44 -18.01
C GLY A 676 -16.44 -11.19 -17.19
N LEU A 677 -15.88 -10.05 -17.61
CA LEU A 677 -16.03 -8.80 -16.89
C LEU A 677 -16.96 -7.82 -17.60
N ASP A 678 -17.87 -8.33 -18.43
CA ASP A 678 -18.85 -7.45 -19.08
C ASP A 678 -19.68 -6.70 -18.06
N HIS A 679 -19.88 -7.27 -16.88
CA HIS A 679 -20.64 -6.59 -15.84
C HIS A 679 -19.92 -5.37 -15.30
N LEU A 680 -18.61 -5.28 -15.50
CA LEU A 680 -17.84 -4.08 -15.16
C LEU A 680 -17.29 -3.41 -16.41
N GLU A 681 -18.11 -3.40 -17.47
CA GLU A 681 -17.68 -2.88 -18.76
C GLU A 681 -17.35 -1.40 -18.69
N GLY A 682 -16.08 -1.05 -18.85
CA GLY A 682 -15.66 0.33 -18.85
C GLY A 682 -15.49 0.92 -17.46
N LYS A 683 -14.65 0.28 -16.64
CA LYS A 683 -14.37 0.77 -15.30
C LYS A 683 -12.87 0.71 -15.05
N THR A 684 -12.39 1.62 -14.20
CA THR A 684 -10.97 1.65 -13.82
C THR A 684 -10.73 0.62 -12.72
N VAL A 685 -10.85 -0.65 -13.09
CA VAL A 685 -10.78 -1.74 -12.13
C VAL A 685 -9.36 -1.86 -11.58
N SER A 686 -9.25 -2.21 -10.31
CA SER A 686 -7.97 -2.50 -9.70
C SER A 686 -7.69 -3.99 -9.76
N ILE A 687 -6.40 -4.34 -9.74
CA ILE A 687 -5.96 -5.73 -9.88
C ILE A 687 -5.01 -6.06 -8.74
N LEU A 688 -4.96 -7.35 -8.41
CA LEU A 688 -4.10 -7.85 -7.34
C LEU A 688 -3.64 -9.24 -7.75
N ALA A 689 -2.36 -9.39 -8.09
CA ALA A 689 -1.81 -10.64 -8.60
C ALA A 689 -0.81 -11.19 -7.60
N ASP A 690 -1.13 -12.34 -7.01
CA ASP A 690 -0.21 -13.07 -6.14
C ASP A 690 0.30 -12.18 -5.00
N GLY A 691 -0.58 -11.35 -4.46
CA GLY A 691 -0.21 -10.44 -3.40
C GLY A 691 0.52 -9.20 -3.85
N ASN A 692 0.58 -8.93 -5.15
CA ASN A 692 1.24 -7.75 -5.68
C ASN A 692 0.22 -6.87 -6.41
N VAL A 693 0.26 -5.57 -6.10
CA VAL A 693 -0.61 -4.64 -6.81
C VAL A 693 -0.15 -4.49 -8.25
N HIS A 694 -1.11 -4.49 -9.17
CA HIS A 694 -0.85 -4.32 -10.58
C HIS A 694 -1.43 -2.99 -11.03
N ALA A 695 -0.85 -2.43 -12.08
CA ALA A 695 -1.30 -1.15 -12.58
C ALA A 695 -2.75 -1.26 -13.06
N PRO A 696 -3.60 -0.29 -12.74
CA PRO A 696 -5.01 -0.38 -13.17
C PRO A 696 -5.12 -0.40 -14.69
N GLU A 697 -6.06 -1.19 -15.18
CA GLU A 697 -6.37 -1.25 -16.60
C GLU A 697 -7.88 -1.19 -16.77
N VAL A 698 -8.33 -0.37 -17.71
CA VAL A 698 -9.75 -0.17 -17.92
C VAL A 698 -10.32 -1.38 -18.65
N VAL A 699 -11.42 -1.93 -18.14
CA VAL A 699 -12.08 -3.04 -18.81
C VAL A 699 -12.53 -2.59 -20.18
N THR A 700 -12.02 -3.26 -21.21
CA THR A 700 -12.33 -2.93 -22.60
C THR A 700 -12.85 -4.17 -23.29
N GLY A 701 -14.12 -4.15 -23.70
CA GLY A 701 -14.71 -5.31 -24.33
C GLY A 701 -14.99 -6.45 -23.39
N GLY A 702 -14.71 -6.28 -22.10
CA GLY A 702 -14.87 -7.36 -21.14
C GLY A 702 -13.65 -8.21 -20.95
N GLN A 703 -12.49 -7.76 -21.43
CA GLN A 703 -11.24 -8.49 -21.26
C GLN A 703 -10.20 -7.57 -20.64
N VAL A 704 -9.42 -8.13 -19.71
CA VAL A 704 -8.32 -7.41 -19.07
C VAL A 704 -7.03 -8.19 -19.31
N THR A 705 -6.00 -7.51 -19.78
CA THR A 705 -4.71 -8.11 -20.05
C THR A 705 -3.77 -7.81 -18.88
N LEU A 706 -3.03 -8.82 -18.45
CA LEU A 706 -2.08 -8.64 -17.37
C LEU A 706 -0.67 -8.51 -17.93
N ASP A 707 0.18 -7.79 -17.19
CA ASP A 707 1.56 -7.57 -17.61
C ASP A 707 2.49 -8.72 -17.26
N TYR A 708 2.00 -9.74 -16.56
CA TYR A 708 2.80 -10.91 -16.24
C TYR A 708 1.86 -12.05 -15.91
N SER A 709 2.41 -13.26 -15.84
CA SER A 709 1.65 -14.40 -15.39
C SER A 709 1.30 -14.23 -13.91
N ALA A 710 0.18 -14.84 -13.51
CA ALA A 710 -0.33 -14.66 -12.16
C ALA A 710 -1.26 -15.81 -11.82
N ALA A 711 -0.91 -16.55 -10.76
CA ALA A 711 -1.74 -17.68 -10.35
C ALA A 711 -3.09 -17.22 -9.81
N VAL A 712 -3.08 -16.24 -8.91
CA VAL A 712 -4.30 -15.74 -8.27
C VAL A 712 -4.46 -14.28 -8.62
N VAL A 713 -5.62 -13.92 -9.16
CA VAL A 713 -5.92 -12.54 -9.52
C VAL A 713 -7.28 -12.17 -8.94
N HIS A 714 -7.35 -11.03 -8.26
CA HIS A 714 -8.60 -10.43 -7.84
C HIS A 714 -8.73 -9.09 -8.53
N VAL A 715 -9.77 -8.93 -9.34
CA VAL A 715 -9.96 -7.75 -10.17
C VAL A 715 -11.33 -7.16 -9.90
N GLY A 716 -11.37 -5.86 -9.65
CA GLY A 716 -12.62 -5.19 -9.39
C GLY A 716 -12.40 -3.72 -9.10
N LEU A 717 -13.47 -3.05 -8.68
CA LEU A 717 -13.41 -1.63 -8.40
C LEU A 717 -12.53 -1.38 -7.17
N PRO A 718 -11.74 -0.30 -7.20
CA PRO A 718 -10.87 0.00 -6.06
C PRO A 718 -11.68 0.42 -4.84
N ILE A 719 -11.05 0.26 -3.68
CA ILE A 719 -11.68 0.57 -2.39
C ILE A 719 -10.87 1.68 -1.73
N GLU A 720 -11.57 2.74 -1.31
CA GLU A 720 -10.96 3.86 -0.61
C GLU A 720 -11.31 3.75 0.87
N SER A 721 -10.29 3.62 1.71
CA SER A 721 -10.46 3.44 3.16
C SER A 721 -9.66 4.49 3.90
N ASP A 722 -10.31 5.17 4.85
CA ASP A 722 -9.71 6.30 5.54
C ASP A 722 -9.92 6.19 7.04
N ILE A 723 -8.88 6.52 7.80
CA ILE A 723 -8.97 6.70 9.24
C ILE A 723 -8.30 8.00 9.60
N GLU A 724 -8.99 8.79 10.43
CA GLU A 724 -8.45 10.09 10.82
C GLU A 724 -8.95 10.35 12.24
N THR A 725 -8.03 10.59 13.17
CA THR A 725 -8.35 10.56 14.58
C THR A 725 -8.83 11.92 15.09
N LEU A 726 -9.34 11.91 16.32
CA LEU A 726 -9.84 13.13 16.94
C LEU A 726 -8.71 14.09 17.27
N PRO A 727 -9.00 15.39 17.35
CA PRO A 727 -8.00 16.33 17.84
C PRO A 727 -7.63 16.04 19.28
N ILE A 728 -6.38 16.32 19.64
CA ILE A 728 -5.91 16.07 21.00
C ILE A 728 -6.47 17.13 21.92
N SER A 729 -7.17 16.69 22.97
CA SER A 729 -7.74 17.60 23.95
C SER A 729 -7.93 16.84 25.25
N SER A 730 -8.11 17.59 26.33
CA SER A 730 -8.26 16.99 27.65
C SER A 730 -9.11 17.88 28.54
N SER A 731 -9.60 17.31 29.63
CA SER A 731 -10.46 18.01 30.56
C SER A 731 -9.65 18.92 31.47
N GLY A 732 -10.35 19.69 32.31
CA GLY A 732 -9.67 20.59 33.22
C GLY A 732 -8.94 21.68 32.46
N ALA A 733 -7.63 21.78 32.70
CA ALA A 733 -6.79 22.67 31.92
C ALA A 733 -6.51 22.03 30.57
N THR A 734 -7.27 22.42 29.55
CA THR A 734 -7.21 21.71 28.28
C THR A 734 -5.89 21.98 27.55
N VAL A 735 -5.63 21.15 26.55
CA VAL A 735 -4.52 21.31 25.63
C VAL A 735 -5.00 21.52 24.20
N ARG A 736 -6.32 21.61 24.01
CA ARG A 736 -6.87 21.82 22.67
C ARG A 736 -6.40 23.16 22.10
N ASP A 737 -6.39 24.20 22.92
CA ASP A 737 -5.93 25.50 22.47
C ASP A 737 -4.44 25.50 22.14
N SER A 738 -3.67 24.60 22.76
CA SER A 738 -2.23 24.60 22.56
C SER A 738 -1.87 24.12 21.16
N HIS A 739 -0.85 24.75 20.59
CA HIS A 739 -0.29 24.27 19.33
C HIS A 739 0.31 22.89 19.53
N LYS A 740 0.14 22.02 18.54
CA LYS A 740 0.65 20.66 18.60
C LYS A 740 1.33 20.31 17.28
N ALA A 741 2.24 19.34 17.35
CA ALA A 741 2.99 18.91 16.18
C ALA A 741 3.29 17.42 16.32
N ILE A 742 2.88 16.65 15.31
CA ILE A 742 3.13 15.22 15.26
C ILE A 742 4.24 14.98 14.23
N VAL A 743 5.29 14.27 14.65
CA VAL A 743 6.44 14.00 13.79
C VAL A 743 6.51 12.55 13.36
N GLY A 744 6.22 11.61 14.27
CA GLY A 744 6.26 10.20 13.95
C GLY A 744 5.00 9.52 14.42
N VAL A 745 4.82 8.27 13.97
CA VAL A 745 3.62 7.51 14.30
C VAL A 745 4.01 6.05 14.49
N GLY A 746 3.62 5.48 15.63
CA GLY A 746 3.66 4.05 15.81
C GLY A 746 2.24 3.50 15.73
N ILE A 747 2.02 2.49 14.89
CA ILE A 747 0.67 2.09 14.53
C ILE A 747 0.29 0.75 15.16
N GLN A 748 1.24 -0.20 15.21
CA GLN A 748 0.98 -1.55 15.70
C GLN A 748 0.00 -2.30 14.79
N LEU A 749 0.30 -2.35 13.50
CA LEU A 749 -0.47 -3.18 12.58
C LEU A 749 -0.36 -4.64 12.98
N GLU A 750 -1.32 -5.44 12.53
CA GLU A 750 -1.22 -6.89 12.64
C GLU A 750 -1.83 -7.48 11.39
N LYS A 751 -1.06 -8.34 10.71
CA LYS A 751 -1.47 -8.94 9.44
C LYS A 751 -1.95 -7.88 8.46
N SER A 752 -1.03 -6.96 8.13
CA SER A 752 -1.35 -5.84 7.25
C SER A 752 -0.14 -5.47 6.42
N ARG A 753 -0.38 -4.70 5.36
CA ARG A 753 0.68 -4.35 4.42
C ARG A 753 0.26 -3.14 3.60
N GLY A 754 1.01 -2.04 3.72
CA GLY A 754 0.81 -0.90 2.85
C GLY A 754 0.11 0.29 3.47
N VAL A 755 0.46 0.64 4.71
CA VAL A 755 -0.22 1.74 5.38
C VAL A 755 0.38 3.07 4.97
N PHE A 756 -0.50 4.03 4.66
CA PHE A 756 -0.12 5.40 4.37
C PHE A 756 -0.53 6.26 5.56
N ALA A 757 0.19 7.37 5.75
CA ALA A 757 -0.12 8.27 6.85
C ALA A 757 0.31 9.68 6.49
N ALA A 758 -0.28 10.66 7.18
CA ALA A 758 0.04 12.08 6.99
C ALA A 758 -0.62 12.85 8.13
N ARG A 759 -0.54 14.17 8.03
CA ARG A 759 -1.18 15.08 8.96
C ARG A 759 -2.49 15.58 8.37
N SER A 760 -3.52 15.66 9.22
CA SER A 760 -4.87 15.97 8.75
C SER A 760 -5.10 17.49 8.66
N ARG A 761 -4.29 18.11 7.81
CA ARG A 761 -4.48 19.53 7.53
C ARG A 761 -5.69 19.74 6.62
N ARG A 762 -6.15 21.00 6.58
CA ARG A 762 -7.30 21.33 5.76
C ARG A 762 -7.00 21.12 4.28
N ASP A 763 -5.81 21.50 3.84
CA ASP A 763 -5.39 21.36 2.46
C ASP A 763 -4.79 20.00 2.15
N PHE A 764 -5.14 18.98 2.93
CA PHE A 764 -4.56 17.66 2.76
C PHE A 764 -4.88 17.10 1.38
N THR A 765 -3.86 16.55 0.73
CA THR A 765 -3.99 15.93 -0.58
C THR A 765 -3.31 14.57 -0.56
N SER A 766 -3.70 13.70 -1.49
CA SER A 766 -3.13 12.36 -1.54
C SER A 766 -1.65 12.38 -1.85
N SER A 767 -1.12 13.49 -2.35
CA SER A 767 0.28 13.55 -2.77
C SER A 767 1.26 13.64 -1.60
N ASP A 768 0.81 13.98 -0.40
CA ASP A 768 1.70 14.12 0.73
C ASP A 768 1.67 12.91 1.66
N LEU A 769 0.94 11.86 1.30
CA LEU A 769 0.90 10.66 2.11
C LEU A 769 2.27 9.98 2.10
N ILE A 770 2.71 9.55 3.27
CA ILE A 770 3.97 8.81 3.43
C ILE A 770 3.60 7.39 3.83
N GLU A 771 4.02 6.43 3.02
CA GLU A 771 3.64 5.05 3.19
C GLU A 771 4.80 4.23 3.76
N LEU A 772 4.44 3.16 4.47
CA LEU A 772 5.42 2.37 5.19
C LEU A 772 6.31 1.59 4.24
N LYS A 773 7.54 1.36 4.68
CA LYS A 773 8.56 0.67 3.93
C LYS A 773 8.83 -0.67 4.60
N GLN A 774 8.43 -1.76 3.94
CA GLN A 774 8.59 -3.11 4.49
C GLN A 774 8.99 -4.07 3.38
N ARG A 775 10.30 -4.28 3.22
CA ARG A 775 10.78 -5.37 2.38
C ARG A 775 12.20 -5.69 2.86
N ASP A 776 12.33 -6.72 3.70
CA ASP A 776 13.63 -7.04 4.29
C ASP A 776 14.29 -8.26 3.62
N ALA A 777 13.67 -9.43 3.70
CA ALA A 777 14.21 -10.61 3.03
C ALA A 777 13.54 -10.84 1.68
N GLU A 778 12.24 -11.13 1.70
CA GLU A 778 11.33 -10.97 0.56
C GLU A 778 11.97 -11.39 -0.76
N ASP A 779 12.22 -12.70 -0.86
CA ASP A 779 12.88 -13.33 -2.00
C ASP A 779 12.39 -12.82 -3.35
N TRP A 780 13.27 -12.81 -4.35
CA TRP A 780 12.88 -12.44 -5.70
C TRP A 780 11.65 -13.22 -6.15
N GLY A 781 10.72 -12.52 -6.79
CA GLY A 781 9.46 -13.11 -7.19
C GLY A 781 8.44 -13.26 -6.08
N GLU A 782 8.88 -13.27 -4.83
CA GLU A 782 7.97 -13.33 -3.71
C GLU A 782 7.41 -11.95 -3.42
N ALA A 783 6.09 -11.87 -3.27
CA ALA A 783 5.45 -10.60 -2.92
C ALA A 783 5.86 -10.18 -1.52
N THR A 784 5.73 -8.88 -1.25
CA THR A 784 6.03 -8.38 0.09
C THR A 784 5.09 -9.01 1.09
N GLY A 785 5.66 -9.59 2.15
CA GLY A 785 4.91 -10.41 3.07
C GLY A 785 4.05 -9.59 4.02
N LEU A 786 3.26 -10.31 4.81
CA LEU A 786 2.45 -9.69 5.85
C LEU A 786 3.35 -9.23 6.99
N GLU A 787 2.88 -8.22 7.72
CA GLU A 787 3.62 -7.67 8.84
C GLU A 787 2.69 -7.56 10.03
N THR A 788 3.16 -8.07 11.17
CA THR A 788 2.42 -8.02 12.42
C THR A 788 3.33 -7.43 13.49
N GLY A 789 2.83 -6.46 14.23
CA GLY A 789 3.58 -5.84 15.30
C GLY A 789 3.70 -4.34 15.12
N LEU A 790 4.37 -3.71 16.09
CA LEU A 790 4.56 -2.27 16.05
C LEU A 790 5.55 -1.90 14.96
N VAL A 791 5.19 -0.90 14.15
CA VAL A 791 6.10 -0.29 13.19
C VAL A 791 6.01 1.22 13.37
N GLU A 792 7.16 1.87 13.43
CA GLU A 792 7.21 3.31 13.68
C GLU A 792 7.52 4.03 12.37
N LEU A 793 6.59 4.88 11.94
CA LEU A 793 6.70 5.58 10.67
C LEU A 793 6.64 7.08 10.93
N GLY A 794 7.52 7.81 10.26
CA GLY A 794 7.57 9.25 10.39
C GLY A 794 6.77 9.95 9.31
N ILE A 795 6.29 11.14 9.64
CA ILE A 795 5.47 11.93 8.72
C ILE A 795 6.01 13.35 8.65
N PRO A 796 5.81 14.06 7.54
CA PRO A 796 6.06 15.50 7.54
C PRO A 796 5.16 16.18 8.55
N THR A 797 5.69 17.19 9.22
CA THR A 797 5.03 17.80 10.36
C THR A 797 4.75 19.27 10.10
N SER A 798 3.66 19.75 10.70
CA SER A 798 3.29 21.16 10.71
C SER A 798 3.00 21.57 12.15
N TRP A 799 2.48 22.77 12.32
CA TRP A 799 2.16 23.31 13.64
C TRP A 799 0.72 23.77 13.69
N ASP A 800 -0.18 22.94 13.19
CA ASP A 800 -1.60 23.23 13.23
C ASP A 800 -2.11 23.07 14.67
N LYS A 801 -3.41 23.33 14.84
CA LYS A 801 -4.06 23.13 16.13
C LYS A 801 -4.94 21.90 16.15
N ASP A 802 -5.26 21.33 14.98
CA ASP A 802 -6.03 20.10 14.93
C ASP A 802 -5.26 18.96 15.58
N GLY A 803 -4.03 18.73 15.15
CA GLY A 803 -3.22 17.64 15.67
C GLY A 803 -3.84 16.28 15.41
N SER A 804 -4.28 16.05 14.18
CA SER A 804 -4.97 14.81 13.81
C SER A 804 -4.21 14.09 12.72
N LEU A 805 -4.19 12.76 12.80
CA LEU A 805 -3.53 11.94 11.80
C LEU A 805 -4.50 11.57 10.68
N PHE A 806 -4.00 10.89 9.66
CA PHE A 806 -4.84 10.48 8.54
C PHE A 806 -4.21 9.26 7.88
N ILE A 807 -4.87 8.11 8.01
CA ILE A 807 -4.38 6.85 7.45
C ILE A 807 -5.30 6.44 6.31
N ARG A 808 -4.71 6.21 5.14
CA ARG A 808 -5.46 5.89 3.93
C ARG A 808 -4.80 4.71 3.23
N GLN A 809 -5.62 3.90 2.56
CA GLN A 809 -5.11 2.81 1.74
C GLN A 809 -6.02 2.66 0.54
N SER A 810 -5.57 3.12 -0.62
CA SER A 810 -6.38 3.09 -1.84
C SER A 810 -6.11 1.85 -2.68
N ASP A 811 -5.32 0.90 -2.19
CA ASP A 811 -4.95 -0.25 -2.98
C ASP A 811 -5.46 -1.53 -2.33
N PRO A 812 -5.74 -2.57 -3.12
CA PRO A 812 -6.32 -3.80 -2.55
C PRO A 812 -5.31 -4.67 -1.79
N LEU A 813 -5.06 -4.29 -0.54
CA LEU A 813 -4.21 -5.04 0.37
C LEU A 813 -4.85 -5.04 1.74
N PRO A 814 -4.50 -6.00 2.60
CA PRO A 814 -5.07 -6.02 3.94
C PRO A 814 -4.45 -4.95 4.83
N LEU A 815 -5.31 -4.31 5.63
CA LEU A 815 -4.86 -3.36 6.62
C LEU A 815 -5.66 -3.58 7.90
N THR A 816 -4.96 -3.56 9.03
CA THR A 816 -5.61 -3.79 10.33
C THR A 816 -4.85 -2.99 11.38
N ILE A 817 -5.52 -2.01 11.95
CA ILE A 817 -4.92 -1.08 12.90
C ILE A 817 -5.42 -1.43 14.29
N LEU A 818 -4.51 -1.87 15.15
CA LEU A 818 -4.86 -2.26 16.51
C LEU A 818 -4.75 -1.12 17.51
N SER A 819 -4.04 -0.07 17.18
CA SER A 819 -3.81 1.05 18.09
C SER A 819 -3.16 2.16 17.29
N ILE A 820 -2.81 3.25 17.98
CA ILE A 820 -2.09 4.36 17.35
C ILE A 820 -1.21 5.02 18.39
N ILE A 821 0.08 5.19 18.06
CA ILE A 821 1.02 5.86 18.94
C ILE A 821 1.50 7.12 18.21
N PRO A 822 0.80 8.23 18.33
CA PRO A 822 1.22 9.45 17.63
C PRO A 822 2.34 10.15 18.38
N ARG A 823 3.53 10.16 17.77
CA ARG A 823 4.65 10.86 18.39
C ARG A 823 4.32 12.35 18.44
N VAL A 824 4.00 12.84 19.63
CA VAL A 824 3.42 14.17 19.80
C VAL A 824 4.34 14.99 20.68
N VAL A 825 4.62 16.22 20.25
CA VAL A 825 5.31 17.19 21.08
C VAL A 825 4.37 18.37 21.28
N MET A 826 4.17 18.76 22.53
CA MET A 826 3.28 19.87 22.83
C MET A 826 3.96 21.19 22.52
N GLY A 827 3.15 22.17 22.13
CA GLY A 827 3.66 23.50 21.89
C GLY A 827 3.13 24.51 22.88
N GLY A 828 2.87 25.72 22.42
CA GLY A 828 2.31 26.75 23.27
C GLY A 828 0.91 27.13 22.85
N LYS A 829 0.20 27.85 23.72
CA LYS A 829 -1.16 28.26 23.43
C LYS A 829 -1.15 29.42 22.44
N GLY A 830 -2.34 29.96 22.19
CA GLY A 830 -2.47 31.08 21.27
C GLY A 830 -1.68 32.30 21.68
N THR B 2 8.45 7.29 -14.96
CA THR B 2 9.23 6.61 -16.00
C THR B 2 9.83 7.63 -16.96
N VAL B 3 10.47 7.14 -18.01
CA VAL B 3 11.00 8.00 -19.08
C VAL B 3 10.46 7.47 -20.40
N PRO B 4 9.22 7.84 -20.77
CA PRO B 4 8.62 7.27 -21.97
C PRO B 4 9.13 7.86 -23.27
N THR B 5 9.79 9.01 -23.24
CA THR B 5 10.18 9.71 -24.45
C THR B 5 11.70 9.87 -24.51
N ASN B 6 12.21 9.97 -25.74
CA ASN B 6 13.63 10.19 -25.99
C ASN B 6 14.02 11.65 -25.86
N ASP B 7 13.06 12.57 -25.83
CA ASP B 7 13.36 13.99 -25.85
C ASP B 7 14.07 14.42 -24.58
N ASN B 8 15.24 15.06 -24.74
CA ASN B 8 16.00 15.55 -23.61
C ASN B 8 16.50 16.98 -23.80
N ARG B 9 16.38 17.55 -24.99
CA ARG B 9 16.89 18.88 -25.25
C ARG B 9 15.86 19.67 -26.06
N GLU B 10 15.78 20.97 -25.78
CA GLU B 10 14.97 21.89 -26.55
C GLU B 10 15.85 23.02 -27.04
N GLN B 11 15.52 23.56 -28.21
CA GLN B 11 16.23 24.69 -28.78
C GLN B 11 15.20 25.75 -29.13
N TYR B 12 15.16 26.83 -28.34
CA TYR B 12 14.24 27.92 -28.55
C TYR B 12 14.99 29.15 -29.04
N ALA B 13 14.33 29.93 -29.89
CA ALA B 13 14.88 31.17 -30.41
C ALA B 13 14.01 32.33 -29.97
N GLY B 14 14.65 33.36 -29.41
CA GLY B 14 13.91 34.50 -28.90
C GLY B 14 13.17 35.26 -29.98
N ASN B 15 11.84 35.15 -29.97
CA ASN B 15 11.02 35.83 -30.97
C ASN B 15 10.93 37.33 -30.72
N GLY B 16 11.38 37.81 -29.56
CA GLY B 16 11.33 39.20 -29.21
C GLY B 16 10.37 39.56 -28.10
N ALA B 17 9.30 38.77 -27.92
CA ALA B 17 8.34 39.01 -26.86
C ALA B 17 7.91 37.72 -26.20
N THR B 18 8.85 36.80 -25.97
CA THR B 18 8.52 35.53 -25.33
C THR B 18 9.38 35.35 -24.08
N THR B 19 8.74 34.90 -23.01
CA THR B 19 9.42 34.51 -21.78
C THR B 19 9.05 33.12 -21.30
N VAL B 20 8.05 32.47 -21.89
CA VAL B 20 7.65 31.12 -21.51
C VAL B 20 8.34 30.13 -22.42
N PHE B 21 9.14 29.24 -21.84
CA PHE B 21 9.88 28.23 -22.59
C PHE B 21 9.60 26.86 -21.97
N PRO B 22 8.39 26.35 -22.13
CA PRO B 22 8.05 25.08 -21.48
C PRO B 22 8.79 23.92 -22.13
N TYR B 23 9.40 23.08 -21.30
CA TYR B 23 10.08 21.88 -21.74
C TYR B 23 9.20 20.65 -21.48
N ALA B 24 9.68 19.49 -21.95
CA ALA B 24 8.86 18.29 -21.95
C ALA B 24 9.62 17.05 -21.51
N PHE B 25 10.42 17.17 -20.45
CA PHE B 25 11.07 16.00 -19.87
C PHE B 25 11.12 16.15 -18.36
N ARG B 26 11.17 15.03 -17.65
CA ARG B 26 11.22 15.07 -16.20
C ARG B 26 12.55 15.63 -15.72
N ILE B 27 12.54 16.21 -14.53
CA ILE B 27 13.72 16.74 -13.88
C ILE B 27 13.72 16.30 -12.42
N PHE B 28 14.82 15.71 -11.97
CA PHE B 28 14.91 15.21 -10.61
C PHE B 28 14.86 16.36 -9.61
N GLU B 29 15.72 17.37 -9.78
CA GLU B 29 15.76 18.51 -8.90
C GLU B 29 16.08 19.76 -9.72
N SER B 30 15.48 20.88 -9.31
CA SER B 30 15.50 22.09 -10.12
C SER B 30 16.91 22.57 -10.43
N SER B 31 17.88 22.24 -9.57
CA SER B 31 19.25 22.70 -9.77
C SER B 31 19.89 22.11 -11.01
N ASP B 32 19.30 21.07 -11.60
CA ASP B 32 19.89 20.37 -12.73
C ASP B 32 19.20 20.81 -14.03
N LEU B 33 19.67 21.95 -14.55
CA LEU B 33 19.21 22.44 -15.84
C LEU B 33 20.26 23.39 -16.39
N GLU B 34 21.00 22.95 -17.42
CA GLU B 34 22.00 23.79 -18.05
C GLU B 34 21.28 24.67 -19.07
N VAL B 35 20.97 25.90 -18.65
CA VAL B 35 20.26 26.85 -19.50
C VAL B 35 21.34 27.62 -20.25
N TYR B 36 21.53 27.27 -21.52
CA TYR B 36 22.53 27.93 -22.34
C TYR B 36 21.92 29.12 -23.06
N LEU B 37 22.77 30.11 -23.35
CA LEU B 37 22.37 31.25 -24.16
C LEU B 37 23.55 31.62 -25.04
N THR B 38 23.37 31.52 -26.35
CA THR B 38 24.35 32.00 -27.31
C THR B 38 23.90 33.37 -27.81
N ASP B 39 24.84 34.31 -27.88
CA ASP B 39 24.52 35.67 -28.25
C ASP B 39 24.34 35.75 -29.77
N GLU B 40 24.25 36.97 -30.31
CA GLU B 40 24.09 37.11 -31.76
C GLU B 40 25.44 37.18 -32.47
N ASP B 41 26.35 36.30 -32.09
CA ASP B 41 27.58 36.02 -32.84
C ASP B 41 27.84 34.53 -32.98
N GLY B 42 27.52 33.73 -31.96
CA GLY B 42 27.81 32.32 -31.94
C GLY B 42 28.51 31.87 -30.67
N ASP B 43 28.96 32.84 -29.88
CA ASP B 43 29.64 32.53 -28.63
C ASP B 43 28.68 31.89 -27.63
N GLN B 44 29.22 31.00 -26.79
CA GLN B 44 28.43 30.29 -25.80
C GLN B 44 28.50 31.00 -24.45
N ALA B 45 27.34 31.21 -23.83
CA ALA B 45 27.25 31.83 -22.52
C ALA B 45 26.32 31.04 -21.63
N LEU B 46 26.71 30.89 -20.37
CA LEU B 46 25.95 30.13 -19.38
C LEU B 46 25.36 31.10 -18.35
N LEU B 47 24.05 30.97 -18.10
CA LEU B 47 23.38 31.79 -17.12
C LEU B 47 23.15 31.00 -15.83
N ILE B 48 22.86 31.72 -14.76
CA ILE B 48 22.70 31.15 -13.42
C ILE B 48 21.22 31.09 -13.08
N GLU B 49 20.79 29.93 -12.57
CA GLU B 49 19.42 29.79 -12.10
C GLU B 49 19.17 30.71 -10.91
N GLY B 50 17.97 31.29 -10.87
CA GLY B 50 17.62 32.21 -9.81
C GLY B 50 18.18 33.60 -9.95
N THR B 51 18.86 33.89 -11.05
CA THR B 51 19.38 35.22 -11.30
C THR B 51 18.80 35.75 -12.61
N ASP B 52 18.70 34.86 -13.59
CA ASP B 52 18.19 35.22 -14.91
C ASP B 52 17.08 34.30 -15.39
N TYR B 53 16.62 33.35 -14.58
CA TYR B 53 15.42 32.58 -14.89
C TYR B 53 14.91 31.96 -13.60
N THR B 54 13.66 31.49 -13.65
CA THR B 54 13.09 30.68 -12.59
C THR B 54 12.35 29.52 -13.24
N VAL B 55 12.77 28.29 -12.94
CA VAL B 55 12.05 27.12 -13.43
C VAL B 55 10.86 26.83 -12.51
N SER B 56 9.77 26.36 -13.11
CA SER B 56 8.55 26.08 -12.37
C SER B 56 7.95 24.79 -12.88
N GLY B 57 7.16 24.15 -12.03
CA GLY B 57 6.59 22.86 -12.38
C GLY B 57 7.59 21.72 -12.38
N ALA B 58 8.78 21.93 -11.82
CA ALA B 58 9.80 20.89 -11.80
C ALA B 58 9.42 19.79 -10.82
N GLY B 59 9.95 18.60 -11.06
CA GLY B 59 9.59 17.45 -10.26
C GLY B 59 8.41 16.69 -10.84
N ASP B 60 7.55 17.42 -11.57
CA ASP B 60 6.43 16.79 -12.25
C ASP B 60 6.93 15.93 -13.39
N GLU B 61 6.23 14.82 -13.63
CA GLU B 61 6.61 13.93 -14.74
C GLU B 61 6.50 14.66 -16.07
N GLU B 62 5.45 15.46 -16.25
CA GLU B 62 5.26 16.22 -17.48
C GLU B 62 6.09 17.50 -17.35
N GLY B 63 7.29 17.43 -17.93
CA GLY B 63 8.15 18.59 -18.13
C GLY B 63 8.19 19.62 -17.02
N GLY B 64 7.80 20.85 -17.35
CA GLY B 64 7.77 21.95 -16.42
C GLY B 64 7.70 23.28 -17.15
N GLU B 65 8.28 24.33 -16.57
CA GLU B 65 8.33 25.61 -17.26
C GLU B 65 9.46 26.43 -16.65
N ILE B 66 10.02 27.33 -17.45
CA ILE B 66 11.10 28.21 -17.04
C ILE B 66 10.74 29.64 -17.42
N THR B 67 10.97 30.57 -16.49
CA THR B 67 10.49 31.94 -16.60
C THR B 67 11.64 32.87 -16.99
N PHE B 68 12.52 32.40 -17.87
CA PHE B 68 13.58 33.26 -18.38
C PHE B 68 12.98 34.41 -19.19
N PRO B 69 13.45 35.65 -18.97
CA PRO B 69 14.41 36.08 -17.95
C PRO B 69 13.72 36.70 -16.73
N VAL B 70 14.41 36.79 -15.60
CA VAL B 70 13.85 37.49 -14.44
C VAL B 70 13.68 38.97 -14.73
N SER B 71 14.66 39.58 -15.39
CA SER B 71 14.62 40.99 -15.74
C SER B 71 15.14 41.16 -17.15
N GLY B 72 15.02 42.38 -17.66
CA GLY B 72 15.49 42.69 -19.00
C GLY B 72 14.47 42.39 -20.08
N ASP B 73 14.82 42.81 -21.29
CA ASP B 73 13.94 42.62 -22.43
C ASP B 73 13.87 41.14 -22.82
N PRO B 74 12.77 40.73 -23.44
CA PRO B 74 12.70 39.37 -23.98
C PRO B 74 13.75 39.15 -25.06
N LEU B 75 14.18 37.90 -25.17
CA LEU B 75 15.27 37.56 -26.08
C LEU B 75 14.92 37.92 -27.52
N ASP B 76 15.85 38.59 -28.20
CA ASP B 76 15.66 39.01 -29.57
C ASP B 76 16.16 37.93 -30.53
N ASP B 77 16.24 38.26 -31.81
CA ASP B 77 16.75 37.31 -32.79
C ASP B 77 18.27 37.19 -32.67
N GLY B 78 18.83 36.26 -33.45
CA GLY B 78 20.26 36.01 -33.40
C GLY B 78 20.66 35.26 -32.16
N GLU B 79 20.40 35.84 -31.00
CA GLU B 79 20.64 35.15 -29.74
C GLU B 79 19.71 33.94 -29.63
N THR B 80 20.19 32.89 -28.96
CA THR B 80 19.46 31.64 -28.84
C THR B 80 19.55 31.13 -27.42
N LEU B 81 18.43 30.62 -26.92
CA LEU B 81 18.34 30.01 -25.60
C LEU B 81 18.16 28.51 -25.77
N THR B 82 18.98 27.74 -25.05
CA THR B 82 18.99 26.28 -25.17
C THR B 82 18.77 25.65 -23.81
N ILE B 83 18.09 24.50 -23.80
CA ILE B 83 17.77 23.79 -22.58
C ILE B 83 18.39 22.40 -22.66
N LEU B 84 19.22 22.05 -21.68
CA LEU B 84 19.86 20.75 -21.64
C LEU B 84 19.65 20.11 -20.27
N ARG B 85 19.26 18.84 -20.27
CA ARG B 85 19.12 18.05 -19.05
C ARG B 85 20.40 17.23 -18.88
N VAL B 86 21.49 17.90 -18.48
CA VAL B 86 22.74 17.14 -18.24
C VAL B 86 22.66 16.46 -16.86
N ILE B 87 22.25 15.19 -16.83
CA ILE B 87 22.07 14.46 -15.55
C ILE B 87 23.44 14.13 -14.94
N ASP B 88 23.60 14.31 -13.63
CA ASP B 88 24.87 13.93 -12.96
C ASP B 88 25.18 12.47 -13.30
N ILE B 89 26.41 12.19 -13.73
CA ILE B 89 26.79 10.81 -14.13
C ILE B 89 27.49 10.14 -12.94
N THR B 90 26.76 9.94 -11.84
CA THR B 90 27.38 9.35 -10.62
C THR B 90 26.31 8.62 -9.80
N GLN B 91 26.56 7.35 -9.45
CA GLN B 91 25.61 6.58 -8.61
C GLN B 91 25.52 7.24 -7.23
N GLU B 92 24.30 7.47 -6.73
CA GLU B 92 24.13 8.09 -5.38
C GLU B 92 22.98 7.42 -4.64
N THR B 93 22.67 6.15 -4.97
CA THR B 93 21.66 5.42 -4.23
C THR B 93 22.33 4.24 -3.54
N ASP B 94 22.11 4.11 -2.23
CA ASP B 94 22.70 3.01 -1.49
C ASP B 94 21.68 1.88 -1.38
N LEU B 95 22.18 0.65 -1.46
CA LEU B 95 21.31 -0.52 -1.32
C LEU B 95 21.87 -1.60 -0.42
N LYS B 96 23.17 -1.57 -0.10
CA LYS B 96 23.77 -2.66 0.65
C LYS B 96 23.23 -2.75 2.07
N ASN B 97 23.10 -1.61 2.74
CA ASN B 97 22.57 -1.62 4.11
C ASN B 97 21.13 -2.14 4.13
N GLN B 98 20.29 -1.62 3.24
CA GLN B 98 18.98 -2.19 2.95
C GLN B 98 18.14 -2.29 4.23
N GLY B 99 17.87 -1.12 4.81
CA GLY B 99 17.02 -1.08 6.00
C GLY B 99 15.60 -1.49 5.69
N ALA B 100 15.00 -0.87 4.68
CA ALA B 100 13.61 -1.15 4.34
C ALA B 100 13.33 -1.29 2.84
N TYR B 101 14.26 -0.91 1.96
CA TYR B 101 14.21 -1.34 0.56
C TYR B 101 12.96 -0.87 -0.20
N TYR B 102 12.84 0.43 -0.44
CA TYR B 102 11.79 0.95 -1.31
C TYR B 102 12.03 0.53 -2.76
N PRO B 103 11.07 -0.09 -3.43
CA PRO B 103 11.21 -0.34 -4.89
C PRO B 103 11.36 0.95 -5.70
N GLU B 104 10.68 1.99 -5.23
CA GLU B 104 10.66 3.25 -5.96
C GLU B 104 12.07 3.80 -6.15
N VAL B 105 12.99 3.52 -5.23
CA VAL B 105 14.36 4.02 -5.40
C VAL B 105 15.03 3.33 -6.58
N VAL B 106 14.78 2.05 -6.77
CA VAL B 106 15.36 1.34 -7.90
C VAL B 106 14.76 1.85 -9.20
N GLU B 107 13.44 2.05 -9.24
CA GLU B 107 12.83 2.63 -10.43
C GLU B 107 13.40 4.01 -10.72
N ASP B 108 13.54 4.82 -9.67
CA ASP B 108 14.04 6.18 -9.80
C ASP B 108 15.46 6.20 -10.36
N GLU B 109 16.31 5.30 -9.87
CA GLU B 109 17.70 5.31 -10.29
C GLU B 109 17.85 4.72 -11.68
N PHE B 110 16.98 3.78 -12.05
CA PHE B 110 16.89 3.36 -13.44
C PHE B 110 16.52 4.53 -14.35
N ASP B 111 15.57 5.34 -13.90
CA ASP B 111 15.21 6.53 -14.67
C ASP B 111 16.39 7.47 -14.83
N ARG B 112 17.17 7.64 -13.76
CA ARG B 112 18.38 8.47 -13.85
C ARG B 112 19.36 7.90 -14.86
N SER B 113 19.53 6.58 -14.87
CA SER B 113 20.42 5.97 -15.85
C SER B 113 19.95 6.23 -17.28
N ARG B 114 18.66 6.08 -17.52
CA ARG B 114 18.15 6.31 -18.87
C ARG B 114 18.31 7.78 -19.26
N MET B 115 18.13 8.69 -18.31
CA MET B 115 18.32 10.11 -18.62
C MET B 115 19.79 10.42 -18.91
N ILE B 116 20.70 9.79 -18.17
CA ILE B 116 22.12 9.94 -18.45
C ILE B 116 22.43 9.46 -19.86
N ASP B 117 21.85 8.31 -20.24
CA ASP B 117 22.06 7.79 -21.59
C ASP B 117 21.51 8.74 -22.64
N GLN B 118 20.35 9.34 -22.34
CA GLN B 118 19.73 10.30 -23.30
C GLN B 118 20.68 11.49 -23.50
N GLN B 119 21.00 12.20 -22.42
CA GLN B 119 21.92 13.36 -22.50
C GLN B 119 23.17 12.96 -23.28
N GLN B 120 23.81 11.87 -22.87
CA GLN B 120 25.02 11.37 -23.58
C GLN B 120 24.72 11.30 -25.08
N GLN B 121 23.70 10.52 -25.46
CA GLN B 121 23.32 10.38 -26.87
C GLN B 121 23.29 11.75 -27.55
N GLU B 122 22.69 12.74 -26.88
CA GLU B 122 22.58 14.07 -27.47
C GLU B 122 23.95 14.69 -27.70
N GLN B 123 24.85 14.58 -26.72
CA GLN B 123 26.16 15.20 -26.90
C GLN B 123 27.06 14.35 -27.79
N LEU B 124 26.73 13.06 -27.94
CA LEU B 124 27.45 12.21 -28.88
C LEU B 124 27.07 12.52 -30.33
N ASP B 125 25.82 12.93 -30.56
CA ASP B 125 25.40 13.27 -31.91
C ASP B 125 26.22 14.40 -32.49
N ARG B 126 26.80 15.26 -31.64
CA ARG B 126 27.50 16.44 -32.12
C ARG B 126 28.81 16.08 -32.81
N ALA B 127 29.60 15.20 -32.20
CA ALA B 127 30.98 15.01 -32.65
C ALA B 127 31.05 14.18 -33.92
N THR C 2 28.95 3.06 -3.85
CA THR C 2 28.49 3.87 -4.96
C THR C 2 29.65 4.52 -5.69
N VAL C 3 29.34 5.36 -6.68
CA VAL C 3 30.37 6.08 -7.41
C VAL C 3 30.02 7.56 -7.50
N PRO C 4 30.27 8.34 -6.46
CA PRO C 4 30.04 9.79 -6.53
C PRO C 4 31.19 10.57 -7.17
N THR C 5 32.16 9.88 -7.78
CA THR C 5 33.33 10.51 -8.36
C THR C 5 33.24 10.47 -9.87
N ASN C 6 33.48 11.61 -10.51
CA ASN C 6 33.56 11.67 -11.96
C ASN C 6 34.86 11.08 -12.50
N ASP C 7 35.94 11.23 -11.75
CA ASP C 7 37.27 10.83 -12.24
C ASP C 7 37.38 9.32 -12.37
N ASN C 8 38.01 8.89 -13.47
CA ASN C 8 38.44 7.49 -13.58
C ASN C 8 39.81 7.37 -14.24
N ARG C 9 40.48 8.49 -14.55
CA ARG C 9 41.74 8.49 -15.26
C ARG C 9 42.78 9.26 -14.45
N GLU C 10 43.99 8.68 -14.39
CA GLU C 10 45.10 9.33 -13.65
C GLU C 10 46.29 9.51 -14.58
N GLN C 11 47.07 10.56 -14.36
CA GLN C 11 48.24 10.89 -15.17
C GLN C 11 49.40 11.22 -14.25
N TYR C 12 50.44 10.38 -14.26
CA TYR C 12 51.57 10.51 -13.33
C TYR C 12 52.86 10.67 -14.14
N ALA C 13 53.32 11.92 -14.27
CA ALA C 13 54.62 12.18 -14.87
C ALA C 13 55.72 11.55 -14.03
N GLY C 14 56.64 10.86 -14.70
CA GLY C 14 57.68 10.14 -14.00
C GLY C 14 58.84 11.01 -13.57
N ASN C 15 59.57 10.53 -12.56
CA ASN C 15 60.73 11.25 -12.06
C ASN C 15 61.91 10.34 -11.71
N GLY C 16 61.81 9.04 -11.94
CA GLY C 16 62.89 8.14 -11.63
C GLY C 16 62.95 7.64 -10.21
N ALA C 17 61.95 7.94 -9.38
CA ALA C 17 61.91 7.48 -8.01
C ALA C 17 60.61 6.82 -7.59
N THR C 18 59.50 7.11 -8.25
CA THR C 18 58.20 6.59 -7.85
C THR C 18 58.10 5.11 -8.20
N THR C 19 57.82 4.29 -7.19
CA THR C 19 57.49 2.88 -7.40
C THR C 19 56.01 2.59 -7.14
N VAL C 20 55.26 3.58 -6.68
CA VAL C 20 53.84 3.41 -6.34
C VAL C 20 53.04 4.45 -7.11
N PHE C 21 51.83 4.05 -7.53
CA PHE C 21 50.97 4.93 -8.33
C PHE C 21 49.54 4.78 -7.84
N PRO C 22 49.14 5.60 -6.88
CA PRO C 22 47.77 5.53 -6.37
C PRO C 22 46.75 5.93 -7.41
N TYR C 23 45.58 5.29 -7.37
CA TYR C 23 44.43 5.69 -8.16
C TYR C 23 43.22 5.82 -7.24
N ALA C 24 42.46 6.90 -7.41
CA ALA C 24 41.35 7.21 -6.52
C ALA C 24 40.03 7.01 -7.25
N PHE C 25 39.55 5.77 -7.25
CA PHE C 25 38.23 5.38 -7.74
C PHE C 25 38.06 3.89 -7.47
N ARG C 26 36.83 3.42 -7.61
CA ARG C 26 36.53 2.02 -7.30
C ARG C 26 36.67 1.14 -8.53
N ILE C 27 37.34 0.02 -8.35
CA ILE C 27 37.43 -1.04 -9.35
C ILE C 27 37.18 -2.37 -8.65
N PHE C 28 36.51 -3.31 -9.35
CA PHE C 28 36.25 -4.60 -8.73
C PHE C 28 37.38 -5.59 -8.98
N GLU C 29 37.94 -5.59 -10.19
CA GLU C 29 38.92 -6.59 -10.59
C GLU C 29 40.09 -5.89 -11.27
N SER C 30 41.26 -6.55 -11.18
CA SER C 30 42.47 -5.98 -11.77
C SER C 30 42.42 -5.93 -13.29
N SER C 31 41.43 -6.58 -13.91
CA SER C 31 41.30 -6.53 -15.36
C SER C 31 41.02 -5.12 -15.85
N ASP C 32 40.64 -4.21 -14.97
CA ASP C 32 40.47 -2.80 -15.31
C ASP C 32 41.85 -2.14 -15.34
N LEU C 33 41.86 -0.80 -15.35
CA LEU C 33 43.07 0.00 -15.27
C LEU C 33 44.02 -0.28 -16.44
N GLU C 34 43.56 0.06 -17.63
CA GLU C 34 44.42 0.06 -18.81
C GLU C 34 45.50 1.11 -18.61
N VAL C 35 46.75 0.66 -18.52
CA VAL C 35 47.86 1.56 -18.28
C VAL C 35 48.69 1.70 -19.56
N TYR C 36 48.92 2.94 -19.97
CA TYR C 36 49.71 3.22 -21.16
C TYR C 36 50.95 3.98 -20.73
N LEU C 37 52.13 3.40 -20.92
CA LEU C 37 53.39 4.07 -20.62
C LEU C 37 53.79 4.91 -21.84
N THR C 38 53.85 6.22 -21.66
CA THR C 38 54.20 7.14 -22.73
C THR C 38 55.65 7.55 -22.55
N ASP C 39 56.50 7.12 -23.47
CA ASP C 39 57.90 7.54 -23.47
C ASP C 39 58.00 8.99 -23.94
N GLU C 40 59.19 9.57 -23.78
CA GLU C 40 59.40 10.96 -24.17
C GLU C 40 59.15 11.18 -25.65
N ASP C 41 59.29 10.14 -26.47
CA ASP C 41 59.09 10.27 -27.91
C ASP C 41 57.64 10.46 -28.30
N GLY C 42 56.70 10.30 -27.38
CA GLY C 42 55.30 10.50 -27.68
C GLY C 42 54.54 9.25 -28.05
N ASP C 43 55.10 8.06 -27.83
CA ASP C 43 54.42 6.82 -28.13
C ASP C 43 53.51 6.41 -26.97
N GLN C 44 52.63 5.45 -27.25
CA GLN C 44 51.75 4.88 -26.24
C GLN C 44 51.83 3.36 -26.33
N ALA C 45 52.08 2.71 -25.19
CA ALA C 45 52.23 1.26 -25.14
C ALA C 45 51.36 0.71 -24.01
N LEU C 46 50.46 -0.20 -24.37
CA LEU C 46 49.56 -0.82 -23.38
C LEU C 46 50.36 -1.78 -22.51
N LEU C 47 50.40 -1.52 -21.21
CA LEU C 47 51.14 -2.38 -20.30
C LEU C 47 50.33 -3.63 -19.98
N ILE C 48 51.03 -4.63 -19.42
CA ILE C 48 50.44 -5.92 -19.11
C ILE C 48 50.47 -6.11 -17.60
N GLU C 49 49.32 -6.43 -17.02
CA GLU C 49 49.24 -6.68 -15.59
C GLU C 49 50.04 -7.93 -15.23
N GLY C 50 50.65 -7.88 -14.04
CA GLY C 50 51.41 -9.01 -13.55
C GLY C 50 52.76 -9.13 -14.22
N THR C 51 52.78 -9.12 -15.55
CA THR C 51 54.05 -9.19 -16.28
C THR C 51 54.92 -7.98 -15.97
N ASP C 52 54.32 -6.80 -15.94
CA ASP C 52 55.06 -5.56 -15.72
C ASP C 52 54.64 -4.79 -14.49
N TYR C 53 53.37 -4.82 -14.11
CA TYR C 53 52.89 -4.07 -12.95
C TYR C 53 51.95 -4.96 -12.14
N THR C 54 51.74 -4.58 -10.89
CA THR C 54 50.87 -5.31 -9.99
C THR C 54 49.79 -4.38 -9.47
N VAL C 55 48.57 -4.88 -9.38
CA VAL C 55 47.41 -4.10 -8.96
C VAL C 55 47.08 -4.51 -7.53
N SER C 56 47.21 -3.58 -6.60
CA SER C 56 46.92 -3.82 -5.19
C SER C 56 45.90 -2.81 -4.69
N GLY C 57 45.22 -3.18 -3.62
CA GLY C 57 44.19 -2.33 -3.05
C GLY C 57 42.90 -2.27 -3.84
N ALA C 58 42.71 -3.16 -4.80
CA ALA C 58 41.50 -3.17 -5.61
C ALA C 58 40.29 -3.54 -4.76
N GLY C 59 39.15 -3.00 -5.15
CA GLY C 59 37.88 -3.29 -4.47
C GLY C 59 37.34 -2.22 -3.56
N ASP C 60 38.22 -1.57 -2.80
CA ASP C 60 37.77 -0.54 -1.88
C ASP C 60 37.32 0.71 -2.63
N GLU C 61 36.29 1.38 -2.10
CA GLU C 61 35.81 2.61 -2.71
C GLU C 61 36.84 3.73 -2.65
N GLU C 62 37.74 3.70 -1.67
CA GLU C 62 38.77 4.72 -1.54
C GLU C 62 39.79 4.69 -2.67
N GLY C 63 39.81 3.63 -3.48
CA GLY C 63 40.80 3.49 -4.52
C GLY C 63 41.98 2.65 -4.09
N GLY C 64 42.90 2.48 -5.03
CA GLY C 64 44.10 1.69 -4.79
C GLY C 64 45.31 2.20 -5.52
N GLU C 65 46.35 1.37 -5.63
CA GLU C 65 47.59 1.75 -6.27
C GLU C 65 48.15 0.57 -7.03
N ILE C 66 49.04 0.86 -7.98
CA ILE C 66 49.79 -0.17 -8.69
C ILE C 66 51.26 0.01 -8.37
N THR C 67 51.92 -1.07 -7.97
CA THR C 67 53.37 -1.07 -7.87
C THR C 67 53.94 -1.32 -9.26
N PHE C 68 54.69 -0.35 -9.78
CA PHE C 68 55.30 -0.49 -11.09
C PHE C 68 56.73 0.04 -11.03
N PRO C 69 57.67 -0.66 -11.66
CA PRO C 69 57.53 -1.94 -12.35
C PRO C 69 57.90 -3.11 -11.46
N VAL C 70 57.41 -4.31 -11.76
CA VAL C 70 57.78 -5.48 -10.96
C VAL C 70 59.24 -5.84 -11.20
N SER C 71 59.79 -5.44 -12.36
CA SER C 71 61.18 -5.75 -12.68
C SER C 71 61.69 -4.65 -13.60
N GLY C 72 62.60 -3.84 -13.09
CA GLY C 72 63.22 -2.80 -13.89
C GLY C 72 63.47 -1.57 -13.05
N ASP C 73 64.15 -0.61 -13.68
CA ASP C 73 64.43 0.66 -13.03
C ASP C 73 63.13 1.45 -12.84
N PRO C 74 63.08 2.35 -11.85
CA PRO C 74 61.89 3.18 -11.66
C PRO C 74 61.52 3.95 -12.92
N LEU C 75 60.27 4.41 -12.99
CA LEU C 75 59.77 5.10 -14.16
C LEU C 75 60.57 6.37 -14.41
N ASP C 76 61.34 6.39 -15.50
CA ASP C 76 62.37 7.40 -15.69
C ASP C 76 61.78 8.79 -15.90
N ASP C 77 62.62 9.80 -15.73
CA ASP C 77 62.20 11.18 -15.93
C ASP C 77 61.88 11.42 -17.40
N GLY C 78 60.79 12.16 -17.63
CA GLY C 78 60.32 12.43 -18.96
C GLY C 78 59.28 11.45 -19.47
N GLU C 79 59.20 10.27 -18.90
CA GLU C 79 58.20 9.29 -19.28
C GLU C 79 56.88 9.63 -18.57
N THR C 80 55.87 8.79 -18.78
CA THR C 80 54.55 9.07 -18.22
C THR C 80 53.69 7.82 -18.31
N LEU C 81 52.93 7.54 -17.26
CA LEU C 81 51.90 6.52 -17.28
C LEU C 81 50.53 7.16 -17.35
N THR C 82 49.53 6.34 -17.69
CA THR C 82 48.15 6.82 -17.80
C THR C 82 47.26 5.73 -17.21
N ILE C 83 46.84 5.93 -15.96
CA ILE C 83 45.83 5.09 -15.36
C ILE C 83 44.49 5.40 -16.02
N LEU C 84 43.85 4.39 -16.58
CA LEU C 84 42.54 4.56 -17.22
C LEU C 84 41.69 3.36 -16.85
N ARG C 85 40.72 3.56 -15.97
CA ARG C 85 39.83 2.49 -15.54
C ARG C 85 38.76 2.30 -16.60
N VAL C 86 38.91 1.26 -17.41
CA VAL C 86 37.98 0.95 -18.49
C VAL C 86 37.27 -0.33 -18.10
N ILE C 87 36.02 -0.22 -17.67
CA ILE C 87 35.20 -1.39 -17.41
C ILE C 87 34.49 -1.79 -18.70
N ASP C 88 34.60 -3.07 -19.05
CA ASP C 88 34.19 -3.51 -20.38
C ASP C 88 32.68 -3.45 -20.54
N ILE C 89 32.26 -3.37 -21.81
CA ILE C 89 30.85 -3.36 -22.19
C ILE C 89 30.31 -4.77 -22.02
N THR C 90 29.52 -5.00 -20.96
CA THR C 90 28.85 -6.29 -20.81
C THR C 90 27.88 -6.20 -19.64
N GLN C 91 26.83 -7.01 -19.71
CA GLN C 91 26.03 -7.33 -18.53
C GLN C 91 26.26 -8.79 -18.16
N GLU C 92 27.33 -8.99 -17.39
CA GLU C 92 27.66 -10.33 -16.92
C GLU C 92 26.72 -10.76 -15.81
N THR C 93 26.42 -9.86 -14.87
CA THR C 93 25.66 -10.21 -13.68
C THR C 93 24.25 -10.62 -14.04
N ASP C 94 23.98 -11.91 -13.94
CA ASP C 94 22.63 -12.43 -14.05
C ASP C 94 21.85 -12.05 -12.80
N LEU C 95 20.54 -11.99 -12.93
CA LEU C 95 19.69 -11.73 -11.77
C LEU C 95 18.54 -12.73 -11.72
N LYS C 96 18.28 -13.37 -12.86
CA LYS C 96 17.23 -14.37 -12.94
C LYS C 96 17.53 -15.59 -12.07
N ASN C 97 18.79 -15.81 -11.71
CA ASN C 97 19.21 -17.06 -11.07
C ASN C 97 20.13 -16.81 -9.89
N GLN C 98 19.74 -15.90 -9.00
CA GLN C 98 20.47 -15.65 -7.76
C GLN C 98 19.69 -16.06 -6.51
N GLY C 99 18.47 -16.58 -6.66
CA GLY C 99 17.74 -17.09 -5.51
C GLY C 99 17.47 -16.00 -4.50
N ALA C 100 18.12 -16.11 -3.34
CA ALA C 100 17.92 -15.17 -2.25
C ALA C 100 18.28 -13.75 -2.68
N TYR C 101 17.64 -12.75 -2.08
CA TYR C 101 17.87 -11.37 -2.47
C TYR C 101 19.20 -10.89 -1.90
N TYR C 102 20.13 -10.53 -2.77
CA TYR C 102 21.41 -9.93 -2.38
C TYR C 102 21.46 -8.50 -2.92
N PRO C 103 21.18 -7.49 -2.10
CA PRO C 103 21.20 -6.12 -2.60
C PRO C 103 22.56 -5.69 -3.13
N GLU C 104 23.64 -6.28 -2.62
CA GLU C 104 24.97 -5.93 -3.10
C GLU C 104 25.14 -6.28 -4.57
N VAL C 105 24.47 -7.33 -5.05
CA VAL C 105 24.61 -7.74 -6.44
C VAL C 105 24.05 -6.67 -7.37
N VAL C 106 22.81 -6.23 -7.11
CA VAL C 106 22.21 -5.21 -7.96
C VAL C 106 22.92 -3.88 -7.77
N GLU C 107 23.36 -3.58 -6.54
CA GLU C 107 24.13 -2.36 -6.32
C GLU C 107 25.40 -2.36 -7.16
N ASP C 108 26.13 -3.48 -7.18
CA ASP C 108 27.37 -3.56 -7.92
C ASP C 108 27.12 -3.48 -9.42
N GLU C 109 26.06 -4.12 -9.90
CA GLU C 109 25.73 -4.02 -11.31
C GLU C 109 25.37 -2.58 -11.70
N PHE C 110 24.65 -1.89 -10.83
CA PHE C 110 24.24 -0.53 -11.16
C PHE C 110 25.44 0.42 -11.13
N ASP C 111 26.31 0.25 -10.13
CA ASP C 111 27.60 0.91 -10.13
C ASP C 111 28.36 0.67 -11.43
N ARG C 112 28.39 -0.59 -11.88
CA ARG C 112 29.13 -0.92 -13.09
C ARG C 112 28.54 -0.21 -14.30
N SER C 113 27.20 -0.18 -14.39
CA SER C 113 26.57 0.56 -15.48
C SER C 113 26.96 2.03 -15.44
N ARG C 114 26.99 2.61 -14.25
CA ARG C 114 27.40 4.00 -14.13
C ARG C 114 28.84 4.19 -14.57
N MET C 115 29.73 3.25 -14.21
CA MET C 115 31.13 3.37 -14.61
C MET C 115 31.30 3.24 -16.12
N ILE C 116 30.53 2.36 -16.76
CA ILE C 116 30.62 2.26 -18.21
C ILE C 116 30.14 3.55 -18.87
N ASP C 117 29.01 4.08 -18.41
CA ASP C 117 28.59 5.38 -18.94
C ASP C 117 29.61 6.46 -18.62
N GLN C 118 30.37 6.29 -17.53
CA GLN C 118 31.37 7.27 -17.14
C GLN C 118 32.57 7.25 -18.08
N GLN C 119 33.06 6.05 -18.40
CA GLN C 119 34.15 5.96 -19.37
C GLN C 119 33.69 6.37 -20.76
N GLN C 120 32.42 6.13 -21.10
CA GLN C 120 31.88 6.68 -22.33
C GLN C 120 31.94 8.19 -22.31
N GLN C 121 31.58 8.80 -21.18
CA GLN C 121 31.70 10.25 -21.04
C GLN C 121 33.15 10.70 -21.21
N GLU C 122 34.08 9.97 -20.61
CA GLU C 122 35.50 10.34 -20.72
C GLU C 122 35.97 10.29 -22.17
N GLN C 123 35.62 9.24 -22.89
CA GLN C 123 35.96 9.17 -24.32
C GLN C 123 35.28 10.28 -25.10
N LEU C 124 34.05 10.63 -24.73
CA LEU C 124 33.31 11.67 -25.44
C LEU C 124 33.93 13.05 -25.23
N ASP C 125 34.50 13.30 -24.05
CA ASP C 125 35.13 14.59 -23.81
C ASP C 125 36.30 14.82 -24.76
N ARG C 126 37.08 13.77 -25.03
CA ARG C 126 38.22 13.88 -25.94
C ARG C 126 37.80 14.27 -27.35
N ALA C 127 36.56 14.02 -27.74
CA ALA C 127 36.09 14.36 -29.09
C ALA C 127 36.03 15.88 -29.28
N THR D 2 21.29 -10.85 -19.20
CA THR D 2 22.68 -11.20 -19.48
C THR D 2 23.06 -10.83 -20.90
N VAL D 3 24.05 -9.95 -21.04
CA VAL D 3 24.56 -9.56 -22.35
C VAL D 3 26.06 -9.77 -22.35
N PRO D 4 26.53 -10.99 -22.56
CA PRO D 4 27.98 -11.25 -22.47
C PRO D 4 28.71 -11.06 -23.79
N THR D 5 27.97 -10.99 -24.89
CA THR D 5 28.61 -10.94 -26.20
C THR D 5 29.39 -9.65 -26.41
N ASN D 6 28.94 -8.55 -25.81
CA ASN D 6 29.69 -7.29 -25.75
C ASN D 6 29.73 -6.58 -27.10
N ASP D 7 29.27 -7.24 -28.16
CA ASP D 7 29.31 -6.67 -29.49
C ASP D 7 27.89 -6.43 -29.99
N ASN D 8 27.76 -5.45 -30.90
CA ASN D 8 26.44 -5.06 -31.38
C ASN D 8 26.43 -4.78 -32.88
N ARG D 9 27.45 -5.23 -33.62
CA ARG D 9 27.56 -4.91 -35.03
C ARG D 9 28.03 -6.13 -35.80
N GLU D 10 27.38 -6.40 -36.93
CA GLU D 10 27.85 -7.40 -37.88
C GLU D 10 27.90 -6.75 -39.26
N GLN D 11 28.97 -7.03 -39.99
CA GLN D 11 29.19 -6.43 -41.30
C GLN D 11 29.30 -7.51 -42.38
N TYR D 12 28.95 -7.11 -43.60
CA TYR D 12 29.02 -8.01 -44.74
C TYR D 12 29.32 -7.19 -45.99
N ALA D 13 29.82 -7.88 -47.01
CA ALA D 13 30.16 -7.23 -48.28
C ALA D 13 29.29 -7.78 -49.41
N GLY D 14 29.59 -7.40 -50.64
CA GLY D 14 28.77 -7.82 -51.76
C GLY D 14 29.45 -8.71 -52.77
N ASN D 15 28.97 -9.95 -52.88
CA ASN D 15 29.44 -10.87 -53.92
C ASN D 15 28.31 -11.65 -54.57
N GLY D 16 27.08 -11.49 -54.10
CA GLY D 16 25.98 -12.27 -54.64
C GLY D 16 25.96 -13.66 -54.05
N ALA D 17 24.90 -14.41 -54.36
CA ALA D 17 24.75 -15.80 -53.93
C ALA D 17 24.89 -15.96 -52.42
N THR D 18 24.23 -15.09 -51.66
CA THR D 18 24.24 -15.18 -50.21
C THR D 18 22.96 -14.55 -49.68
N THR D 19 22.31 -15.26 -48.75
CA THR D 19 21.03 -14.81 -48.22
C THR D 19 20.91 -14.98 -46.72
N VAL D 20 21.95 -15.47 -46.06
CA VAL D 20 21.92 -15.75 -44.63
C VAL D 20 23.03 -14.94 -43.96
N PHE D 21 22.70 -14.31 -42.83
CA PHE D 21 23.66 -13.51 -42.07
C PHE D 21 23.37 -13.66 -40.59
N PRO D 22 23.94 -14.68 -39.95
CA PRO D 22 23.75 -14.84 -38.49
C PRO D 22 24.42 -13.70 -37.73
N TYR D 23 23.64 -13.05 -36.87
CA TYR D 23 24.17 -11.98 -36.03
C TYR D 23 24.63 -12.53 -34.69
N ALA D 24 25.68 -11.94 -34.13
CA ALA D 24 26.27 -12.40 -32.89
C ALA D 24 25.84 -11.52 -31.70
N PHE D 25 24.54 -11.51 -31.43
CA PHE D 25 24.02 -10.82 -30.25
C PHE D 25 22.55 -11.17 -30.06
N ARG D 26 22.03 -10.84 -28.88
CA ARG D 26 20.63 -11.02 -28.58
C ARG D 26 19.86 -9.72 -28.80
N ILE D 27 18.59 -9.87 -29.19
CA ILE D 27 17.66 -8.76 -29.32
C ILE D 27 16.40 -9.10 -28.54
N PHE D 28 15.41 -8.21 -28.60
CA PHE D 28 14.12 -8.44 -27.95
C PHE D 28 12.97 -8.48 -28.94
N GLU D 29 12.84 -7.49 -29.81
CA GLU D 29 11.82 -7.47 -30.84
C GLU D 29 12.46 -7.31 -32.21
N SER D 30 11.63 -7.47 -33.24
CA SER D 30 12.14 -7.50 -34.61
C SER D 30 12.73 -6.16 -35.03
N SER D 31 12.20 -5.06 -34.49
CA SER D 31 12.62 -3.73 -34.94
C SER D 31 14.02 -3.36 -34.48
N ASP D 32 14.61 -4.15 -33.58
CA ASP D 32 15.91 -3.79 -33.01
C ASP D 32 17.03 -3.77 -34.04
N LEU D 33 16.87 -4.44 -35.18
CA LEU D 33 17.95 -4.60 -36.13
C LEU D 33 17.92 -3.50 -37.20
N GLU D 34 19.06 -2.84 -37.38
CA GLU D 34 19.24 -1.83 -38.42
C GLU D 34 20.28 -2.34 -39.41
N VAL D 35 19.97 -2.23 -40.69
CA VAL D 35 20.85 -2.68 -41.76
C VAL D 35 20.97 -1.57 -42.80
N TYR D 36 22.18 -1.29 -43.24
CA TYR D 36 22.45 -0.24 -44.20
C TYR D 36 22.92 -0.86 -45.52
N LEU D 37 23.03 0.00 -46.55
CA LEU D 37 23.52 -0.43 -47.86
C LEU D 37 24.48 0.64 -48.36
N THR D 38 25.76 0.46 -48.06
CA THR D 38 26.79 1.33 -48.62
C THR D 38 26.94 1.01 -50.10
N ASP D 39 26.85 2.04 -50.95
CA ASP D 39 26.94 1.83 -52.38
C ASP D 39 28.34 1.36 -52.75
N GLU D 40 28.47 0.77 -53.94
CA GLU D 40 29.71 0.16 -54.39
C GLU D 40 30.90 1.10 -54.25
N ASP D 41 30.75 2.34 -54.70
CA ASP D 41 31.84 3.31 -54.62
C ASP D 41 31.81 4.14 -53.35
N GLY D 42 30.76 4.04 -52.53
CA GLY D 42 30.68 4.82 -51.31
C GLY D 42 29.28 4.91 -50.75
N ASP D 43 28.94 6.07 -50.18
CA ASP D 43 27.58 6.38 -49.73
C ASP D 43 27.10 5.47 -48.61
N GLN D 44 25.90 5.74 -48.10
CA GLN D 44 25.22 4.90 -47.13
C GLN D 44 23.72 4.91 -47.44
N ALA D 45 23.04 3.85 -47.03
CA ALA D 45 21.60 3.75 -47.27
C ALA D 45 20.99 2.84 -46.22
N LEU D 46 20.35 3.44 -45.21
CA LEU D 46 19.63 2.68 -44.20
C LEU D 46 18.43 2.01 -44.85
N LEU D 47 18.21 0.74 -44.54
CA LEU D 47 17.16 -0.02 -45.20
C LEU D 47 15.86 0.08 -44.38
N ILE D 48 14.81 -0.60 -44.85
CA ILE D 48 13.47 -0.39 -44.32
C ILE D 48 13.02 -1.66 -43.60
N GLU D 49 13.98 -2.36 -42.98
CA GLU D 49 13.71 -3.56 -42.19
C GLU D 49 12.81 -4.56 -42.92
N GLY D 50 11.68 -4.89 -42.30
CA GLY D 50 10.83 -5.99 -42.74
C GLY D 50 10.37 -5.91 -44.19
N THR D 51 10.20 -4.69 -44.71
CA THR D 51 9.74 -4.54 -46.08
C THR D 51 10.69 -5.20 -47.07
N ASP D 52 11.99 -4.96 -46.92
CA ASP D 52 12.94 -5.55 -47.86
C ASP D 52 13.64 -6.77 -47.25
N TYR D 53 14.33 -6.63 -46.12
CA TYR D 53 14.91 -7.83 -45.53
C TYR D 53 14.00 -8.35 -44.41
N THR D 54 14.35 -9.53 -43.90
CA THR D 54 13.55 -10.27 -42.96
C THR D 54 14.40 -10.62 -41.72
N VAL D 55 13.85 -11.45 -40.84
CA VAL D 55 14.55 -11.87 -39.62
C VAL D 55 14.36 -13.37 -39.45
N SER D 56 14.86 -13.92 -38.34
CA SER D 56 14.64 -15.32 -38.02
C SER D 56 14.27 -15.47 -36.55
N GLY D 57 13.50 -14.52 -36.02
CA GLY D 57 13.07 -14.58 -34.64
C GLY D 57 13.97 -13.81 -33.70
N ALA D 58 13.39 -12.87 -32.97
CA ALA D 58 14.15 -12.08 -32.01
C ALA D 58 14.39 -12.89 -30.73
N GLY D 59 15.27 -12.37 -29.88
CA GLY D 59 15.56 -13.05 -28.64
C GLY D 59 16.38 -14.31 -28.85
N ASP D 60 15.98 -15.38 -28.16
CA ASP D 60 16.56 -16.71 -28.14
C ASP D 60 17.90 -16.76 -27.40
N GLU D 61 18.45 -15.61 -26.99
CA GLU D 61 19.78 -15.52 -26.39
C GLU D 61 20.80 -16.38 -27.13
N GLU D 62 20.64 -16.48 -28.44
CA GLU D 62 21.43 -17.38 -29.26
C GLU D 62 22.07 -16.72 -30.48
N GLY D 63 21.54 -15.62 -30.97
CA GLY D 63 22.09 -14.99 -32.16
C GLY D 63 21.56 -15.55 -33.46
N GLY D 64 20.25 -15.41 -33.67
CA GLY D 64 19.61 -15.83 -34.90
C GLY D 64 20.11 -15.10 -36.13
N GLU D 65 19.52 -15.39 -37.28
CA GLU D 65 20.00 -14.88 -38.55
C GLU D 65 18.92 -14.02 -39.21
N ILE D 66 19.18 -13.62 -40.45
CA ILE D 66 18.25 -12.86 -41.27
C ILE D 66 18.15 -13.52 -42.63
N THR D 67 17.37 -12.93 -43.52
CA THR D 67 17.23 -13.46 -44.88
C THR D 67 17.09 -12.30 -45.85
N PHE D 68 18.11 -12.13 -46.69
CA PHE D 68 18.19 -11.06 -47.69
C PHE D 68 19.29 -11.41 -48.69
N PRO D 69 19.05 -11.23 -49.99
CA PRO D 69 17.83 -10.70 -50.63
C PRO D 69 16.68 -11.69 -50.68
N VAL D 70 15.48 -11.26 -50.29
CA VAL D 70 14.27 -12.08 -50.44
C VAL D 70 13.93 -12.16 -51.91
N SER D 71 14.11 -11.05 -52.62
CA SER D 71 13.94 -11.00 -54.07
C SER D 71 15.18 -11.57 -54.75
N GLY D 72 15.34 -11.32 -56.05
CA GLY D 72 16.58 -11.69 -56.72
C GLY D 72 17.78 -11.25 -55.92
N ASP D 73 18.90 -11.97 -56.10
CA ASP D 73 19.99 -11.85 -55.14
C ASP D 73 21.28 -11.27 -55.70
N PRO D 74 21.30 -10.02 -56.18
CA PRO D 74 22.58 -9.32 -56.34
C PRO D 74 22.92 -8.48 -55.13
N LEU D 75 24.12 -8.63 -54.59
CA LEU D 75 24.60 -7.71 -53.57
C LEU D 75 25.36 -6.53 -54.15
N ASP D 76 25.35 -6.41 -55.48
CA ASP D 76 25.81 -5.21 -56.19
C ASP D 76 27.30 -4.96 -55.98
N ASP D 77 28.08 -6.04 -56.03
CA ASP D 77 29.54 -5.99 -56.06
C ASP D 77 30.03 -5.22 -54.82
N GLY D 78 30.79 -4.15 -54.98
CA GLY D 78 31.40 -3.43 -53.86
C GLY D 78 30.48 -3.00 -52.73
N GLU D 79 29.16 -3.07 -52.94
CA GLU D 79 28.21 -2.69 -51.91
C GLU D 79 28.38 -3.58 -50.68
N THR D 80 28.16 -3.00 -49.50
CA THR D 80 28.41 -3.68 -48.25
C THR D 80 27.19 -3.56 -47.33
N LEU D 81 27.13 -4.47 -46.36
CA LEU D 81 26.05 -4.55 -45.38
C LEU D 81 26.57 -4.13 -44.01
N THR D 82 25.63 -3.80 -43.12
CA THR D 82 25.98 -3.45 -41.74
C THR D 82 24.81 -3.76 -40.81
N ILE D 83 24.89 -4.86 -40.07
CA ILE D 83 23.85 -5.23 -39.12
C ILE D 83 24.09 -4.47 -37.83
N LEU D 84 23.09 -3.73 -37.36
CA LEU D 84 23.22 -2.94 -36.15
C LEU D 84 21.99 -3.15 -35.26
N ARG D 85 22.22 -3.23 -33.95
CA ARG D 85 21.15 -3.38 -32.98
C ARG D 85 20.79 -2.01 -32.43
N VAL D 86 19.53 -1.61 -32.60
CA VAL D 86 19.06 -0.28 -32.21
C VAL D 86 17.77 -0.41 -31.41
N ILE D 87 17.73 0.22 -30.25
CA ILE D 87 16.53 0.32 -29.44
C ILE D 87 16.32 1.79 -29.09
N ASP D 88 15.06 2.22 -29.09
CA ASP D 88 14.73 3.57 -28.65
C ASP D 88 15.22 3.77 -27.23
N ILE D 89 15.84 4.92 -26.97
CA ILE D 89 16.48 5.15 -25.68
C ILE D 89 15.39 5.52 -24.70
N THR D 90 14.79 4.52 -24.07
CA THR D 90 13.63 4.73 -23.20
C THR D 90 13.71 3.74 -22.04
N GLN D 91 12.85 3.95 -21.05
CA GLN D 91 12.68 2.99 -19.97
C GLN D 91 11.20 3.05 -19.62
N GLU D 92 10.52 1.91 -19.67
CA GLU D 92 9.08 1.85 -19.42
C GLU D 92 8.70 1.00 -18.23
N THR D 93 9.60 0.18 -17.71
CA THR D 93 9.26 -0.71 -16.61
C THR D 93 8.99 0.11 -15.35
N ASP D 94 7.81 -0.09 -14.77
CA ASP D 94 7.38 0.65 -13.59
C ASP D 94 7.27 -0.32 -12.43
N LEU D 95 7.96 0.00 -11.34
CA LEU D 95 7.95 -0.80 -10.12
C LEU D 95 7.18 -0.06 -9.05
N LYS D 96 6.08 -0.65 -8.59
CA LYS D 96 5.26 -0.06 -7.54
C LYS D 96 5.80 -0.48 -6.18
N ASN D 97 5.55 0.36 -5.17
CA ASN D 97 6.10 0.09 -3.85
C ASN D 97 5.54 -1.20 -3.27
N GLN D 98 4.23 -1.39 -3.37
CA GLN D 98 3.64 -2.69 -3.07
C GLN D 98 3.63 -3.61 -4.28
N GLY D 99 4.16 -3.15 -5.41
CA GLY D 99 4.15 -3.92 -6.64
C GLY D 99 5.02 -5.15 -6.58
N ALA D 100 5.13 -5.85 -7.70
CA ALA D 100 5.86 -7.11 -7.77
C ALA D 100 7.31 -6.88 -8.17
N TYR D 101 8.22 -7.56 -7.49
CA TYR D 101 9.60 -7.67 -7.93
C TYR D 101 9.84 -9.03 -8.56
N TYR D 102 10.20 -9.02 -9.84
CA TYR D 102 10.43 -10.22 -10.59
C TYR D 102 11.84 -10.09 -11.15
N PRO D 103 12.68 -11.11 -11.01
CA PRO D 103 14.05 -11.00 -11.52
C PRO D 103 14.10 -10.73 -13.01
N GLU D 104 13.16 -11.28 -13.78
CA GLU D 104 13.20 -11.15 -15.22
C GLU D 104 13.07 -9.69 -15.66
N VAL D 105 12.14 -8.94 -15.07
CA VAL D 105 11.91 -7.57 -15.55
C VAL D 105 13.09 -6.67 -15.21
N VAL D 106 13.63 -6.79 -13.99
CA VAL D 106 14.78 -5.98 -13.61
C VAL D 106 15.99 -6.35 -14.47
N GLU D 107 16.19 -7.64 -14.70
CA GLU D 107 17.31 -8.06 -15.55
C GLU D 107 17.12 -7.59 -16.99
N ASP D 108 15.88 -7.57 -17.47
CA ASP D 108 15.60 -7.04 -18.80
C ASP D 108 15.94 -5.57 -18.89
N GLU D 109 15.61 -4.82 -17.82
CA GLU D 109 15.91 -3.36 -17.79
C GLU D 109 17.42 -3.17 -17.90
N PHE D 110 18.20 -3.77 -16.98
CA PHE D 110 19.67 -3.68 -17.06
C PHE D 110 20.11 -4.01 -18.49
N ASP D 111 19.69 -5.18 -18.99
CA ASP D 111 20.02 -5.58 -20.38
C ASP D 111 19.80 -4.37 -21.29
N ARG D 112 18.59 -3.82 -21.31
CA ARG D 112 18.30 -2.63 -22.12
C ARG D 112 19.39 -1.60 -21.94
N SER D 113 19.69 -1.24 -20.69
CA SER D 113 20.72 -0.24 -20.44
C SER D 113 22.05 -0.63 -21.04
N ARG D 114 22.40 -1.92 -20.93
CA ARG D 114 23.69 -2.36 -21.47
C ARG D 114 23.73 -2.26 -22.99
N MET D 115 22.65 -2.60 -23.68
CA MET D 115 22.68 -2.45 -25.13
C MET D 115 22.61 -0.99 -25.57
N ILE D 116 21.99 -0.10 -24.80
CA ILE D 116 22.13 1.32 -25.10
C ILE D 116 23.58 1.76 -24.95
N ASP D 117 24.25 1.28 -23.91
CA ASP D 117 25.68 1.54 -23.80
C ASP D 117 26.42 0.99 -25.01
N GLN D 118 25.98 -0.15 -25.53
CA GLN D 118 26.61 -0.74 -26.71
C GLN D 118 26.46 0.17 -27.92
N GLN D 119 25.25 0.69 -28.15
CA GLN D 119 25.06 1.63 -29.25
C GLN D 119 25.91 2.88 -29.07
N GLN D 120 25.94 3.42 -27.86
CA GLN D 120 26.71 4.64 -27.63
C GLN D 120 28.19 4.40 -27.91
N GLN D 121 28.73 3.28 -27.43
CA GLN D 121 30.13 2.95 -27.68
C GLN D 121 30.39 2.76 -29.18
N GLU D 122 29.51 2.05 -29.87
CA GLU D 122 29.73 1.78 -31.28
C GLU D 122 29.68 3.06 -32.11
N GLN D 123 28.74 3.96 -31.79
CA GLN D 123 28.65 5.21 -32.54
C GLN D 123 29.82 6.13 -32.19
N LEU D 124 30.26 6.10 -30.94
CA LEU D 124 31.45 6.85 -30.55
C LEU D 124 32.67 6.38 -31.29
N ASP D 125 32.83 5.06 -31.46
CA ASP D 125 34.03 4.54 -32.11
C ASP D 125 34.13 5.00 -33.55
N ARG D 126 33.00 5.33 -34.19
CA ARG D 126 33.05 5.95 -35.50
C ARG D 126 33.72 7.31 -35.47
N ALA D 127 33.64 8.04 -34.36
CA ALA D 127 34.29 9.33 -34.23
C ALA D 127 35.81 9.19 -34.10
N PRO E 2 32.54 7.13 1.55
CA PRO E 2 31.35 7.68 2.19
C PRO E 2 30.61 8.70 1.31
N SER E 3 29.57 8.23 0.62
CA SER E 3 28.87 9.04 -0.35
C SER E 3 27.84 9.96 0.31
N LYS E 4 27.04 10.62 -0.53
CA LYS E 4 25.89 11.39 -0.05
C LYS E 4 24.99 10.52 0.83
N VAL E 5 24.61 9.35 0.32
CA VAL E 5 23.69 8.48 1.05
C VAL E 5 24.35 7.99 2.34
N ASP E 6 25.63 7.63 2.27
CA ASP E 6 26.33 7.19 3.48
C ASP E 6 26.39 8.29 4.52
N ILE E 7 26.70 9.52 4.10
CA ILE E 7 26.79 10.63 5.05
C ILE E 7 25.43 10.90 5.69
N CYS E 8 24.37 10.94 4.89
CA CYS E 8 23.05 11.21 5.44
C CYS E 8 22.58 10.07 6.34
N ASN E 9 22.90 8.82 5.98
CA ASN E 9 22.54 7.70 6.85
C ASN E 9 23.26 7.80 8.18
N ARG E 10 24.55 8.14 8.15
CA ARG E 10 25.30 8.35 9.38
C ARG E 10 24.65 9.44 10.23
N ALA E 11 24.30 10.56 9.60
CA ALA E 11 23.71 11.66 10.35
C ALA E 11 22.36 11.29 10.94
N LEU E 12 21.52 10.61 10.16
CA LEU E 12 20.20 10.20 10.66
C LEU E 12 20.34 9.24 11.83
N SER E 13 21.24 8.28 11.74
CA SER E 13 21.43 7.35 12.85
C SER E 13 22.08 8.02 14.04
N ASN E 14 22.56 9.26 13.89
CA ASN E 14 23.11 10.02 15.01
C ASN E 14 22.04 10.72 15.82
N THR E 15 20.98 11.24 15.18
CA THR E 15 19.93 11.92 15.91
C THR E 15 19.19 10.96 16.84
N GLY E 16 19.10 9.69 16.47
CA GLY E 16 18.38 8.72 17.26
C GLY E 16 17.54 7.79 16.42
N THR E 17 17.09 8.29 15.27
CA THR E 17 16.30 7.46 14.36
C THR E 17 17.18 6.37 13.76
N ASP E 18 16.65 5.14 13.76
CA ASP E 18 17.39 3.98 13.29
C ASP E 18 17.25 3.74 11.79
N ILE E 19 16.21 4.25 11.16
CA ILE E 19 15.95 3.95 9.77
C ILE E 19 17.03 4.59 8.90
N THR E 20 17.48 3.85 7.89
CA THR E 20 18.43 4.39 6.92
C THR E 20 17.69 4.79 5.66
N ILE E 21 18.00 5.98 5.15
CA ILE E 21 17.23 6.52 4.04
C ILE E 21 17.55 5.77 2.74
N ALA E 22 18.81 5.37 2.56
CA ALA E 22 19.29 4.58 1.43
C ALA E 22 19.12 5.27 0.08
N SER E 23 18.70 6.54 0.06
CA SER E 23 18.57 7.28 -1.18
C SER E 23 18.52 8.77 -0.85
N LEU E 24 18.46 9.59 -1.89
CA LEU E 24 18.34 11.03 -1.76
C LEU E 24 17.06 11.59 -2.35
N THR E 25 16.26 10.77 -3.03
CA THR E 25 15.08 11.26 -3.70
C THR E 25 13.82 10.44 -3.40
N GLU E 26 13.90 9.42 -2.56
CA GLU E 26 12.73 8.63 -2.23
C GLU E 26 11.73 9.47 -1.45
N LYS E 27 10.48 9.05 -1.43
CA LYS E 27 9.43 9.81 -0.79
C LYS E 27 9.38 9.46 0.69
N SER E 28 9.94 10.34 1.52
CA SER E 28 9.87 10.28 2.97
C SER E 28 10.40 11.60 3.49
N LYS E 29 10.14 11.88 4.77
CA LYS E 29 10.62 13.14 5.33
C LYS E 29 12.14 13.16 5.38
N GLU E 30 12.73 12.00 5.68
CA GLU E 30 14.19 11.92 5.83
C GLU E 30 14.91 12.28 4.54
N ALA E 31 14.38 11.82 3.40
CA ALA E 31 15.07 12.04 2.13
C ALA E 31 15.07 13.52 1.74
N ARG E 32 13.90 14.16 1.80
CA ARG E 32 13.81 15.57 1.46
C ARG E 32 14.59 16.41 2.45
N LEU E 33 14.55 16.03 3.73
CA LEU E 33 15.34 16.72 4.74
C LEU E 33 16.84 16.62 4.45
N CYS E 34 17.30 15.39 4.19
CA CYS E 34 18.70 15.15 3.83
C CYS E 34 19.13 16.00 2.65
N GLN E 35 18.36 15.97 1.57
CA GLN E 35 18.70 16.77 0.40
C GLN E 35 18.81 18.25 0.76
N GLN E 36 17.66 18.81 1.16
CA GLN E 36 17.48 20.24 1.35
C GLN E 36 18.41 20.80 2.42
N TRP E 37 18.89 19.95 3.32
CA TRP E 37 19.81 20.41 4.35
C TRP E 37 21.26 20.14 4.01
N TYR E 38 21.64 18.91 3.65
CA TYR E 38 23.03 18.58 3.43
C TYR E 38 23.59 19.44 2.31
N ASP E 39 22.73 20.00 1.45
CA ASP E 39 23.29 21.02 0.58
C ASP E 39 23.83 22.21 1.37
N ALA E 40 23.00 22.78 2.26
CA ALA E 40 23.38 23.99 2.97
C ALA E 40 24.45 23.72 4.03
N THR E 41 24.39 22.56 4.69
CA THR E 41 25.41 22.22 5.68
C THR E 41 26.77 22.14 5.03
N LEU E 42 26.87 21.50 3.87
CA LEU E 42 28.11 21.54 3.10
C LEU E 42 28.51 22.97 2.79
N ALA E 43 27.59 23.76 2.23
CA ALA E 43 27.93 25.11 1.79
C ALA E 43 28.47 25.95 2.94
N SER E 44 27.94 25.75 4.15
CA SER E 44 28.33 26.59 5.28
C SER E 44 29.58 26.05 5.97
N LEU E 45 29.59 24.75 6.26
CA LEU E 45 30.73 24.16 6.95
C LEU E 45 32.00 24.28 6.12
N LEU E 46 31.87 24.32 4.79
CA LEU E 46 33.03 24.66 3.97
C LEU E 46 33.52 26.07 4.26
N ARG E 47 32.61 27.01 4.48
CA ARG E 47 33.02 28.38 4.75
C ARG E 47 33.51 28.58 6.18
N THR E 48 33.21 27.65 7.09
CA THR E 48 33.62 27.84 8.47
C THR E 48 35.13 27.99 8.59
N TYR E 49 35.89 27.18 7.86
CA TYR E 49 37.34 27.24 7.89
C TYR E 49 37.88 26.97 6.49
N GLN E 50 39.10 27.45 6.24
CA GLN E 50 39.79 27.22 4.97
C GLN E 50 40.44 25.83 5.04
N TRP E 51 39.65 24.83 4.64
CA TRP E 51 40.14 23.45 4.66
C TRP E 51 41.17 23.25 3.55
N ALA E 52 42.27 22.59 3.89
CA ALA E 52 43.36 22.43 2.93
C ALA E 52 42.92 21.61 1.72
N PHE E 53 42.17 20.53 1.96
CA PHE E 53 41.78 19.63 0.87
C PHE E 53 40.79 20.28 -0.08
N ALA E 54 40.22 21.43 0.28
CA ALA E 54 39.23 22.10 -0.55
C ALA E 54 39.77 23.44 -1.07
N GLN E 55 41.03 23.46 -1.46
CA GLN E 55 41.68 24.67 -1.94
C GLN E 55 41.88 24.60 -3.45
N ARG E 56 41.51 25.67 -4.14
CA ARG E 56 41.69 25.79 -5.58
C ARG E 56 42.56 27.00 -5.87
N ARG E 57 43.02 27.09 -7.12
CA ARG E 57 43.73 28.26 -7.60
C ARG E 57 43.35 28.50 -9.05
N VAL E 58 42.77 29.67 -9.32
CA VAL E 58 42.32 30.02 -10.67
C VAL E 58 42.58 31.49 -10.91
N THR E 59 42.89 31.83 -12.16
CA THR E 59 43.07 33.21 -12.55
C THR E 59 41.71 33.90 -12.67
N LEU E 60 41.58 35.05 -12.03
CA LEU E 60 40.32 35.77 -12.06
C LEU E 60 40.08 36.37 -13.43
N ALA E 61 38.81 36.64 -13.72
CA ALA E 61 38.39 37.21 -15.00
C ALA E 61 38.16 38.71 -14.82
N LEU E 62 38.80 39.51 -15.67
CA LEU E 62 38.67 40.95 -15.58
C LEU E 62 37.34 41.41 -16.16
N ILE E 63 36.70 42.36 -15.49
CA ILE E 63 35.50 43.02 -16.00
C ILE E 63 35.83 44.42 -16.54
N GLY E 64 36.60 45.19 -15.77
CA GLY E 64 36.93 46.53 -16.20
C GLY E 64 37.44 47.35 -15.03
N VAL E 65 37.32 48.67 -15.16
CA VAL E 65 37.74 49.57 -14.10
C VAL E 65 36.75 49.47 -12.95
N GLY E 66 37.27 49.25 -11.74
CA GLY E 66 36.43 49.10 -10.59
C GLY E 66 35.88 50.44 -10.13
N PRO E 67 35.29 50.45 -8.94
CA PRO E 67 34.80 51.71 -8.37
C PRO E 67 35.97 52.60 -8.00
N ALA E 68 35.69 53.74 -7.37
CA ALA E 68 36.75 54.68 -7.05
C ALA E 68 37.83 54.02 -6.21
N GLY E 69 39.08 54.24 -6.59
CA GLY E 69 40.21 53.78 -5.81
C GLY E 69 40.67 52.38 -6.11
N TRP E 70 39.79 51.56 -6.66
CA TRP E 70 40.13 50.18 -6.98
C TRP E 70 40.31 50.04 -8.48
N ARG E 71 41.49 49.62 -8.88
CA ARG E 71 41.91 49.74 -10.28
C ARG E 71 41.25 48.69 -11.18
N HIS E 72 40.62 47.68 -10.62
CA HIS E 72 39.99 46.63 -11.42
C HIS E 72 38.84 46.03 -10.64
N LYS E 73 37.94 45.35 -11.35
CA LYS E 73 36.89 44.55 -10.75
C LYS E 73 36.89 43.18 -11.41
N TYR E 74 36.89 42.14 -10.59
CA TYR E 74 37.01 40.77 -11.08
C TYR E 74 35.76 39.98 -10.74
N ARG E 75 35.33 39.15 -11.67
CA ARG E 75 34.15 38.31 -11.49
C ARG E 75 34.46 37.23 -10.46
N TYR E 76 33.74 37.25 -9.35
CA TYR E 76 33.97 36.29 -8.28
C TYR E 76 33.75 34.88 -8.80
N PRO E 77 34.64 33.93 -8.49
CA PRO E 77 34.56 32.60 -9.11
C PRO E 77 33.24 31.91 -8.82
N THR E 78 32.73 31.20 -9.82
CA THR E 78 31.41 30.58 -9.70
C THR E 78 31.36 29.56 -8.57
N ASP E 79 32.29 28.61 -8.57
CA ASP E 79 32.32 27.58 -7.54
C ASP E 79 33.24 27.94 -6.37
N ALA E 80 33.06 29.14 -5.84
CA ALA E 80 33.89 29.63 -4.74
C ALA E 80 33.03 29.83 -3.51
N ILE E 81 33.67 29.70 -2.35
CA ILE E 81 32.97 29.82 -1.07
C ILE E 81 33.60 30.95 -0.25
N THR E 82 34.90 31.17 -0.42
CA THR E 82 35.60 32.23 0.27
C THR E 82 36.93 32.48 -0.41
N ILE E 83 37.27 33.76 -0.53
CA ILE E 83 38.54 34.19 -1.09
C ILE E 83 39.49 34.50 0.05
N HIS E 84 40.67 33.89 0.03
CA HIS E 84 41.69 34.16 1.05
C HIS E 84 42.83 35.00 0.49
N ASP E 85 43.48 34.52 -0.56
CA ASP E 85 44.65 35.17 -1.13
C ASP E 85 44.39 35.57 -2.57
N VAL E 86 44.79 36.79 -2.91
CA VAL E 86 44.75 37.29 -4.27
C VAL E 86 46.16 37.70 -4.65
N PHE E 87 46.62 37.26 -5.83
CA PHE E 87 48.00 37.48 -6.22
C PHE E 87 48.13 37.29 -7.72
N THR E 88 49.27 37.71 -8.24
CA THR E 88 49.64 37.43 -9.62
C THR E 88 50.87 36.53 -9.64
N ALA E 89 51.16 35.98 -10.83
CA ALA E 89 52.33 35.11 -10.96
C ALA E 89 53.61 35.84 -10.57
N ASP E 90 53.66 37.14 -10.81
CA ASP E 90 54.84 37.91 -10.41
C ASP E 90 54.95 38.02 -8.90
N THR E 91 53.80 38.17 -8.22
CA THR E 91 53.80 38.23 -6.74
C THR E 91 53.92 36.80 -6.18
N TYR E 92 53.93 35.80 -7.06
CA TYR E 92 54.00 34.39 -6.60
C TYR E 92 54.85 33.56 -7.56
N PRO E 93 56.19 33.72 -7.56
CA PRO E 93 57.06 32.92 -8.43
C PRO E 93 57.18 31.48 -7.92
N ASP E 94 57.52 30.54 -8.80
CA ASP E 94 57.59 29.14 -8.38
C ASP E 94 58.69 28.96 -7.34
N GLY E 95 58.32 28.31 -6.23
CA GLY E 95 59.24 28.10 -5.13
C GLY E 95 59.21 29.14 -4.04
N ALA E 96 58.30 30.11 -4.09
CA ALA E 96 58.30 31.19 -3.12
C ALA E 96 57.84 30.73 -1.74
N SER E 97 57.30 29.52 -1.64
CA SER E 97 56.79 29.05 -0.36
C SER E 97 57.92 28.80 0.64
N GLU E 98 59.17 28.84 0.18
CA GLU E 98 60.31 28.72 1.08
C GLU E 98 60.23 29.78 2.17
N PHE E 99 59.96 31.02 1.79
CA PHE E 99 59.86 32.13 2.72
C PHE E 99 58.42 32.27 3.19
N THR E 100 58.21 32.20 4.51
CA THR E 100 56.88 32.28 5.07
C THR E 100 56.28 33.68 4.99
N ASP E 101 57.07 34.69 4.63
CA ASP E 101 56.62 36.07 4.66
C ASP E 101 55.39 36.26 3.77
N GLY E 102 54.43 37.03 4.27
CA GLY E 102 53.21 37.28 3.53
C GLY E 102 53.32 38.38 2.51
N ARG E 103 54.42 38.40 1.75
CA ARG E 103 54.59 39.41 0.70
C ARG E 103 53.58 39.22 -0.41
N TYR E 104 53.03 38.02 -0.57
CA TYR E 104 52.06 37.75 -1.62
C TYR E 104 50.62 37.98 -1.16
N ARG E 105 50.38 39.10 -0.51
CA ARG E 105 49.05 39.44 -0.03
C ARG E 105 48.71 40.80 -0.60
N GLN E 106 47.78 40.83 -1.54
CA GLN E 106 47.49 42.05 -2.27
C GLN E 106 46.25 42.73 -1.71
N ILE E 107 46.13 44.03 -2.00
CA ILE E 107 44.93 44.79 -1.56
C ILE E 107 43.73 44.28 -2.36
N PHE E 108 42.88 43.47 -1.72
CA PHE E 108 41.67 42.94 -2.40
C PHE E 108 40.46 43.07 -1.47
N GLN E 109 39.29 43.36 -2.04
CA GLN E 109 38.05 43.45 -1.22
C GLN E 109 36.91 42.79 -2.00
N ILE E 110 35.85 42.36 -1.28
CA ILE E 110 34.72 41.77 -1.98
C ILE E 110 33.58 42.78 -2.03
N ALA E 111 32.94 42.91 -3.19
CA ALA E 111 31.83 43.82 -3.36
C ALA E 111 30.89 43.28 -4.42
N SER E 112 29.67 43.84 -4.44
CA SER E 112 28.68 43.47 -5.42
C SER E 112 28.55 44.55 -6.50
N ASP E 113 27.78 44.26 -7.54
CA ASP E 113 27.59 45.19 -8.65
C ASP E 113 26.14 45.58 -8.86
N GLY E 114 25.22 44.60 -8.83
CA GLY E 114 23.82 44.87 -9.09
C GLY E 114 23.28 44.09 -10.27
N GLU E 115 24.08 43.98 -11.33
CA GLU E 115 23.67 43.19 -12.48
C GLU E 115 23.77 41.69 -12.21
N GLY E 116 24.84 41.26 -11.55
CA GLY E 116 25.06 39.83 -11.35
C GLY E 116 25.62 39.45 -10.00
N GLY E 117 26.58 38.53 -10.00
CA GLY E 117 27.12 37.96 -8.78
C GLY E 117 28.13 38.84 -8.09
N ARG E 118 28.89 38.22 -7.19
CA ARG E 118 29.85 38.95 -6.39
C ARG E 118 31.05 39.38 -7.25
N LEU E 119 31.83 40.32 -6.73
CA LEU E 119 33.02 40.81 -7.39
C LEU E 119 34.22 40.75 -6.46
N VAL E 120 35.39 40.58 -7.05
CA VAL E 120 36.66 40.72 -6.35
C VAL E 120 37.31 41.99 -6.86
N LEU E 121 37.64 42.90 -5.95
CA LEU E 121 38.27 44.16 -6.29
C LEU E 121 39.76 44.08 -5.98
N ALA E 122 40.59 44.49 -6.94
CA ALA E 122 42.03 44.43 -6.76
C ALA E 122 42.70 45.43 -7.70
N ASN E 123 43.98 45.71 -7.43
CA ASN E 123 44.74 46.64 -8.25
C ASN E 123 45.63 45.91 -9.26
N CYS E 124 46.31 44.86 -8.83
CA CYS E 124 47.17 44.11 -9.74
C CYS E 124 46.34 43.48 -10.86
N GLU E 125 46.83 43.61 -12.08
CA GLU E 125 46.15 43.11 -13.25
C GLU E 125 46.57 41.67 -13.53
N ASP E 126 45.64 40.90 -14.11
CA ASP E 126 45.84 39.48 -14.40
C ASP E 126 46.21 38.71 -13.13
N ALA E 127 45.42 38.93 -12.09
CA ALA E 127 45.68 38.33 -10.79
C ALA E 127 44.97 36.98 -10.65
N MET E 128 45.68 36.01 -10.10
CA MET E 128 45.10 34.73 -9.74
C MET E 128 44.55 34.79 -8.32
N CYS E 129 43.97 33.68 -7.88
CA CYS E 129 43.33 33.65 -6.58
C CYS E 129 43.39 32.26 -5.99
N ARG E 130 43.30 32.18 -4.66
CA ARG E 130 43.18 30.94 -3.93
C ARG E 130 41.89 30.98 -3.12
N TYR E 131 41.05 29.95 -3.29
CA TYR E 131 39.72 29.99 -2.70
C TYR E 131 39.27 28.60 -2.27
N THR E 132 38.34 28.56 -1.33
CA THR E 132 37.63 27.34 -0.99
C THR E 132 36.52 27.11 -1.99
N SER E 133 36.43 25.90 -2.52
CA SER E 133 35.51 25.59 -3.60
C SER E 133 34.32 24.79 -3.10
N ASP E 134 33.28 24.75 -3.93
CA ASP E 134 32.14 23.88 -3.68
C ASP E 134 32.56 22.44 -3.93
N ILE E 135 33.03 21.75 -2.89
CA ILE E 135 33.49 20.38 -3.05
C ILE E 135 32.30 19.47 -3.31
N GLU E 136 32.42 18.63 -4.34
CA GLU E 136 31.35 17.70 -4.68
C GLU E 136 31.70 16.24 -4.43
N ASP E 137 32.97 15.87 -4.62
CA ASP E 137 33.38 14.47 -4.46
C ASP E 137 33.60 14.23 -2.97
N PRO E 138 32.85 13.35 -2.32
CA PRO E 138 33.09 13.07 -0.90
C PRO E 138 34.38 12.31 -0.65
N ASN E 139 34.96 11.66 -1.67
CA ASN E 139 36.21 10.94 -1.46
C ASN E 139 37.36 11.91 -1.19
N LEU E 140 37.18 13.20 -1.51
CA LEU E 140 38.16 14.23 -1.19
C LEU E 140 38.21 14.57 0.30
N MET E 141 37.21 14.11 1.07
CA MET E 141 37.13 14.56 2.48
C MET E 141 37.86 13.62 3.45
N PRO E 142 38.43 14.14 4.56
CA PRO E 142 39.06 13.28 5.57
C PRO E 142 38.01 12.82 6.59
N PRO E 143 38.25 11.74 7.36
CA PRO E 143 37.25 11.21 8.28
C PRO E 143 36.73 12.26 9.27
N ASP E 144 37.63 13.00 9.91
CA ASP E 144 37.19 13.93 10.94
C ASP E 144 36.20 14.94 10.36
N PHE E 145 36.48 15.41 9.15
CA PHE E 145 35.57 16.35 8.50
C PHE E 145 34.28 15.66 8.10
N SER E 146 34.34 14.37 7.75
CA SER E 146 33.11 13.63 7.48
C SER E 146 32.22 13.56 8.71
N THR E 147 32.83 13.28 9.87
CA THR E 147 32.08 13.26 11.11
C THR E 147 31.56 14.65 11.47
N ALA E 148 32.33 15.70 11.21
CA ALA E 148 31.84 17.05 11.42
C ALA E 148 30.63 17.33 10.53
N LEU E 149 30.70 16.91 9.27
CA LEU E 149 29.59 17.05 8.35
C LEU E 149 28.34 16.35 8.88
N GLU E 150 28.48 15.09 9.26
CA GLU E 150 27.34 14.32 9.73
C GLU E 150 26.76 14.91 11.01
N MET E 151 27.63 15.41 11.90
CA MET E 151 27.15 15.97 13.15
C MET E 151 26.39 17.28 12.91
N MET E 152 26.94 18.15 12.05
CA MET E 152 26.27 19.39 11.71
C MET E 152 24.93 19.11 11.03
N LEU E 153 24.89 18.12 10.13
CA LEU E 153 23.65 17.77 9.46
C LEU E 153 22.62 17.26 10.45
N ALA E 154 23.04 16.44 11.41
CA ALA E 154 22.12 15.97 12.44
C ALA E 154 21.58 17.13 13.26
N LYS E 155 22.45 18.07 13.61
CA LYS E 155 22.00 19.25 14.35
C LYS E 155 20.98 20.05 13.55
N ASN E 156 21.22 20.18 12.24
CA ASN E 156 20.34 21.00 11.41
C ASN E 156 19.00 20.32 11.16
N ILE E 157 18.96 18.99 11.13
CA ILE E 157 17.72 18.28 10.80
C ILE E 157 17.02 17.67 12.01
N ALA E 158 17.57 17.81 13.22
CA ALA E 158 16.95 17.18 14.37
C ALA E 158 15.55 17.73 14.64
N MET E 159 15.39 19.05 14.58
CA MET E 159 14.13 19.65 15.04
C MET E 159 12.93 19.20 14.22
N PRO E 160 12.94 19.21 12.88
CA PRO E 160 11.81 18.62 12.17
C PRO E 160 11.68 17.13 12.43
N MET E 161 12.79 16.44 12.69
CA MET E 161 12.74 15.00 12.90
C MET E 161 12.21 14.64 14.29
N THR E 162 12.51 15.44 15.32
CA THR E 162 12.08 15.13 16.67
C THR E 162 11.25 16.22 17.34
N GLY E 163 11.52 17.50 17.07
CA GLY E 163 10.86 18.56 17.81
C GLY E 163 11.42 18.78 19.20
N ASN E 164 12.71 18.54 19.40
CA ASN E 164 13.34 18.71 20.71
C ASN E 164 14.44 19.76 20.59
N PRO E 165 14.18 21.02 20.95
CA PRO E 165 15.22 22.06 20.81
C PRO E 165 16.48 21.77 21.61
N GLY E 166 16.34 21.19 22.80
CA GLY E 166 17.52 20.84 23.59
C GLY E 166 18.39 19.83 22.88
N LEU E 167 17.78 18.94 22.10
CA LEU E 167 18.57 18.00 21.30
C LEU E 167 19.36 18.76 20.24
N MET E 168 18.75 19.79 19.65
CA MET E 168 19.51 20.65 18.75
C MET E 168 20.69 21.31 19.45
N THR E 169 20.47 21.80 20.68
CA THR E 169 21.55 22.43 21.42
C THR E 169 22.71 21.45 21.66
N VAL E 170 22.39 20.24 22.11
CA VAL E 170 23.47 19.31 22.41
C VAL E 170 24.17 18.88 21.12
N LEU E 171 23.43 18.73 20.02
CA LEU E 171 24.10 18.41 18.75
C LEU E 171 24.97 19.57 18.28
N ALA E 172 24.56 20.81 18.53
CA ALA E 172 25.41 21.95 18.19
C ALA E 172 26.70 21.92 18.99
N GLN E 173 26.61 21.60 20.27
CA GLN E 173 27.82 21.48 21.09
C GLN E 173 28.74 20.38 20.56
N GLN E 174 28.16 19.23 20.24
CA GLN E 174 28.97 18.16 19.65
C GLN E 174 29.65 18.63 18.38
N ALA E 175 28.86 19.16 17.44
CA ALA E 175 29.39 19.57 16.14
C ALA E 175 30.49 20.61 16.31
N ALA E 176 30.35 21.51 17.29
CA ALA E 176 31.43 22.44 17.57
C ALA E 176 32.68 21.71 18.01
N SER E 177 32.53 20.69 18.86
CA SER E 177 33.70 19.92 19.30
C SER E 177 34.41 19.26 18.12
N LEU E 178 33.66 18.55 17.28
CA LEU E 178 34.27 17.88 16.14
C LEU E 178 34.85 18.88 15.14
N VAL E 179 34.20 20.03 14.96
CA VAL E 179 34.72 21.04 14.04
C VAL E 179 36.06 21.56 14.55
N SER E 180 36.14 21.84 15.85
CA SER E 180 37.41 22.31 16.41
C SER E 180 38.49 21.25 16.27
N ASP E 181 38.14 19.98 16.52
CA ASP E 181 39.12 18.91 16.39
C ASP E 181 39.63 18.82 14.95
N ALA E 182 38.72 18.88 13.98
CA ALA E 182 39.13 18.79 12.57
C ALA E 182 39.97 19.99 12.18
N ILE E 183 39.62 21.18 12.67
CA ILE E 183 40.39 22.38 12.35
C ILE E 183 41.82 22.25 12.89
N ALA E 184 41.94 21.80 14.14
CA ALA E 184 43.26 21.63 14.73
C ALA E 184 44.07 20.59 13.97
N ARG E 185 43.44 19.48 13.59
CA ARG E 185 44.18 18.43 12.89
C ARG E 185 44.60 18.91 11.50
N ASP E 186 43.76 19.69 10.83
CA ASP E 186 44.16 20.18 9.51
C ASP E 186 45.27 21.22 9.63
N GLN E 187 45.28 21.98 10.74
CA GLN E 187 46.45 22.80 11.03
C GLN E 187 47.69 21.95 11.18
N ASN E 188 47.57 20.83 11.90
CA ASN E 188 48.71 19.95 12.13
C ASN E 188 49.12 19.17 10.89
N GLU E 189 48.22 19.01 9.93
CA GLU E 189 48.54 18.30 8.69
C GLU E 189 49.16 19.27 7.68
N GLY E 190 50.34 19.75 8.02
CA GLY E 190 51.06 20.67 7.17
C GLY E 190 52.14 21.45 7.90
N TYR E 191 53.27 21.64 7.24
CA TYR E 191 54.41 22.36 7.81
C TYR E 191 54.92 23.30 6.73
N ARG E 192 54.73 24.61 6.93
CA ARG E 192 55.19 25.56 5.91
C ARG E 192 56.66 25.91 6.09
N ASN E 193 56.97 26.63 7.18
CA ASN E 193 58.34 27.02 7.53
C ASN E 193 58.30 27.81 8.83
N PRO E 194 59.44 28.04 9.48
CA PRO E 194 59.46 28.97 10.61
C PRO E 194 59.23 30.41 10.15
N LEU E 195 58.78 31.23 11.10
CA LEU E 195 58.47 32.62 10.80
C LEU E 195 59.73 33.38 10.39
N PRO E 196 59.58 34.42 9.56
CA PRO E 196 60.76 35.21 9.15
C PRO E 196 61.37 35.98 10.30
N TYR E 197 62.47 36.67 10.03
CA TYR E 197 63.16 37.43 11.07
C TYR E 197 62.67 38.87 11.08
N ALA E 198 63.14 39.63 12.07
CA ALA E 198 62.61 40.95 12.34
C ALA E 198 62.79 41.88 11.14
N SER E 199 61.91 42.87 11.03
CA SER E 199 61.92 43.78 9.90
C SER E 199 63.23 44.57 9.84
N TRP E 200 63.71 45.04 10.98
CA TRP E 200 64.93 45.83 10.99
C TRP E 200 66.12 44.98 10.57
N THR E 201 66.17 43.74 11.03
CA THR E 201 67.26 42.85 10.65
C THR E 201 67.24 42.56 9.15
N ARG E 202 66.05 42.32 8.61
CA ARG E 202 65.93 42.07 7.18
C ARG E 202 66.34 43.30 6.38
N ALA E 203 65.98 44.48 6.87
CA ALA E 203 66.28 45.73 6.15
C ALA E 203 67.77 46.04 6.32
N ASN E 204 68.50 45.14 6.97
CA ASN E 204 69.97 45.35 7.16
C ASN E 204 70.68 44.23 6.42
N ILE E 205 70.45 42.99 6.85
CA ILE E 205 71.05 41.82 6.12
C ILE E 205 69.91 41.10 5.40
N GLY E 206 69.91 41.16 4.08
CA GLY E 206 68.81 40.54 3.31
C GLY E 206 68.50 39.14 3.83
N ASP E 207 67.22 38.77 3.82
CA ASP E 207 66.78 37.44 4.32
C ASP E 207 67.99 36.50 4.43
N PRO F 2 42.59 -10.97 17.90
CA PRO F 2 41.22 -10.48 17.72
C PRO F 2 40.89 -10.24 16.25
N SER F 3 39.59 -10.13 15.96
CA SER F 3 39.12 -9.88 14.60
C SER F 3 38.04 -8.81 14.61
N LYS F 4 37.61 -8.42 13.41
CA LYS F 4 36.53 -7.46 13.27
C LYS F 4 35.25 -8.00 13.92
N VAL F 5 34.99 -9.29 13.71
CA VAL F 5 33.85 -9.92 14.37
C VAL F 5 34.03 -9.87 15.88
N ASP F 6 35.25 -10.09 16.37
CA ASP F 6 35.53 -9.95 17.79
C ASP F 6 35.29 -8.51 18.25
N ILE F 7 35.71 -7.54 17.44
CA ILE F 7 35.60 -6.15 17.86
C ILE F 7 34.15 -5.74 18.00
N CYS F 8 33.31 -6.00 16.99
CA CYS F 8 31.89 -5.69 17.16
C CYS F 8 31.24 -6.56 18.21
N ASN F 9 31.70 -7.79 18.44
CA ASN F 9 31.11 -8.60 19.50
C ASN F 9 31.31 -7.94 20.86
N ARG F 10 32.55 -7.55 21.16
CA ARG F 10 32.81 -6.92 22.45
C ARG F 10 32.22 -5.52 22.50
N ALA F 11 32.06 -4.86 21.35
CA ALA F 11 31.48 -3.53 21.31
C ALA F 11 29.98 -3.57 21.63
N LEU F 12 29.27 -4.48 20.98
CA LEU F 12 27.86 -4.72 21.27
C LEU F 12 27.72 -5.15 22.72
N SER F 13 28.71 -5.89 23.22
CA SER F 13 28.77 -6.16 24.65
C SER F 13 28.89 -4.87 25.44
N ASN F 14 29.58 -3.86 24.87
CA ASN F 14 29.76 -2.60 25.56
C ASN F 14 28.72 -1.56 25.18
N THR F 15 27.80 -1.88 24.26
CA THR F 15 26.65 -1.01 24.08
C THR F 15 25.54 -1.33 25.07
N GLY F 16 25.40 -2.60 25.45
CA GLY F 16 24.33 -3.02 26.33
C GLY F 16 23.78 -4.37 25.94
N THR F 17 23.96 -4.75 24.68
CA THR F 17 23.58 -6.08 24.22
C THR F 17 24.59 -7.10 24.68
N ASP F 18 24.20 -8.37 24.62
CA ASP F 18 25.13 -9.44 25.01
C ASP F 18 25.22 -10.51 23.93
N ILE F 19 24.12 -10.78 23.25
CA ILE F 19 24.08 -11.86 22.26
C ILE F 19 25.06 -11.56 21.14
N THR F 20 25.70 -12.61 20.62
CA THR F 20 26.78 -12.46 19.66
C THR F 20 26.24 -12.16 18.27
N ILE F 21 27.10 -11.58 17.44
CA ILE F 21 26.72 -11.25 16.06
C ILE F 21 26.49 -12.53 15.25
N ALA F 22 27.21 -13.60 15.60
CA ALA F 22 26.97 -14.89 14.95
C ALA F 22 25.54 -15.36 15.15
N SER F 23 24.90 -14.97 16.25
CA SER F 23 23.49 -15.22 16.47
C SER F 23 22.61 -14.10 15.92
N LEU F 24 23.21 -13.06 15.33
CA LEU F 24 22.47 -11.93 14.77
C LEU F 24 22.31 -12.02 13.27
N THR F 25 23.04 -12.91 12.60
CA THR F 25 22.99 -13.08 11.15
C THR F 25 23.34 -11.79 10.41
N GLU F 26 23.29 -11.83 9.08
CA GLU F 26 23.53 -10.62 8.30
C GLU F 26 22.45 -9.59 8.54
N LYS F 27 21.19 -10.03 8.61
CA LYS F 27 20.09 -9.10 8.87
C LYS F 27 19.97 -8.82 10.35
N SER F 28 20.42 -7.63 10.76
CA SER F 28 20.27 -7.16 12.13
C SER F 28 20.65 -5.69 12.22
N LYS F 29 19.92 -4.92 13.03
CA LYS F 29 20.28 -3.52 13.22
C LYS F 29 21.68 -3.37 13.80
N GLU F 30 22.04 -4.24 14.75
CA GLU F 30 23.40 -4.22 15.28
C GLU F 30 24.41 -4.53 14.19
N ALA F 31 24.04 -5.38 13.23
CA ALA F 31 24.97 -5.74 12.16
C ALA F 31 25.26 -4.54 11.26
N ARG F 32 24.22 -3.83 10.83
CA ARG F 32 24.43 -2.65 10.01
C ARG F 32 25.20 -1.58 10.77
N LEU F 33 24.92 -1.44 12.07
CA LEU F 33 25.63 -0.45 12.87
C LEU F 33 27.11 -0.81 13.00
N CYS F 34 27.41 -2.07 13.32
CA CYS F 34 28.76 -2.62 13.21
C CYS F 34 29.40 -2.15 11.92
N GLN F 35 28.84 -2.54 10.78
CA GLN F 35 29.49 -2.24 9.50
C GLN F 35 29.77 -0.75 9.35
N GLN F 36 28.69 0.05 9.30
CA GLN F 36 28.81 1.50 9.07
C GLN F 36 29.76 2.16 10.04
N TRP F 37 29.39 2.16 11.32
CA TRP F 37 30.10 3.01 12.26
C TRP F 37 31.44 2.42 12.64
N TYR F 38 31.61 1.09 12.58
CA TYR F 38 32.92 0.52 12.80
C TYR F 38 33.90 1.02 11.76
N ASP F 39 33.50 1.02 10.49
CA ASP F 39 34.43 1.53 9.47
C ASP F 39 34.69 3.02 9.66
N ALA F 40 33.64 3.81 9.84
CA ALA F 40 33.82 5.26 9.96
C ALA F 40 34.65 5.61 11.19
N THR F 41 34.38 4.97 12.32
CA THR F 41 35.07 5.28 13.56
C THR F 41 36.51 4.79 13.53
N LEU F 42 36.77 3.66 12.86
CA LEU F 42 38.16 3.26 12.65
C LEU F 42 38.90 4.32 11.89
N ALA F 43 38.29 4.87 10.82
CA ALA F 43 38.96 5.91 10.05
C ALA F 43 39.24 7.13 10.92
N SER F 44 38.25 7.56 11.70
CA SER F 44 38.44 8.74 12.54
C SER F 44 39.52 8.53 13.60
N LEU F 45 39.51 7.35 14.24
CA LEU F 45 40.49 7.05 15.27
C LEU F 45 41.89 6.93 14.70
N LEU F 46 42.00 6.44 13.47
CA LEU F 46 43.30 6.49 12.79
C LEU F 46 43.73 7.93 12.61
N ARG F 47 42.81 8.81 12.23
CA ARG F 47 43.22 10.17 11.91
C ARG F 47 43.56 11.02 13.12
N THR F 48 42.85 10.79 14.23
CA THR F 48 43.02 11.66 15.43
C THR F 48 44.49 11.72 15.88
N TYR F 49 45.28 10.69 15.59
CA TYR F 49 46.67 10.70 16.13
C TYR F 49 47.65 10.09 15.12
N GLN F 50 48.90 10.58 15.13
CA GLN F 50 49.94 9.98 14.26
C GLN F 50 50.43 8.72 14.97
N TRP F 51 49.53 7.77 15.21
CA TRP F 51 49.91 6.58 15.96
C TRP F 51 51.17 5.94 15.39
N ALA F 52 52.08 5.53 16.28
CA ALA F 52 53.34 4.95 15.83
C ALA F 52 53.12 3.63 15.10
N PHE F 53 52.23 2.79 15.60
CA PHE F 53 52.06 1.45 15.04
C PHE F 53 51.46 1.48 13.65
N ALA F 54 50.98 2.63 13.19
CA ALA F 54 50.25 2.74 11.93
C ALA F 54 50.92 3.74 11.02
N GLN F 55 52.23 3.60 10.86
CA GLN F 55 53.02 4.49 10.02
C GLN F 55 53.54 3.73 8.81
N ARG F 56 53.78 4.46 7.72
CA ARG F 56 54.41 3.92 6.53
C ARG F 56 55.09 5.05 5.78
N ARG F 57 56.11 4.70 5.00
CA ARG F 57 56.88 5.68 4.24
C ARG F 57 57.00 5.21 2.81
N VAL F 58 56.41 5.98 1.88
CA VAL F 58 56.42 5.65 0.47
C VAL F 58 56.93 6.85 -0.32
N THR F 59 57.39 6.57 -1.54
CA THR F 59 57.89 7.60 -2.45
C THR F 59 56.70 8.13 -3.24
N LEU F 60 56.51 9.45 -3.20
CA LEU F 60 55.36 10.06 -3.84
C LEU F 60 55.48 9.98 -5.37
N ALA F 61 54.35 10.19 -6.04
CA ALA F 61 54.26 10.13 -7.48
C ALA F 61 53.96 11.52 -8.01
N LEU F 62 54.79 12.00 -8.93
CA LEU F 62 54.65 13.35 -9.46
C LEU F 62 53.50 13.41 -10.44
N ILE F 63 52.69 14.46 -10.35
CA ILE F 63 51.57 14.66 -11.27
C ILE F 63 51.97 15.67 -12.32
N GLY F 64 52.37 16.87 -11.90
CA GLY F 64 52.78 17.90 -12.83
C GLY F 64 53.37 19.07 -12.08
N VAL F 65 53.64 20.14 -12.83
CA VAL F 65 54.14 21.36 -12.21
C VAL F 65 53.05 21.92 -11.29
N GLY F 66 53.43 22.19 -10.05
CA GLY F 66 52.48 22.64 -9.06
C GLY F 66 51.93 24.01 -9.37
N PRO F 67 50.93 24.44 -8.59
CA PRO F 67 50.37 25.78 -8.78
C PRO F 67 51.37 26.86 -8.40
N ALA F 68 50.95 28.12 -8.43
CA ALA F 68 51.87 29.24 -8.33
C ALA F 68 52.70 29.16 -7.05
N GLY F 69 54.00 28.93 -7.22
CA GLY F 69 54.94 28.97 -6.12
C GLY F 69 55.28 27.64 -5.50
N TRP F 70 54.68 26.55 -5.98
CA TRP F 70 55.04 25.21 -5.51
C TRP F 70 55.61 24.44 -6.69
N ARG F 71 56.85 23.99 -6.56
CA ARG F 71 57.58 23.46 -7.70
C ARG F 71 57.03 22.12 -8.18
N HIS F 72 56.26 21.42 -7.35
CA HIS F 72 55.68 20.15 -7.75
C HIS F 72 54.39 19.93 -6.98
N LYS F 73 53.49 19.18 -7.59
CA LYS F 73 52.28 18.69 -6.92
C LYS F 73 52.27 17.16 -7.04
N TYR F 74 52.12 16.49 -5.92
CA TYR F 74 52.10 15.03 -5.89
C TYR F 74 50.71 14.53 -5.55
N ARG F 75 50.54 13.21 -5.54
CA ARG F 75 49.20 12.61 -5.26
C ARG F 75 49.14 12.15 -3.80
N TYR F 76 47.96 12.29 -3.18
CA TYR F 76 47.78 11.83 -1.77
C TYR F 76 47.64 10.30 -1.75
N PRO F 77 48.51 9.57 -1.03
CA PRO F 77 48.45 8.11 -0.98
C PRO F 77 47.04 7.65 -0.60
N THR F 78 46.38 6.88 -1.49
CA THR F 78 45.03 6.40 -1.22
C THR F 78 44.97 5.64 0.11
N ASP F 79 46.08 5.06 0.53
CA ASP F 79 46.16 4.35 1.80
C ASP F 79 46.73 5.24 2.90
N ALA F 80 46.45 6.54 2.83
CA ALA F 80 46.94 7.50 3.81
C ALA F 80 45.80 8.40 4.25
N ILE F 81 45.74 8.67 5.55
CA ILE F 81 44.77 9.61 6.10
C ILE F 81 45.40 10.90 6.58
N THR F 82 46.71 10.92 6.85
CA THR F 82 47.37 12.12 7.33
C THR F 82 48.83 12.07 6.89
N ILE F 83 49.36 13.21 6.45
CA ILE F 83 50.78 13.36 6.16
C ILE F 83 51.41 14.13 7.31
N HIS F 84 52.51 13.61 7.82
CA HIS F 84 53.22 14.26 8.92
C HIS F 84 54.47 14.96 8.40
N ASP F 85 55.32 14.23 7.68
CA ASP F 85 56.59 14.72 7.18
C ASP F 85 56.69 14.44 5.69
N VAL F 86 57.20 15.41 4.95
CA VAL F 86 57.55 15.25 3.54
C VAL F 86 59.04 15.53 3.39
N PHE F 87 59.75 14.62 2.74
CA PHE F 87 61.20 14.73 2.67
C PHE F 87 61.71 13.84 1.53
N THR F 88 62.94 14.12 1.13
CA THR F 88 63.64 13.32 0.13
C THR F 88 64.61 12.36 0.79
N ALA F 89 65.19 11.48 -0.02
CA ALA F 89 66.19 10.56 0.49
C ALA F 89 67.43 11.30 0.97
N ASP F 90 67.84 12.35 0.25
CA ASP F 90 69.08 13.04 0.59
C ASP F 90 68.97 13.80 1.91
N THR F 91 67.80 14.42 2.13
CA THR F 91 67.60 15.23 3.36
C THR F 91 67.48 14.30 4.57
N TYR F 92 67.29 13.00 4.34
CA TYR F 92 67.24 12.04 5.46
C TYR F 92 68.11 10.81 5.13
N PRO F 93 69.45 10.91 5.24
CA PRO F 93 70.33 9.76 5.01
C PRO F 93 70.16 8.73 6.12
N ASP F 94 70.70 7.52 5.94
CA ASP F 94 70.59 6.50 6.98
C ASP F 94 71.35 6.94 8.22
N GLY F 95 70.75 6.69 9.37
CA GLY F 95 71.32 7.12 10.64
C GLY F 95 71.06 8.56 11.00
N ALA F 96 70.26 9.28 10.23
CA ALA F 96 69.96 10.67 10.54
C ALA F 96 68.95 10.83 11.67
N SER F 97 68.30 9.74 12.09
CA SER F 97 67.35 9.81 13.19
C SER F 97 68.02 10.08 14.52
N GLU F 98 69.35 10.00 14.59
CA GLU F 98 70.05 10.19 15.87
C GLU F 98 69.80 11.60 16.42
N PHE F 99 69.85 12.61 15.57
CA PHE F 99 69.59 13.98 15.99
C PHE F 99 68.09 14.22 15.94
N THR F 100 67.47 14.46 17.09
CA THR F 100 66.05 14.75 17.12
C THR F 100 65.69 16.03 16.38
N ASP F 101 66.68 16.89 16.13
CA ASP F 101 66.45 18.12 15.39
C ASP F 101 65.84 17.77 14.05
N GLY F 102 64.61 18.24 13.84
CA GLY F 102 63.90 17.95 12.61
C GLY F 102 64.32 18.81 11.44
N ARG F 103 65.59 18.69 11.03
CA ARG F 103 66.05 19.36 9.82
C ARG F 103 65.51 18.71 8.56
N TYR F 104 64.70 17.67 8.72
CA TYR F 104 64.26 16.80 7.61
C TYR F 104 62.85 17.14 7.15
N ARG F 105 62.46 18.38 7.39
CA ARG F 105 61.07 18.81 7.23
C ARG F 105 61.02 19.78 6.07
N GLN F 106 60.38 19.36 4.98
CA GLN F 106 60.32 20.14 3.75
C GLN F 106 58.99 20.88 3.67
N ILE F 107 59.04 22.07 3.10
CA ILE F 107 57.85 22.87 2.86
C ILE F 107 56.84 22.04 2.08
N PHE F 108 55.63 21.89 2.64
CA PHE F 108 54.59 21.12 1.98
C PHE F 108 53.24 21.59 2.49
N GLN F 109 52.21 21.28 1.70
CA GLN F 109 50.85 21.67 2.03
C GLN F 109 49.88 20.75 1.28
N ILE F 110 48.70 20.57 1.85
CA ILE F 110 47.66 19.73 1.29
C ILE F 110 46.72 20.59 0.46
N ALA F 111 46.41 20.13 -0.74
CA ALA F 111 45.50 20.86 -1.62
C ALA F 111 44.80 19.87 -2.53
N SER F 112 44.01 20.40 -3.46
CA SER F 112 43.29 19.58 -4.43
C SER F 112 43.39 20.22 -5.81
N ASP F 113 42.95 19.44 -6.80
CA ASP F 113 43.04 19.83 -8.20
C ASP F 113 41.68 20.07 -8.81
N GLY F 114 40.77 19.10 -8.70
CA GLY F 114 39.48 19.12 -9.36
C GLY F 114 39.30 17.96 -10.32
N GLU F 115 40.39 17.47 -10.92
CA GLU F 115 40.34 16.30 -11.78
C GLU F 115 40.56 15.00 -11.02
N GLY F 116 41.31 15.03 -9.92
CA GLY F 116 41.58 13.82 -9.17
C GLY F 116 41.24 13.95 -7.71
N GLY F 117 41.96 13.22 -6.87
CA GLY F 117 41.76 13.24 -5.43
C GLY F 117 42.58 14.30 -4.75
N ARG F 118 42.90 14.06 -3.48
CA ARG F 118 43.66 15.03 -2.70
C ARG F 118 45.10 15.11 -3.20
N LEU F 119 45.70 16.28 -3.03
CA LEU F 119 47.05 16.55 -3.48
C LEU F 119 47.90 17.05 -2.32
N VAL F 120 49.19 16.76 -2.40
CA VAL F 120 50.18 17.23 -1.44
C VAL F 120 51.15 18.13 -2.21
N LEU F 121 51.08 19.43 -1.94
CA LEU F 121 51.95 20.38 -2.61
C LEU F 121 53.33 20.38 -1.96
N ALA F 122 54.37 20.48 -2.77
CA ALA F 122 55.73 20.44 -2.25
C ALA F 122 56.67 21.13 -3.23
N ASN F 123 57.87 21.43 -2.75
CA ASN F 123 58.91 22.04 -3.57
C ASN F 123 60.05 21.08 -3.87
N CYS F 124 60.46 20.27 -2.90
CA CYS F 124 61.53 19.31 -3.12
C CYS F 124 61.10 18.25 -4.13
N GLU F 125 62.03 17.85 -4.99
CA GLU F 125 61.77 16.89 -6.05
C GLU F 125 62.29 15.52 -5.61
N ASP F 126 61.54 14.47 -5.97
CA ASP F 126 61.78 13.11 -5.50
C ASP F 126 61.68 13.04 -3.97
N ALA F 127 60.49 13.38 -3.48
CA ALA F 127 60.23 13.52 -2.06
C ALA F 127 59.30 12.41 -1.59
N MET F 128 59.70 11.73 -0.51
CA MET F 128 58.88 10.71 0.14
C MET F 128 58.13 11.32 1.32
N CYS F 129 57.16 10.59 1.82
CA CYS F 129 56.29 11.10 2.88
C CYS F 129 56.11 10.04 3.96
N ARG F 130 55.82 10.51 5.17
CA ARG F 130 55.46 9.66 6.29
C ARG F 130 53.98 9.88 6.60
N TYR F 131 53.23 8.80 6.66
CA TYR F 131 51.77 8.88 6.73
C TYR F 131 51.22 7.80 7.64
N THR F 132 49.94 7.97 7.99
CA THR F 132 49.18 6.97 8.72
C THR F 132 48.31 6.21 7.74
N SER F 133 48.40 4.88 7.76
CA SER F 133 47.67 4.07 6.80
C SER F 133 46.36 3.56 7.40
N ASP F 134 45.44 3.20 6.52
CA ASP F 134 44.15 2.67 6.95
C ASP F 134 44.34 1.24 7.42
N ILE F 135 44.73 1.12 8.69
CA ILE F 135 44.97 -0.20 9.27
C ILE F 135 43.68 -1.01 9.27
N GLU F 136 43.75 -2.22 8.76
CA GLU F 136 42.59 -3.11 8.66
C GLU F 136 42.72 -4.40 9.45
N ASP F 137 43.95 -4.84 9.74
CA ASP F 137 44.14 -6.08 10.48
C ASP F 137 44.01 -5.81 11.97
N PRO F 138 43.05 -6.43 12.65
CA PRO F 138 42.96 -6.27 14.12
C PRO F 138 44.16 -6.83 14.86
N ASN F 139 44.98 -7.66 14.22
CA ASN F 139 46.19 -8.13 14.88
C ASN F 139 47.17 -6.98 15.13
N LEU F 140 47.13 -5.94 14.31
CA LEU F 140 48.16 -4.92 14.35
C LEU F 140 48.02 -4.00 15.55
N MET F 141 46.82 -3.47 15.79
CA MET F 141 46.71 -2.38 16.75
C MET F 141 46.99 -2.87 18.16
N PRO F 142 47.68 -2.08 18.99
CA PRO F 142 47.92 -2.49 20.36
C PRO F 142 46.63 -2.54 21.15
N PRO F 143 46.60 -3.25 22.28
CA PRO F 143 45.36 -3.39 23.04
C PRO F 143 44.73 -2.07 23.46
N ASP F 144 45.53 -1.06 23.78
CA ASP F 144 44.97 0.25 24.13
C ASP F 144 44.18 0.82 22.96
N PHE F 145 44.74 0.77 21.76
CA PHE F 145 44.03 1.27 20.59
C PHE F 145 42.79 0.45 20.33
N SER F 146 42.87 -0.88 20.50
CA SER F 146 41.70 -1.72 20.30
C SER F 146 40.58 -1.33 21.26
N THR F 147 40.90 -1.17 22.54
CA THR F 147 39.89 -0.81 23.53
C THR F 147 39.31 0.57 23.25
N ALA F 148 40.15 1.51 22.83
CA ALA F 148 39.64 2.83 22.46
C ALA F 148 38.68 2.73 21.28
N LEU F 149 39.01 1.90 20.30
CA LEU F 149 38.11 1.69 19.16
C LEU F 149 36.79 1.09 19.62
N GLU F 150 36.86 0.13 20.55
CA GLU F 150 35.64 -0.47 21.10
C GLU F 150 34.77 0.60 21.74
N MET F 151 35.36 1.42 22.61
CA MET F 151 34.59 2.45 23.30
C MET F 151 33.99 3.43 22.30
N MET F 152 34.79 3.86 21.31
CA MET F 152 34.31 4.82 20.34
C MET F 152 33.15 4.27 19.52
N LEU F 153 33.27 3.02 19.07
CA LEU F 153 32.19 2.42 18.29
C LEU F 153 30.92 2.30 19.12
N ALA F 154 31.05 1.80 20.36
CA ALA F 154 29.87 1.64 21.20
C ALA F 154 29.21 2.99 21.47
N LYS F 155 30.02 4.00 21.79
CA LYS F 155 29.49 5.34 22.00
C LYS F 155 28.76 5.84 20.76
N ASN F 156 29.34 5.62 19.59
CA ASN F 156 28.80 6.27 18.41
C ASN F 156 27.53 5.58 17.94
N ILE F 157 27.35 4.30 18.27
CA ILE F 157 26.10 3.62 17.91
C ILE F 157 25.15 3.46 19.09
N ALA F 158 25.46 4.04 20.25
CA ALA F 158 24.53 3.96 21.38
C ALA F 158 23.16 4.53 21.04
N MET F 159 23.10 5.75 20.51
CA MET F 159 21.81 6.40 20.30
C MET F 159 20.90 5.66 19.33
N PRO F 160 21.34 5.24 18.14
CA PRO F 160 20.44 4.44 17.30
C PRO F 160 20.03 3.14 17.95
N MET F 161 20.91 2.53 18.74
CA MET F 161 20.57 1.27 19.39
C MET F 161 19.61 1.49 20.56
N THR F 162 19.83 2.52 21.37
CA THR F 162 19.10 2.68 22.61
C THR F 162 18.27 3.95 22.70
N GLY F 163 18.63 5.02 21.99
CA GLY F 163 17.95 6.28 22.18
C GLY F 163 18.11 6.85 23.56
N ASN F 164 19.15 6.44 24.29
CA ASN F 164 19.35 6.84 25.68
C ASN F 164 20.48 7.86 25.73
N PRO F 165 20.19 9.13 26.02
CA PRO F 165 21.28 10.13 26.05
C PRO F 165 22.33 9.84 27.10
N GLY F 166 21.94 9.33 28.27
CA GLY F 166 22.92 9.06 29.31
C GLY F 166 23.92 8.00 28.91
N LEU F 167 23.48 7.00 28.15
CA LEU F 167 24.39 5.97 27.68
C LEU F 167 25.45 6.56 26.76
N MET F 168 25.04 7.41 25.81
CA MET F 168 26.03 8.05 24.95
C MET F 168 26.94 8.96 25.76
N THR F 169 26.39 9.67 26.75
CA THR F 169 27.24 10.55 27.56
C THR F 169 28.33 9.75 28.27
N VAL F 170 27.95 8.67 28.94
CA VAL F 170 28.94 7.88 29.66
C VAL F 170 29.92 7.22 28.71
N LEU F 171 29.44 6.78 27.54
CA LEU F 171 30.33 6.11 26.61
C LEU F 171 31.29 7.09 25.96
N ALA F 172 30.86 8.33 25.71
CA ALA F 172 31.75 9.35 25.19
C ALA F 172 32.79 9.74 26.22
N GLN F 173 32.40 9.85 27.49
CA GLN F 173 33.38 10.13 28.55
C GLN F 173 34.42 9.01 28.60
N GLN F 174 33.97 7.76 28.57
CA GLN F 174 34.90 6.65 28.61
C GLN F 174 35.80 6.61 27.38
N ALA F 175 35.23 6.92 26.21
CA ALA F 175 36.04 6.94 24.99
C ALA F 175 37.09 8.03 25.03
N ALA F 176 36.73 9.23 25.51
CA ALA F 176 37.71 10.29 25.63
C ALA F 176 38.83 9.91 26.57
N SER F 177 38.47 9.36 27.74
CA SER F 177 39.51 8.93 28.68
C SER F 177 40.39 7.84 28.07
N LEU F 178 39.78 6.88 27.37
CA LEU F 178 40.54 5.77 26.80
C LEU F 178 41.51 6.25 25.73
N VAL F 179 41.05 7.12 24.83
CA VAL F 179 41.93 7.61 23.79
C VAL F 179 43.03 8.48 24.38
N SER F 180 42.73 9.26 25.42
CA SER F 180 43.78 10.06 26.05
C SER F 180 44.85 9.15 26.66
N ASP F 181 44.42 8.09 27.33
CA ASP F 181 45.36 7.12 27.88
C ASP F 181 46.17 6.48 26.76
N ALA F 182 45.52 6.17 25.63
CA ALA F 182 46.22 5.55 24.51
C ALA F 182 47.30 6.48 23.94
N ILE F 183 46.97 7.76 23.76
CA ILE F 183 47.99 8.72 23.32
C ILE F 183 49.14 8.79 24.31
N ALA F 184 48.83 8.84 25.61
CA ALA F 184 49.90 8.95 26.60
C ALA F 184 50.83 7.74 26.54
N ARG F 185 50.24 6.54 26.47
CA ARG F 185 51.07 5.33 26.45
C ARG F 185 51.84 5.21 25.14
N ASP F 186 51.25 5.65 24.02
CA ASP F 186 51.95 5.60 22.75
C ASP F 186 53.12 6.57 22.73
N GLN F 187 52.95 7.74 23.35
CA GLN F 187 54.05 8.67 23.50
C GLN F 187 55.14 8.04 24.36
N ASN F 188 54.75 7.40 25.45
CA ASN F 188 55.74 6.85 26.37
C ASN F 188 56.53 5.69 25.77
N GLU F 189 56.00 5.03 24.73
CA GLU F 189 56.75 3.99 24.04
C GLU F 189 57.52 4.69 22.91
N GLY F 190 58.81 4.40 22.84
CA GLY F 190 59.66 5.03 21.86
C GLY F 190 60.42 6.20 22.44
N TYR F 191 61.71 6.03 22.68
CA TYR F 191 62.58 7.09 23.18
C TYR F 191 63.51 7.43 22.03
N ARG F 192 63.50 8.68 21.58
CA ARG F 192 64.48 9.04 20.56
C ARG F 192 65.80 9.47 21.20
N ASN F 193 65.82 10.68 21.78
CA ASN F 193 67.08 11.26 22.24
C ASN F 193 66.82 12.63 22.88
N PRO F 194 67.79 13.22 23.57
CA PRO F 194 67.61 14.59 24.06
C PRO F 194 67.54 15.60 22.93
N LEU F 195 66.93 16.75 23.25
CA LEU F 195 66.77 17.83 22.30
C LEU F 195 68.13 18.44 21.94
N PRO F 196 68.24 19.06 20.77
CA PRO F 196 69.52 19.63 20.36
C PRO F 196 69.81 20.94 21.08
N TYR F 197 71.07 21.35 21.03
CA TYR F 197 71.56 22.50 21.77
C TYR F 197 71.01 23.78 21.17
N ALA F 198 71.38 24.90 21.79
CA ALA F 198 70.95 26.21 21.31
C ALA F 198 71.48 26.46 19.91
N SER F 199 70.70 27.20 19.11
CA SER F 199 71.02 27.39 17.70
C SER F 199 72.37 28.08 17.54
N TRP F 200 72.63 29.11 18.35
CA TRP F 200 73.88 29.84 18.21
C TRP F 200 75.08 28.99 18.61
N THR F 201 74.91 28.15 19.64
CA THR F 201 75.97 27.24 20.06
C THR F 201 76.33 26.29 18.91
N ARG F 202 75.31 25.74 18.26
CA ARG F 202 75.54 24.83 17.12
C ARG F 202 76.25 25.61 16.02
N ALA F 203 75.81 26.86 15.78
CA ALA F 203 76.49 27.71 14.78
C ALA F 203 77.94 27.97 15.23
N ASN F 204 78.23 28.02 16.53
CA ASN F 204 79.65 28.31 16.86
C ASN F 204 80.49 27.04 16.99
N ILE F 205 79.93 25.98 17.56
CA ILE F 205 80.75 24.75 17.78
C ILE F 205 80.16 23.61 16.96
N GLY F 206 79.63 23.93 15.78
CA GLY F 206 79.05 22.91 14.91
C GLY F 206 78.02 22.08 15.66
N ASP F 207 77.82 20.83 15.25
CA ASP F 207 76.82 19.95 15.91
C ASP F 207 77.39 18.53 16.00
#